data_6HZ3
#
_entry.id   6HZ3
#
_cell.length_a   177.450
_cell.length_b   129.070
_cell.length_c   159.610
_cell.angle_alpha   90.00
_cell.angle_beta   101.03
_cell.angle_gamma   90.00
#
_symmetry.space_group_name_H-M   'C 1 2 1'
#
loop_
_entity.id
_entity.type
_entity.pdbx_description
1 polymer 'Proton-gated ion channel'
2 non-polymer 'CHLORIDE ION'
3 water water
#
_entity_poly.entity_id   1
_entity_poly.type   'polypeptide(L)'
_entity_poly.pdbx_seq_one_letter_code
;GQDMVSPPPPIADEPLTVNTGIYLIECYSLDDKAETFKVNAFLSLSWKDRRLAFDPVRSGVRVKTYEPEAIWIPEIRFVN
VENARDADVVDISVSPDGTVQYLERFSARVLSPLDFRRYPFDSQTLHIYLIVRSVDTRNIVLAVDLEKVGKNDDVFLTGW
DIESFTAVVKPANFALEDRLESKLDYQLRISRQYFSYIPNIILPMLFILFISWTAFWSTSYEANVTLVVSTLIAHIAFNI
LVGTNLPKTPYMTYTGAIIFMIYLFYFVAVIEVTVQHYLKVESQPARAASITRASRIAFPVVFLLANIILAFLFFGF
;
_entity_poly.pdbx_strand_id   A,B,C,D,E
#
loop_
_chem_comp.id
_chem_comp.type
_chem_comp.name
_chem_comp.formula
CL non-polymer 'CHLORIDE ION' 'Cl -1'
#
# COMPACT_ATOMS: atom_id res chain seq x y z
N VAL A 5 8.76 2.07 -42.73
CA VAL A 5 9.89 3.03 -42.75
C VAL A 5 11.10 2.50 -41.92
N SER A 6 12.32 2.43 -42.57
CA SER A 6 13.51 2.06 -41.83
C SER A 6 14.51 3.28 -41.76
N PRO A 7 15.76 3.17 -41.21
CA PRO A 7 16.58 4.36 -41.04
C PRO A 7 17.19 5.00 -42.26
N PRO A 8 17.48 6.33 -42.15
CA PRO A 8 18.17 7.03 -43.26
C PRO A 8 19.52 6.39 -43.59
N PRO A 9 19.81 6.19 -44.89
CA PRO A 9 21.10 5.61 -45.28
C PRO A 9 22.31 6.54 -45.11
N PRO A 10 23.54 6.07 -44.88
CA PRO A 10 24.66 7.04 -44.70
C PRO A 10 25.19 7.62 -46.02
N ILE A 11 25.92 8.77 -46.01
CA ILE A 11 26.57 9.28 -47.26
C ILE A 11 27.76 8.38 -47.59
N ALA A 12 28.46 7.92 -46.55
CA ALA A 12 29.63 7.08 -46.65
C ALA A 12 29.42 5.77 -45.89
N ASP A 13 29.71 5.78 -44.57
CA ASP A 13 29.63 4.65 -43.65
C ASP A 13 29.41 5.19 -42.21
N GLU A 14 29.22 6.51 -42.09
CA GLU A 14 29.03 7.24 -40.83
C GLU A 14 27.79 6.77 -40.03
N PRO A 15 27.88 6.70 -38.68
CA PRO A 15 26.70 6.31 -37.92
C PRO A 15 25.73 7.47 -37.73
N LEU A 16 24.45 7.17 -37.40
CA LEU A 16 23.46 8.23 -37.18
C LEU A 16 23.58 8.79 -35.76
N THR A 17 23.84 10.10 -35.66
CA THR A 17 23.97 10.80 -34.39
C THR A 17 22.62 11.36 -33.98
N VAL A 18 22.10 10.84 -32.86
CA VAL A 18 20.84 11.32 -32.28
C VAL A 18 21.21 12.19 -31.11
N ASN A 19 21.00 13.51 -31.27
CA ASN A 19 21.25 14.51 -30.23
C ASN A 19 20.10 14.42 -29.22
N THR A 20 20.45 14.31 -27.95
CA THR A 20 19.48 14.14 -26.85
C THR A 20 19.45 15.32 -25.87
N GLY A 21 18.40 15.40 -25.08
CA GLY A 21 18.18 16.42 -24.08
C GLY A 21 17.02 16.13 -23.16
N ILE A 22 17.29 16.03 -21.85
CA ILE A 22 16.24 15.78 -20.86
C ILE A 22 16.04 17.07 -20.06
N TYR A 23 14.79 17.58 -20.01
CA TYR A 23 14.45 18.79 -19.24
C TYR A 23 13.44 18.43 -18.13
N LEU A 24 13.89 18.43 -16.86
CA LEU A 24 13.06 18.09 -15.70
C LEU A 24 11.95 19.09 -15.44
N ILE A 25 10.71 18.59 -15.38
CA ILE A 25 9.53 19.41 -15.12
C ILE A 25 9.13 19.21 -13.67
N GLU A 26 8.86 17.93 -13.30
CA GLU A 26 8.48 17.50 -11.96
C GLU A 26 9.36 16.35 -11.54
N CYS A 27 9.83 16.40 -10.32
CA CYS A 27 10.65 15.35 -9.75
C CYS A 27 10.14 15.17 -8.35
N TYR A 28 9.84 13.90 -7.98
CA TYR A 28 9.18 13.53 -6.73
C TYR A 28 9.37 12.04 -6.37
N SER A 29 8.61 11.57 -5.35
CA SER A 29 8.49 10.20 -4.82
C SER A 29 9.81 9.41 -4.77
N LEU A 30 10.82 9.96 -4.06
CA LEU A 30 12.11 9.29 -3.85
C LEU A 30 11.93 8.31 -2.67
N ASP A 31 11.81 7.01 -2.99
CA ASP A 31 11.63 5.92 -2.03
C ASP A 31 13.01 5.40 -1.60
N ASP A 32 13.46 5.82 -0.39
CA ASP A 32 14.75 5.43 0.17
C ASP A 32 14.92 3.90 0.22
N LYS A 33 13.89 3.20 0.74
CA LYS A 33 13.84 1.73 0.87
C LYS A 33 13.90 1.03 -0.50
N ALA A 34 13.20 1.54 -1.52
CA ALA A 34 13.17 0.94 -2.85
C ALA A 34 14.27 1.41 -3.80
N GLU A 35 14.98 2.51 -3.42
CA GLU A 35 16.04 3.17 -4.20
C GLU A 35 15.51 3.55 -5.61
N THR A 36 14.28 4.11 -5.63
CA THR A 36 13.57 4.56 -6.82
C THR A 36 13.11 5.99 -6.63
N PHE A 37 12.94 6.72 -7.74
CA PHE A 37 12.40 8.07 -7.74
C PHE A 37 11.54 8.24 -9.00
N LYS A 38 10.52 9.06 -8.92
CA LYS A 38 9.64 9.29 -10.05
C LYS A 38 10.01 10.62 -10.70
N VAL A 39 10.06 10.63 -12.04
CA VAL A 39 10.42 11.83 -12.79
C VAL A 39 9.46 12.09 -13.96
N ASN A 40 9.05 13.35 -14.14
CA ASN A 40 8.19 13.84 -15.22
C ASN A 40 9.04 14.90 -15.93
N ALA A 41 9.46 14.61 -17.17
CA ALA A 41 10.35 15.49 -17.91
C ALA A 41 10.06 15.57 -19.41
N PHE A 42 10.90 16.33 -20.14
CA PHE A 42 10.84 16.48 -21.59
C PHE A 42 11.99 15.70 -22.19
N LEU A 43 11.72 14.88 -23.21
CA LEU A 43 12.79 14.19 -23.92
C LEU A 43 12.88 14.82 -25.30
N SER A 44 14.07 15.34 -25.62
CA SER A 44 14.36 16.02 -26.88
C SER A 44 15.26 15.17 -27.72
N LEU A 45 14.86 14.92 -28.98
CA LEU A 45 15.64 14.13 -29.92
C LEU A 45 15.80 14.88 -31.23
N SER A 46 17.01 14.77 -31.83
CA SER A 46 17.34 15.43 -33.10
C SER A 46 18.31 14.60 -33.93
N TRP A 47 17.98 14.41 -35.21
CA TRP A 47 18.77 13.66 -36.19
C TRP A 47 18.47 14.17 -37.59
N LYS A 48 19.42 13.99 -38.52
CA LYS A 48 19.24 14.38 -39.91
C LYS A 48 18.78 13.17 -40.72
N ASP A 49 17.75 13.41 -41.53
CA ASP A 49 17.16 12.42 -42.43
C ASP A 49 16.95 13.10 -43.77
N ARG A 50 17.94 12.97 -44.68
CA ARG A 50 17.92 13.60 -46.02
C ARG A 50 16.72 13.22 -46.89
N ARG A 51 16.13 12.06 -46.62
CA ARG A 51 14.95 11.56 -47.34
C ARG A 51 13.79 12.53 -47.24
N LEU A 52 13.68 13.26 -46.12
CA LEU A 52 12.63 14.24 -45.88
C LEU A 52 13.13 15.68 -45.92
N ALA A 53 14.37 15.85 -46.36
CA ALA A 53 15.01 17.16 -46.56
C ALA A 53 14.44 17.73 -47.80
N PHE A 54 13.61 18.79 -47.73
CA PHE A 54 13.03 19.28 -48.96
C PHE A 54 13.40 20.74 -49.33
N ASP A 55 13.08 21.11 -50.59
CA ASP A 55 13.42 22.40 -51.16
C ASP A 55 12.49 23.52 -50.76
N PRO A 56 13.06 24.63 -50.20
CA PRO A 56 12.25 25.82 -49.87
C PRO A 56 11.76 26.54 -51.13
N VAL A 57 11.98 25.94 -52.32
CA VAL A 57 11.47 26.48 -53.57
C VAL A 57 10.06 25.88 -53.75
N ARG A 58 10.00 24.57 -54.09
CA ARG A 58 8.77 23.83 -54.36
C ARG A 58 7.87 23.64 -53.15
N SER A 59 8.39 23.02 -52.05
CA SER A 59 7.62 22.69 -50.83
C SER A 59 6.63 23.76 -50.41
N GLY A 60 5.37 23.39 -50.26
CA GLY A 60 4.30 24.31 -49.85
C GLY A 60 4.36 24.71 -48.39
N VAL A 61 5.45 24.30 -47.71
CA VAL A 61 5.71 24.55 -46.29
C VAL A 61 7.15 25.04 -46.08
N ARG A 62 7.34 25.71 -44.96
CA ARG A 62 8.59 26.30 -44.52
C ARG A 62 9.27 25.40 -43.46
N VAL A 63 8.44 24.85 -42.57
CA VAL A 63 8.79 23.92 -41.51
C VAL A 63 7.69 22.87 -41.60
N LYS A 64 8.07 21.63 -41.93
CA LYS A 64 7.11 20.56 -42.09
C LYS A 64 6.88 19.80 -40.79
N THR A 65 5.66 19.91 -40.25
CA THR A 65 5.27 19.23 -39.02
C THR A 65 4.69 17.86 -39.39
N TYR A 66 5.15 16.80 -38.73
CA TYR A 66 4.68 15.45 -39.01
C TYR A 66 4.04 14.77 -37.81
N GLU A 67 3.37 13.63 -38.08
CA GLU A 67 2.78 12.77 -37.08
C GLU A 67 3.79 11.64 -36.81
N PRO A 68 3.92 11.10 -35.55
CA PRO A 68 4.97 10.08 -35.28
C PRO A 68 5.02 8.83 -36.19
N GLU A 69 3.88 8.50 -36.82
CA GLU A 69 3.64 7.33 -37.66
C GLU A 69 3.59 7.73 -39.15
N ALA A 70 4.44 8.69 -39.56
CA ALA A 70 4.55 9.23 -40.91
C ALA A 70 6.02 9.20 -41.27
N ILE A 71 6.88 9.35 -40.25
CA ILE A 71 8.33 9.32 -40.39
C ILE A 71 9.00 8.28 -39.43
N TRP A 72 10.25 7.88 -39.78
CA TRP A 72 11.12 7.00 -39.02
C TRP A 72 11.57 7.78 -37.79
N ILE A 73 11.42 7.17 -36.59
CA ILE A 73 11.81 7.75 -35.32
C ILE A 73 12.66 6.73 -34.55
N PRO A 74 13.86 7.12 -34.05
CA PRO A 74 14.71 6.15 -33.34
C PRO A 74 14.10 5.57 -32.06
N GLU A 75 14.26 4.26 -31.85
CA GLU A 75 13.76 3.56 -30.66
C GLU A 75 14.70 3.84 -29.49
N ILE A 76 14.38 4.92 -28.75
CA ILE A 76 15.12 5.40 -27.58
C ILE A 76 14.45 4.89 -26.32
N ARG A 77 15.21 4.21 -25.45
CA ARG A 77 14.71 3.63 -24.21
C ARG A 77 15.55 4.04 -23.01
N PHE A 78 15.01 3.79 -21.81
CA PHE A 78 15.71 4.04 -20.56
C PHE A 78 16.13 2.69 -20.00
N VAL A 79 17.37 2.62 -19.48
CA VAL A 79 17.91 1.38 -18.95
C VAL A 79 17.32 1.06 -17.59
N ASN A 80 17.59 1.94 -16.61
CA ASN A 80 17.17 1.76 -15.22
C ASN A 80 15.74 2.23 -14.93
N VAL A 81 14.76 1.59 -15.59
CA VAL A 81 13.34 1.88 -15.35
C VAL A 81 12.61 0.60 -14.89
N GLU A 82 11.48 0.76 -14.17
CA GLU A 82 10.68 -0.37 -13.68
C GLU A 82 9.94 -0.99 -14.86
N ASN A 83 9.10 -0.19 -15.52
CA ASN A 83 8.35 -0.53 -16.72
C ASN A 83 8.69 0.60 -17.72
N ALA A 84 8.27 0.46 -18.98
CA ALA A 84 8.54 1.51 -19.98
C ALA A 84 7.81 2.81 -19.61
N ARG A 85 8.44 3.95 -19.91
CA ARG A 85 7.92 5.29 -19.64
C ARG A 85 6.58 5.62 -20.33
N ASP A 86 5.75 6.45 -19.67
CA ASP A 86 4.49 6.91 -20.22
C ASP A 86 4.83 8.22 -20.92
N ALA A 87 5.06 8.15 -22.23
CA ALA A 87 5.43 9.30 -23.03
C ALA A 87 4.31 9.72 -23.96
N ASP A 88 4.17 11.04 -24.16
CA ASP A 88 3.20 11.65 -25.06
C ASP A 88 3.95 12.61 -25.95
N VAL A 89 4.01 12.33 -27.26
CA VAL A 89 4.70 13.15 -28.25
C VAL A 89 4.07 14.55 -28.27
N VAL A 90 4.93 15.56 -28.07
CA VAL A 90 4.54 16.96 -28.02
C VAL A 90 4.64 17.56 -29.44
N ASP A 91 5.81 17.43 -30.11
CA ASP A 91 6.02 17.98 -31.46
C ASP A 91 7.17 17.33 -32.23
N ILE A 92 6.95 17.14 -33.55
CA ILE A 92 7.93 16.64 -34.53
C ILE A 92 7.96 17.68 -35.65
N SER A 93 9.12 18.27 -35.93
CA SER A 93 9.21 19.27 -37.01
C SER A 93 10.49 19.14 -37.83
N VAL A 94 10.33 18.95 -39.15
CA VAL A 94 11.43 18.80 -40.10
C VAL A 94 11.81 20.12 -40.75
N SER A 95 13.10 20.45 -40.69
CA SER A 95 13.73 21.61 -41.28
C SER A 95 14.10 21.19 -42.72
N PRO A 96 14.20 22.15 -43.70
CA PRO A 96 14.49 21.77 -45.11
C PRO A 96 15.72 20.89 -45.39
N ASP A 97 16.79 20.90 -44.53
CA ASP A 97 18.04 20.10 -44.63
C ASP A 97 17.81 18.63 -44.27
N GLY A 98 16.66 18.37 -43.67
CA GLY A 98 16.22 17.04 -43.24
C GLY A 98 16.29 16.83 -41.75
N THR A 99 16.75 17.86 -41.02
CA THR A 99 16.90 17.82 -39.57
C THR A 99 15.53 17.71 -38.88
N VAL A 100 15.32 16.58 -38.19
CA VAL A 100 14.10 16.31 -37.46
C VAL A 100 14.28 16.84 -36.04
N GLN A 101 13.25 17.51 -35.53
CA GLN A 101 13.26 18.03 -34.18
C GLN A 101 12.05 17.49 -33.45
N TYR A 102 12.29 16.36 -32.76
CA TYR A 102 11.34 15.59 -31.96
C TYR A 102 11.33 16.09 -30.51
N LEU A 103 10.16 16.03 -29.87
CA LEU A 103 9.96 16.40 -28.47
C LEU A 103 8.77 15.65 -27.91
N GLU A 104 8.95 15.01 -26.74
CA GLU A 104 7.92 14.27 -26.02
C GLU A 104 7.99 14.62 -24.54
N ARG A 105 6.88 14.45 -23.82
CA ARG A 105 6.79 14.65 -22.38
C ARG A 105 6.56 13.27 -21.78
N PHE A 106 7.50 12.80 -20.94
CA PHE A 106 7.42 11.45 -20.35
C PHE A 106 7.44 11.47 -18.82
N SER A 107 6.89 10.41 -18.22
CA SER A 107 6.92 10.18 -16.79
C SER A 107 7.38 8.75 -16.57
N ALA A 108 8.46 8.55 -15.79
CA ALA A 108 9.04 7.22 -15.55
C ALA A 108 9.47 6.99 -14.12
N ARG A 109 9.43 5.72 -13.63
CA ARG A 109 9.92 5.40 -12.28
C ARG A 109 11.34 4.86 -12.45
N VAL A 110 12.32 5.73 -12.16
CA VAL A 110 13.74 5.42 -12.30
C VAL A 110 14.24 4.63 -11.09
N LEU A 111 15.10 3.64 -11.37
CA LEU A 111 15.68 2.76 -10.38
C LEU A 111 17.20 3.00 -10.24
N SER A 112 17.57 3.96 -9.37
CA SER A 112 18.95 4.34 -9.11
C SER A 112 19.32 4.04 -7.64
N PRO A 113 20.36 3.19 -7.41
CA PRO A 113 20.74 2.85 -6.01
C PRO A 113 21.31 4.01 -5.23
N LEU A 114 21.26 3.90 -3.87
CA LEU A 114 21.75 4.92 -2.95
C LEU A 114 22.82 4.37 -1.96
N ASP A 115 23.69 5.27 -1.45
CA ASP A 115 24.76 4.99 -0.48
C ASP A 115 24.30 5.56 0.86
N PHE A 116 23.92 4.67 1.79
CA PHE A 116 23.39 5.08 3.10
C PHE A 116 24.44 5.17 4.21
N ARG A 117 25.74 5.05 3.89
CA ARG A 117 26.82 5.13 4.88
C ARG A 117 26.80 6.42 5.72
N ARG A 118 26.78 7.60 5.07
CA ARG A 118 26.81 8.91 5.74
C ARG A 118 25.42 9.43 6.15
N TYR A 119 24.36 8.58 6.06
CA TYR A 119 22.98 8.91 6.45
C TYR A 119 22.90 9.32 7.94
N PRO A 120 22.12 10.38 8.32
CA PRO A 120 21.24 11.21 7.46
C PRO A 120 21.89 12.47 6.90
N PHE A 121 23.22 12.48 6.80
CA PHE A 121 23.99 13.61 6.29
C PHE A 121 24.42 13.41 4.82
N ASP A 122 24.09 12.22 4.27
CA ASP A 122 24.37 11.74 2.91
C ASP A 122 24.00 12.69 1.76
N SER A 123 24.62 12.41 0.60
CA SER A 123 24.40 13.07 -0.68
C SER A 123 24.35 11.97 -1.73
N GLN A 124 23.45 12.11 -2.71
CA GLN A 124 23.28 11.12 -3.75
C GLN A 124 23.47 11.68 -5.15
N THR A 125 23.77 10.77 -6.09
CA THR A 125 23.89 11.02 -7.52
C THR A 125 22.92 10.04 -8.17
N LEU A 126 21.79 10.57 -8.60
CA LEU A 126 20.76 9.82 -9.29
C LEU A 126 21.12 9.70 -10.77
N HIS A 127 20.82 8.53 -11.36
CA HIS A 127 21.19 8.27 -12.74
C HIS A 127 19.99 7.97 -13.61
N ILE A 128 19.99 8.53 -14.82
CA ILE A 128 18.96 8.33 -15.84
C ILE A 128 19.73 7.90 -17.09
N TYR A 129 19.64 6.60 -17.45
CA TYR A 129 20.38 6.06 -18.59
C TYR A 129 19.57 5.94 -19.88
N LEU A 130 19.90 6.78 -20.85
CA LEU A 130 19.30 6.79 -22.18
C LEU A 130 20.04 5.80 -23.04
N ILE A 131 19.29 4.98 -23.80
CA ILE A 131 19.92 3.98 -24.66
C ILE A 131 19.24 3.92 -26.05
N VAL A 132 20.02 3.58 -27.08
CA VAL A 132 19.57 3.38 -28.46
C VAL A 132 20.23 2.13 -29.04
N ARG A 133 19.40 1.22 -29.55
CA ARG A 133 19.97 0.02 -30.14
C ARG A 133 20.15 0.21 -31.65
N SER A 134 21.41 0.09 -32.11
CA SER A 134 21.79 0.21 -33.53
C SER A 134 21.04 -0.84 -34.36
N VAL A 135 20.71 -0.50 -35.61
CA VAL A 135 19.92 -1.39 -36.46
C VAL A 135 20.75 -1.92 -37.67
N ASP A 136 20.17 -2.87 -38.42
CA ASP A 136 20.68 -3.60 -39.59
C ASP A 136 21.43 -2.73 -40.60
N THR A 137 20.75 -1.74 -41.20
CA THR A 137 21.31 -0.85 -42.23
C THR A 137 22.21 0.26 -41.67
N ARG A 138 21.80 0.91 -40.56
CA ARG A 138 22.55 2.03 -39.97
C ARG A 138 22.80 1.84 -38.46
N ASN A 139 24.04 2.13 -38.01
CA ASN A 139 24.41 2.09 -36.59
C ASN A 139 24.06 3.44 -35.97
N ILE A 140 23.51 3.43 -34.73
CA ILE A 140 23.08 4.67 -34.07
C ILE A 140 23.91 4.96 -32.79
N VAL A 141 24.37 6.23 -32.69
CA VAL A 141 25.15 6.77 -31.57
C VAL A 141 24.43 7.99 -30.92
N LEU A 142 24.48 8.10 -29.58
CA LEU A 142 23.84 9.20 -28.85
C LEU A 142 24.76 10.39 -28.61
N ALA A 143 24.19 11.59 -28.48
CA ALA A 143 24.92 12.83 -28.24
C ALA A 143 24.15 13.74 -27.27
N VAL A 144 24.85 14.69 -26.63
CA VAL A 144 24.24 15.63 -25.66
C VAL A 144 24.19 17.07 -26.20
N ASP A 145 22.97 17.58 -26.38
CA ASP A 145 22.72 18.95 -26.79
C ASP A 145 22.48 19.67 -25.45
N LEU A 146 23.54 20.27 -24.88
CA LEU A 146 23.53 20.91 -23.56
C LEU A 146 22.62 22.15 -23.41
N GLU A 147 22.05 22.61 -24.54
CA GLU A 147 21.13 23.74 -24.58
C GLU A 147 19.71 23.28 -24.23
N LYS A 148 19.44 21.96 -24.33
CA LYS A 148 18.14 21.38 -24.01
C LYS A 148 18.26 20.30 -22.88
N VAL A 149 19.28 20.47 -21.99
CA VAL A 149 19.52 19.64 -20.79
C VAL A 149 19.43 20.59 -19.58
N GLY A 150 18.30 20.54 -18.88
CA GLY A 150 18.08 21.40 -17.73
C GLY A 150 16.98 20.94 -16.80
N LYS A 151 16.54 21.85 -15.95
CA LYS A 151 15.49 21.60 -14.97
C LYS A 151 14.71 22.88 -14.67
N ASN A 152 13.41 22.71 -14.41
CA ASN A 152 12.49 23.78 -14.03
C ASN A 152 12.93 24.28 -12.65
N ASP A 153 12.87 25.59 -12.43
CA ASP A 153 13.27 26.22 -11.17
C ASP A 153 12.44 25.69 -10.00
N ASP A 154 11.13 25.49 -10.22
CA ASP A 154 10.13 24.99 -9.26
C ASP A 154 10.30 23.53 -8.80
N VAL A 155 11.10 22.70 -9.54
CA VAL A 155 11.38 21.28 -9.22
C VAL A 155 11.72 21.10 -7.72
N PHE A 156 10.91 20.30 -7.00
CA PHE A 156 11.12 20.07 -5.58
C PHE A 156 11.13 18.59 -5.21
N LEU A 157 12.17 18.15 -4.53
CA LEU A 157 12.28 16.79 -4.05
C LEU A 157 12.29 16.92 -2.51
N THR A 158 11.13 16.65 -1.87
CA THR A 158 10.90 16.77 -0.42
C THR A 158 12.02 16.12 0.41
N GLY A 159 12.60 16.88 1.34
CA GLY A 159 13.71 16.43 2.18
C GLY A 159 15.09 16.41 1.54
N TRP A 160 15.21 16.88 0.29
CA TRP A 160 16.47 16.92 -0.44
C TRP A 160 16.70 18.27 -1.09
N ASP A 161 17.97 18.62 -1.30
CA ASP A 161 18.34 19.86 -1.98
C ASP A 161 18.88 19.47 -3.34
N ILE A 162 18.16 19.84 -4.43
CA ILE A 162 18.60 19.52 -5.80
C ILE A 162 19.81 20.40 -6.12
N GLU A 163 20.98 19.74 -6.27
CA GLU A 163 22.25 20.41 -6.55
C GLU A 163 22.43 20.70 -8.04
N SER A 164 22.31 19.66 -8.92
CA SER A 164 22.49 19.82 -10.37
C SER A 164 21.90 18.70 -11.19
N PHE A 165 21.53 19.01 -12.44
CA PHE A 165 21.08 18.01 -13.42
C PHE A 165 21.91 18.18 -14.66
N THR A 166 22.86 17.26 -14.84
CA THR A 166 23.83 17.28 -15.93
C THR A 166 23.84 15.96 -16.69
N ALA A 167 24.65 15.90 -17.77
CA ALA A 167 24.81 14.69 -18.57
C ALA A 167 26.28 14.49 -18.92
N VAL A 168 26.76 13.23 -18.84
CA VAL A 168 28.11 12.87 -19.24
C VAL A 168 28.05 12.79 -20.77
N VAL A 169 28.62 13.83 -21.42
CA VAL A 169 28.64 14.08 -22.86
C VAL A 169 29.11 12.90 -23.69
N LYS A 170 30.15 12.18 -23.24
CA LYS A 170 30.66 11.04 -23.99
C LYS A 170 29.77 9.82 -23.72
N PRO A 171 29.14 9.24 -24.78
CA PRO A 171 28.27 8.07 -24.57
C PRO A 171 29.06 6.78 -24.38
N ALA A 172 28.44 5.81 -23.75
CA ALA A 172 29.01 4.51 -23.50
C ALA A 172 28.58 3.57 -24.63
N ASN A 173 29.44 3.43 -25.64
CA ASN A 173 29.17 2.56 -26.78
C ASN A 173 29.71 1.16 -26.47
N PHE A 174 28.86 0.14 -26.60
CA PHE A 174 29.19 -1.26 -26.31
C PHE A 174 28.38 -2.24 -27.15
N ALA A 175 28.73 -3.53 -27.07
CA ALA A 175 28.03 -4.60 -27.78
C ALA A 175 27.11 -5.32 -26.83
N LEU A 176 25.89 -5.62 -27.29
CA LEU A 176 24.85 -6.32 -26.54
C LEU A 176 23.97 -7.11 -27.52
N GLU A 177 23.93 -8.45 -27.32
CA GLU A 177 23.20 -9.42 -28.14
C GLU A 177 23.41 -9.20 -29.67
N ASP A 178 24.70 -9.23 -30.08
CA ASP A 178 25.22 -9.08 -31.45
C ASP A 178 24.98 -7.69 -32.10
N ARG A 179 24.61 -6.65 -31.32
CA ARG A 179 24.40 -5.31 -31.85
C ARG A 179 24.94 -4.22 -30.92
N LEU A 180 25.35 -3.09 -31.50
CA LEU A 180 25.89 -1.94 -30.80
C LEU A 180 24.78 -1.17 -30.08
N GLU A 181 25.11 -0.66 -28.88
CA GLU A 181 24.21 0.16 -28.05
C GLU A 181 24.97 1.42 -27.67
N SER A 182 24.27 2.56 -27.55
CA SER A 182 24.87 3.84 -27.16
C SER A 182 24.11 4.32 -25.94
N LYS A 183 24.80 4.34 -24.77
CA LYS A 183 24.22 4.71 -23.47
C LYS A 183 24.68 6.10 -23.01
N LEU A 184 23.74 6.93 -22.50
CA LEU A 184 24.07 8.26 -21.99
C LEU A 184 23.75 8.39 -20.52
N ASP A 185 24.67 9.00 -19.76
CA ASP A 185 24.48 9.15 -18.31
C ASP A 185 23.98 10.55 -17.90
N TYR A 186 22.69 10.63 -17.55
CA TYR A 186 22.08 11.86 -17.04
C TYR A 186 22.13 11.76 -15.51
N GLN A 187 22.94 12.62 -14.88
CA GLN A 187 23.16 12.64 -13.44
C GLN A 187 22.41 13.73 -12.72
N LEU A 188 21.68 13.35 -11.66
CA LEU A 188 20.94 14.27 -10.82
C LEU A 188 21.52 14.25 -9.39
N ARG A 189 22.33 15.26 -9.05
CA ARG A 189 22.96 15.38 -7.73
C ARG A 189 22.02 16.01 -6.73
N ILE A 190 21.81 15.30 -5.61
CA ILE A 190 20.94 15.71 -4.51
C ILE A 190 21.67 15.57 -3.17
N SER A 191 21.34 16.42 -2.17
CA SER A 191 21.94 16.38 -0.84
C SER A 191 20.85 16.46 0.23
N ARG A 192 20.82 15.51 1.16
CA ARG A 192 19.78 15.42 2.18
C ARG A 192 19.72 16.61 3.14
N GLN A 193 18.47 17.07 3.43
CA GLN A 193 18.14 18.14 4.39
C GLN A 193 18.06 17.48 5.78
N TYR A 194 19.19 17.54 6.52
CA TYR A 194 19.33 16.88 7.81
C TYR A 194 18.92 17.68 9.07
N PHE A 195 18.36 18.90 8.92
CA PHE A 195 17.99 19.71 10.08
C PHE A 195 17.11 18.95 11.07
N SER A 196 15.92 18.54 10.61
CA SER A 196 14.90 17.79 11.37
C SER A 196 15.47 16.67 12.26
N TYR A 197 16.46 15.90 11.78
CA TYR A 197 17.09 14.80 12.49
C TYR A 197 17.67 15.15 13.85
N ILE A 198 18.26 16.35 13.99
CA ILE A 198 18.88 16.80 15.24
C ILE A 198 17.83 16.98 16.37
N PRO A 199 16.83 17.88 16.27
CA PRO A 199 15.87 18.02 17.40
C PRO A 199 14.78 16.96 17.48
N ASN A 200 14.45 16.30 16.34
CA ASN A 200 13.36 15.31 16.29
C ASN A 200 13.79 13.87 16.56
N ILE A 201 14.99 13.48 16.12
CA ILE A 201 15.44 12.10 16.31
C ILE A 201 16.65 11.97 17.25
N ILE A 202 17.78 12.62 16.89
CA ILE A 202 19.06 12.57 17.62
C ILE A 202 18.94 13.02 19.09
N LEU A 203 18.48 14.25 19.35
CA LEU A 203 18.37 14.78 20.70
C LEU A 203 17.40 13.98 21.63
N PRO A 204 16.12 13.66 21.26
CA PRO A 204 15.28 12.86 22.19
C PRO A 204 15.88 11.48 22.47
N MET A 205 16.51 10.86 21.44
CA MET A 205 17.18 9.56 21.58
C MET A 205 18.42 9.64 22.46
N LEU A 206 19.02 10.83 22.58
CA LEU A 206 20.17 10.98 23.45
C LEU A 206 19.73 11.21 24.85
N PHE A 207 18.60 11.92 25.07
CA PHE A 207 18.03 12.20 26.39
C PHE A 207 17.66 10.91 27.12
N ILE A 208 17.00 9.94 26.42
CA ILE A 208 16.59 8.63 26.98
C ILE A 208 17.80 7.85 27.49
N LEU A 209 18.91 7.87 26.70
CA LEU A 209 20.18 7.22 27.06
C LEU A 209 20.82 7.94 28.26
N PHE A 210 20.71 9.28 28.33
CA PHE A 210 21.28 10.03 29.44
C PHE A 210 20.52 9.75 30.73
N ILE A 211 19.19 9.52 30.64
CA ILE A 211 18.33 9.17 31.79
C ILE A 211 18.87 7.91 32.48
N SER A 212 19.23 6.88 31.69
CA SER A 212 19.77 5.64 32.23
C SER A 212 21.04 5.87 33.09
N TRP A 213 21.90 6.81 32.67
CA TRP A 213 23.14 7.12 33.39
C TRP A 213 22.93 7.74 34.78
N THR A 214 21.67 8.06 35.16
CA THR A 214 21.42 8.61 36.49
C THR A 214 21.58 7.51 37.57
N ALA A 215 21.58 6.23 37.14
CA ALA A 215 21.75 5.06 38.00
C ALA A 215 23.15 4.99 38.63
N PHE A 216 24.04 5.90 38.18
CA PHE A 216 25.41 6.03 38.70
C PHE A 216 25.45 6.99 39.91
N TRP A 217 24.29 7.55 40.29
CA TRP A 217 24.14 8.45 41.43
C TRP A 217 23.09 7.88 42.41
N SER A 218 22.76 6.58 42.25
CA SER A 218 21.81 5.85 43.09
C SER A 218 22.42 4.55 43.59
N THR A 219 21.95 4.08 44.77
CA THR A 219 22.36 2.81 45.41
C THR A 219 21.17 1.84 45.52
N SER A 220 19.97 2.33 45.11
CA SER A 220 18.71 1.59 45.13
C SER A 220 18.65 0.71 43.89
N TYR A 221 18.89 -0.61 44.07
CA TYR A 221 18.87 -1.60 42.97
C TYR A 221 17.52 -1.58 42.27
N GLU A 222 16.41 -1.42 43.03
CA GLU A 222 15.05 -1.34 42.49
C GLU A 222 14.92 -0.13 41.55
N ALA A 223 15.44 1.04 41.98
CA ALA A 223 15.42 2.28 41.19
C ALA A 223 16.31 2.14 39.96
N ASN A 224 17.52 1.54 40.12
CA ASN A 224 18.48 1.32 39.05
C ASN A 224 17.94 0.36 37.98
N VAL A 225 17.28 -0.75 38.41
CA VAL A 225 16.67 -1.73 37.51
C VAL A 225 15.63 -1.02 36.67
N THR A 226 14.69 -0.28 37.33
CA THR A 226 13.64 0.50 36.67
C THR A 226 14.26 1.52 35.68
N LEU A 227 15.30 2.27 36.13
CA LEU A 227 16.00 3.24 35.28
C LEU A 227 16.56 2.66 33.98
N VAL A 228 17.53 1.73 34.07
CA VAL A 228 18.18 1.15 32.90
C VAL A 228 17.22 0.31 32.03
N VAL A 229 16.35 -0.52 32.65
CA VAL A 229 15.46 -1.37 31.85
C VAL A 229 14.34 -0.54 31.20
N SER A 230 13.64 0.33 31.96
CA SER A 230 12.56 1.16 31.40
C SER A 230 13.03 2.09 30.27
N THR A 231 14.22 2.73 30.41
CA THR A 231 14.78 3.58 29.36
C THR A 231 15.09 2.76 28.11
N LEU A 232 15.55 1.48 28.29
CA LEU A 232 15.79 0.60 27.14
C LEU A 232 14.47 0.38 26.37
N ILE A 233 13.34 0.19 27.10
CA ILE A 233 11.99 0.04 26.54
C ILE A 233 11.56 1.35 25.84
N ALA A 234 11.85 2.50 26.46
CA ALA A 234 11.57 3.82 25.88
C ALA A 234 12.32 4.01 24.57
N HIS A 235 13.62 3.60 24.55
CA HIS A 235 14.51 3.66 23.40
C HIS A 235 13.89 2.94 22.20
N ILE A 236 13.55 1.63 22.38
CA ILE A 236 12.94 0.77 21.35
C ILE A 236 11.63 1.39 20.84
N ALA A 237 10.76 1.85 21.76
CA ALA A 237 9.49 2.51 21.46
C ALA A 237 9.73 3.76 20.61
N PHE A 238 10.75 4.56 20.99
CA PHE A 238 11.11 5.78 20.27
C PHE A 238 11.51 5.45 18.85
N ASN A 239 12.36 4.41 18.67
CA ASN A 239 12.81 3.96 17.36
C ASN A 239 11.64 3.45 16.51
N ILE A 240 10.63 2.79 17.13
CA ILE A 240 9.41 2.32 16.47
C ILE A 240 8.69 3.57 15.96
N LEU A 241 8.53 4.60 16.84
CA LEU A 241 7.89 5.88 16.50
C LEU A 241 8.54 6.57 15.31
N VAL A 242 9.87 6.75 15.42
CA VAL A 242 10.75 7.43 14.45
C VAL A 242 10.92 6.59 13.14
N GLY A 243 10.03 5.63 12.92
CA GLY A 243 10.05 4.77 11.74
C GLY A 243 11.34 4.00 11.50
N THR A 244 11.47 3.43 10.31
CA THR A 244 12.60 2.69 9.74
C THR A 244 12.50 2.85 8.21
N ASN A 245 13.16 3.89 7.61
CA ASN A 245 13.00 4.09 6.15
C ASN A 245 14.24 3.68 5.26
N LEU A 246 15.14 2.80 5.75
CA LEU A 246 16.31 2.34 5.01
C LEU A 246 16.28 0.83 4.70
N PRO A 247 16.82 0.39 3.54
CA PRO A 247 16.85 -1.06 3.27
C PRO A 247 17.99 -1.80 4.01
N LYS A 248 18.11 -3.10 3.76
CA LYS A 248 19.16 -3.88 4.43
C LYS A 248 20.37 -3.75 3.52
N THR A 249 21.40 -3.10 4.05
CA THR A 249 22.65 -2.80 3.37
C THR A 249 23.74 -3.85 3.65
N PRO A 250 24.59 -4.20 2.67
CA PRO A 250 25.68 -5.16 2.95
C PRO A 250 26.78 -4.57 3.84
N TYR A 251 26.95 -3.24 3.74
CA TYR A 251 27.90 -2.40 4.46
C TYR A 251 27.33 -1.89 5.81
N MET A 252 28.15 -1.13 6.56
CA MET A 252 27.75 -0.54 7.82
C MET A 252 27.51 0.97 7.65
N THR A 253 26.43 1.45 8.27
CA THR A 253 25.97 2.84 8.25
C THR A 253 26.53 3.59 9.47
N TYR A 254 26.65 4.94 9.34
CA TYR A 254 27.07 5.80 10.45
C TYR A 254 26.01 5.68 11.54
N THR A 255 24.72 5.80 11.15
CA THR A 255 23.59 5.65 12.06
C THR A 255 23.46 4.22 12.58
N GLY A 256 23.80 3.26 11.73
CA GLY A 256 23.76 1.84 12.07
C GLY A 256 24.66 1.50 13.24
N ALA A 257 25.91 2.01 13.18
CA ALA A 257 26.96 1.84 14.19
C ALA A 257 26.57 2.50 15.51
N ILE A 258 26.09 3.77 15.47
CA ILE A 258 25.66 4.54 16.66
C ILE A 258 24.57 3.80 17.42
N ILE A 259 23.54 3.30 16.71
CA ILE A 259 22.42 2.54 17.27
C ILE A 259 22.94 1.31 18.02
N PHE A 260 23.76 0.47 17.33
CA PHE A 260 24.37 -0.72 17.95
C PHE A 260 25.09 -0.33 19.25
N MET A 261 25.88 0.77 19.20
CA MET A 261 26.62 1.31 20.34
C MET A 261 25.69 1.61 21.53
N ILE A 262 24.51 2.24 21.23
CA ILE A 262 23.49 2.58 22.23
C ILE A 262 22.94 1.31 22.90
N TYR A 263 22.68 0.23 22.12
CA TYR A 263 22.20 -1.05 22.67
C TYR A 263 23.27 -1.69 23.56
N LEU A 264 24.56 -1.53 23.18
CA LEU A 264 25.69 -2.01 23.95
C LEU A 264 25.80 -1.23 25.27
N PHE A 265 25.57 0.11 25.21
CA PHE A 265 25.59 1.03 26.36
C PHE A 265 24.49 0.76 27.37
N TYR A 266 23.37 0.17 26.92
CA TYR A 266 22.26 -0.22 27.79
C TYR A 266 22.67 -1.49 28.52
N PHE A 267 23.35 -2.39 27.79
CA PHE A 267 23.82 -3.65 28.32
C PHE A 267 24.90 -3.45 29.36
N VAL A 268 25.90 -2.60 29.05
CA VAL A 268 27.00 -2.31 29.96
C VAL A 268 26.47 -1.67 31.25
N ALA A 269 25.52 -0.72 31.13
CA ALA A 269 24.89 -0.05 32.27
C ALA A 269 24.20 -1.05 33.19
N VAL A 270 23.53 -2.08 32.63
CA VAL A 270 22.88 -3.15 33.39
C VAL A 270 23.97 -3.89 34.18
N ILE A 271 25.06 -4.31 33.48
CA ILE A 271 26.20 -5.01 34.10
C ILE A 271 26.69 -4.22 35.31
N GLU A 272 26.95 -2.89 35.14
CA GLU A 272 27.39 -1.99 36.22
C GLU A 272 26.44 -2.06 37.40
N VAL A 273 25.12 -1.82 37.16
CA VAL A 273 24.04 -1.83 38.16
C VAL A 273 24.04 -3.16 38.94
N THR A 274 24.23 -4.27 38.19
CA THR A 274 24.28 -5.63 38.73
C THR A 274 25.55 -5.83 39.59
N VAL A 275 26.72 -5.40 39.07
CA VAL A 275 28.03 -5.47 39.73
C VAL A 275 28.02 -4.69 41.02
N GLN A 276 27.63 -3.39 40.97
CA GLN A 276 27.53 -2.50 42.13
C GLN A 276 26.69 -3.16 43.23
N HIS A 277 25.51 -3.69 42.86
CA HIS A 277 24.60 -4.37 43.77
C HIS A 277 25.22 -5.63 44.38
N TYR A 278 25.81 -6.52 43.55
CA TYR A 278 26.41 -7.75 44.08
C TYR A 278 27.51 -7.50 45.10
N LEU A 279 28.41 -6.53 44.83
CA LEU A 279 29.49 -6.15 45.75
C LEU A 279 28.95 -5.60 47.06
N LYS A 280 27.93 -4.73 46.97
CA LYS A 280 27.26 -4.08 48.09
C LYS A 280 26.65 -5.14 49.02
N VAL A 281 25.95 -6.14 48.42
CA VAL A 281 25.31 -7.23 49.16
C VAL A 281 26.40 -8.21 49.72
N GLU A 282 27.52 -8.42 48.98
CA GLU A 282 28.63 -9.28 49.41
C GLU A 282 29.65 -8.53 50.27
N SER A 283 29.17 -7.51 51.01
CA SER A 283 29.92 -6.68 51.96
C SER A 283 31.26 -6.12 51.44
N GLN A 284 31.22 -5.48 50.26
CA GLN A 284 32.36 -4.80 49.63
C GLN A 284 31.85 -3.43 49.12
N PRO A 285 31.49 -2.51 50.05
CA PRO A 285 30.91 -1.22 49.62
C PRO A 285 31.88 -0.25 48.97
N ALA A 286 33.19 -0.39 49.26
CA ALA A 286 34.25 0.44 48.68
C ALA A 286 34.39 0.20 47.17
N ARG A 287 34.38 -1.09 46.75
CA ARG A 287 34.46 -1.52 45.35
C ARG A 287 33.19 -1.15 44.62
N ALA A 288 32.03 -1.37 45.30
CA ALA A 288 30.71 -1.03 44.79
C ALA A 288 30.65 0.47 44.55
N ALA A 289 31.16 1.29 45.50
CA ALA A 289 31.17 2.76 45.37
C ALA A 289 32.17 3.25 44.32
N SER A 290 33.39 2.68 44.28
CA SER A 290 34.41 3.10 43.32
C SER A 290 33.96 2.85 41.87
N ILE A 291 33.31 1.69 41.60
CA ILE A 291 32.79 1.35 40.28
C ILE A 291 31.72 2.36 39.85
N THR A 292 30.74 2.67 40.74
CA THR A 292 29.66 3.63 40.47
C THR A 292 30.22 5.03 40.18
N ARG A 293 31.15 5.52 41.04
CA ARG A 293 31.78 6.84 40.90
C ARG A 293 32.54 6.98 39.58
N ALA A 294 33.26 5.90 39.17
CA ALA A 294 34.06 5.86 37.94
C ALA A 294 33.15 5.96 36.72
N SER A 295 32.08 5.15 36.71
CA SER A 295 31.05 5.07 35.68
C SER A 295 30.45 6.42 35.32
N ARG A 296 30.34 7.32 36.32
CA ARG A 296 29.82 8.69 36.19
C ARG A 296 30.61 9.51 35.17
N ILE A 297 31.94 9.26 35.09
CA ILE A 297 32.88 9.90 34.15
C ILE A 297 33.11 8.96 32.94
N ALA A 298 33.30 7.66 33.21
CA ALA A 298 33.54 6.62 32.21
C ALA A 298 32.51 6.59 31.07
N PHE A 299 31.22 6.32 31.41
CA PHE A 299 30.11 6.24 30.45
C PHE A 299 30.01 7.46 29.53
N PRO A 300 29.96 8.73 30.01
CA PRO A 300 29.89 9.86 29.06
C PRO A 300 31.16 10.07 28.23
N VAL A 301 32.35 9.93 28.85
CA VAL A 301 33.63 10.13 28.17
C VAL A 301 33.81 9.09 27.05
N VAL A 302 33.62 7.79 27.37
CA VAL A 302 33.71 6.69 26.39
C VAL A 302 32.72 6.95 25.24
N PHE A 303 31.46 7.29 25.56
CA PHE A 303 30.42 7.62 24.57
C PHE A 303 30.88 8.74 23.64
N LEU A 304 31.41 9.83 24.23
CA LEU A 304 31.91 10.99 23.49
C LEU A 304 33.01 10.61 22.50
N LEU A 305 34.06 9.91 22.98
CA LEU A 305 35.20 9.46 22.16
C LEU A 305 34.75 8.49 21.06
N ALA A 306 33.94 7.47 21.41
CA ALA A 306 33.42 6.50 20.46
C ALA A 306 32.68 7.19 19.30
N ASN A 307 31.82 8.19 19.62
CA ASN A 307 31.08 8.98 18.62
C ASN A 307 32.03 9.80 17.72
N ILE A 308 33.11 10.35 18.32
CA ILE A 308 34.17 11.12 17.63
C ILE A 308 34.91 10.19 16.67
N ILE A 309 35.31 8.98 17.14
CA ILE A 309 36.02 7.98 16.31
C ILE A 309 35.14 7.58 15.11
N LEU A 310 33.87 7.20 15.37
CA LEU A 310 32.91 6.82 14.33
C LEU A 310 32.71 7.93 13.32
N ALA A 311 32.44 9.17 13.81
CA ALA A 311 32.24 10.36 12.98
C ALA A 311 33.44 10.54 12.05
N PHE A 312 34.66 10.38 12.60
CA PHE A 312 35.91 10.47 11.86
C PHE A 312 35.96 9.41 10.76
N LEU A 313 35.69 8.13 11.12
CA LEU A 313 35.70 7.01 10.20
C LEU A 313 34.70 7.12 9.04
N PHE A 314 33.50 7.70 9.29
CA PHE A 314 32.48 7.86 8.26
C PHE A 314 32.59 9.15 7.46
N PHE A 315 33.17 10.22 8.07
CA PHE A 315 33.33 11.53 7.44
C PHE A 315 34.79 12.01 7.59
N VAL B 5 -4.07 17.59 -39.55
CA VAL B 5 -4.57 18.92 -39.20
C VAL B 5 -3.56 19.70 -38.29
N SER B 6 -3.14 20.93 -38.73
CA SER B 6 -2.30 21.78 -37.90
C SER B 6 -3.07 23.08 -37.45
N PRO B 7 -2.49 24.09 -36.75
CA PRO B 7 -3.29 25.21 -36.24
C PRO B 7 -3.82 26.20 -37.25
N PRO B 8 -4.94 26.88 -36.88
CA PRO B 8 -5.49 27.95 -37.73
C PRO B 8 -4.49 29.08 -38.00
N PRO B 9 -4.39 29.55 -39.25
CA PRO B 9 -3.46 30.64 -39.57
C PRO B 9 -3.88 32.03 -39.07
N PRO B 10 -2.99 32.99 -38.76
CA PRO B 10 -3.50 34.30 -38.24
C PRO B 10 -4.00 35.25 -39.35
N ILE B 11 -4.82 36.28 -39.01
CA ILE B 11 -5.23 37.30 -40.03
C ILE B 11 -4.01 38.19 -40.33
N ALA B 12 -3.23 38.48 -39.28
CA ALA B 12 -2.05 39.34 -39.34
C ALA B 12 -0.82 38.58 -38.86
N ASP B 13 -0.58 38.56 -37.54
CA ASP B 13 0.56 37.94 -36.87
C ASP B 13 0.15 37.61 -35.41
N GLU B 14 -1.14 37.84 -35.09
CA GLU B 14 -1.74 37.64 -33.76
C GLU B 14 -1.63 36.17 -33.25
N PRO B 15 -1.39 35.96 -31.95
CA PRO B 15 -1.33 34.58 -31.45
C PRO B 15 -2.72 34.00 -31.23
N LEU B 16 -2.83 32.66 -31.16
CA LEU B 16 -4.12 32.01 -30.91
C LEU B 16 -4.44 32.00 -29.41
N THR B 17 -5.55 32.62 -29.03
CA THR B 17 -6.00 32.72 -27.66
C THR B 17 -6.94 31.57 -27.34
N VAL B 18 -6.51 30.69 -26.43
CA VAL B 18 -7.30 29.57 -25.97
C VAL B 18 -7.85 29.96 -24.61
N ASN B 19 -9.16 30.23 -24.57
CA ASN B 19 -9.88 30.56 -23.34
C ASN B 19 -10.06 29.27 -22.55
N THR B 20 -9.70 29.29 -21.26
CA THR B 20 -9.76 28.11 -20.37
C THR B 20 -10.77 28.28 -19.22
N GLY B 21 -11.09 27.15 -18.58
CA GLY B 21 -12.00 27.09 -17.45
C GLY B 21 -12.01 25.72 -16.79
N ILE B 22 -11.68 25.67 -15.49
CA ILE B 22 -11.69 24.42 -14.72
C ILE B 22 -12.86 24.47 -13.75
N TYR B 23 -13.76 23.46 -13.78
CA TYR B 23 -14.90 23.37 -12.87
C TYR B 23 -14.78 22.09 -12.01
N LEU B 24 -14.48 22.24 -10.70
CA LEU B 24 -14.30 21.12 -9.77
C LEU B 24 -15.58 20.36 -9.51
N ILE B 25 -15.54 19.04 -9.74
CA ILE B 25 -16.68 18.14 -9.52
C ILE B 25 -16.43 17.40 -8.21
N GLU B 26 -15.30 16.70 -8.13
CA GLU B 26 -14.86 15.93 -6.97
C GLU B 26 -13.43 16.32 -6.65
N CYS B 27 -13.18 16.53 -5.37
CA CYS B 27 -11.86 16.85 -4.89
C CYS B 27 -11.69 16.04 -3.63
N TYR B 28 -10.58 15.29 -3.54
CA TYR B 28 -10.32 14.29 -2.49
C TYR B 28 -8.83 13.93 -2.37
N SER B 29 -8.54 12.86 -1.57
CA SER B 29 -7.24 12.21 -1.32
C SER B 29 -6.04 13.17 -1.22
N LEU B 30 -6.13 14.14 -0.28
CA LEU B 30 -5.04 15.06 0.01
C LEU B 30 -4.04 14.35 0.94
N ASP B 31 -2.91 13.90 0.37
CA ASP B 31 -1.83 13.19 1.06
C ASP B 31 -0.82 14.20 1.60
N ASP B 32 -0.91 14.50 2.91
CA ASP B 32 -0.04 15.45 3.59
C ASP B 32 1.45 15.12 3.39
N LYS B 33 1.82 13.85 3.61
CA LYS B 33 3.17 13.32 3.46
C LYS B 33 3.69 13.46 2.01
N ALA B 34 2.85 13.18 1.01
CA ALA B 34 3.25 13.24 -0.40
C ALA B 34 3.07 14.60 -1.06
N GLU B 35 2.33 15.51 -0.40
CA GLU B 35 1.98 16.86 -0.87
C GLU B 35 1.27 16.78 -2.25
N THR B 36 0.33 15.82 -2.35
CA THR B 36 -0.47 15.55 -3.54
C THR B 36 -1.94 15.52 -3.16
N PHE B 37 -2.82 15.85 -4.11
CA PHE B 37 -4.27 15.77 -3.96
C PHE B 37 -4.85 15.29 -5.28
N LYS B 38 -5.97 14.59 -5.21
CA LYS B 38 -6.60 14.08 -6.41
C LYS B 38 -7.79 14.96 -6.75
N VAL B 39 -7.94 15.29 -8.04
CA VAL B 39 -9.02 16.16 -8.51
C VAL B 39 -9.73 15.57 -9.74
N ASN B 40 -11.07 15.61 -9.74
CA ASN B 40 -11.95 15.19 -10.84
C ASN B 40 -12.72 16.46 -11.20
N ALA B 41 -12.47 17.01 -12.40
CA ALA B 41 -13.09 18.27 -12.81
C ALA B 41 -13.44 18.33 -14.29
N PHE B 42 -13.96 19.49 -14.74
CA PHE B 42 -14.30 19.79 -16.12
C PHE B 42 -13.24 20.73 -16.68
N LEU B 43 -12.70 20.43 -17.85
CA LEU B 43 -11.77 21.36 -18.49
C LEU B 43 -12.49 21.91 -19.70
N SER B 44 -12.59 23.24 -19.76
CA SER B 44 -13.27 23.99 -20.82
C SER B 44 -12.26 24.72 -21.65
N LEU B 45 -12.32 24.53 -22.96
CA LEU B 45 -11.41 25.18 -23.92
C LEU B 45 -12.21 25.82 -25.02
N SER B 46 -11.79 27.02 -25.45
CA SER B 46 -12.42 27.79 -26.53
C SER B 46 -11.42 28.58 -27.34
N TRP B 47 -11.52 28.47 -28.66
CA TRP B 47 -10.63 29.15 -29.62
C TRP B 47 -11.36 29.30 -30.94
N LYS B 48 -10.95 30.32 -31.74
CA LYS B 48 -11.54 30.52 -33.05
C LYS B 48 -10.69 29.86 -34.11
N ASP B 49 -11.35 29.15 -35.00
CA ASP B 49 -10.74 28.46 -36.13
C ASP B 49 -11.61 28.76 -37.37
N ARG B 50 -11.25 29.81 -38.14
CA ARG B 50 -11.99 30.25 -39.33
C ARG B 50 -12.15 29.19 -40.41
N ARG B 51 -11.26 28.19 -40.40
CA ARG B 51 -11.27 27.10 -41.36
C ARG B 51 -12.56 26.29 -41.29
N LEU B 52 -13.15 26.21 -40.12
CA LEU B 52 -14.40 25.49 -39.90
C LEU B 52 -15.59 26.41 -39.65
N ALA B 53 -15.38 27.69 -39.89
CA ALA B 53 -16.39 28.71 -39.77
C ALA B 53 -17.29 28.60 -40.98
N PHE B 54 -18.58 28.18 -40.87
CA PHE B 54 -19.43 28.05 -42.08
C PHE B 54 -20.75 28.91 -42.08
N ASP B 55 -21.55 28.89 -43.16
CA ASP B 55 -22.73 29.74 -43.30
C ASP B 55 -24.00 29.12 -42.82
N PRO B 56 -24.82 29.83 -42.04
CA PRO B 56 -26.16 29.36 -41.70
C PRO B 56 -27.14 29.45 -42.93
N VAL B 57 -26.61 29.81 -44.13
CA VAL B 57 -27.38 29.84 -45.37
C VAL B 57 -27.29 28.39 -45.94
N ARG B 58 -26.12 28.00 -46.47
CA ARG B 58 -25.86 26.69 -47.08
C ARG B 58 -25.88 25.51 -46.08
N SER B 59 -25.02 25.57 -45.03
CA SER B 59 -24.83 24.52 -44.01
C SER B 59 -26.14 23.93 -43.50
N GLY B 60 -26.25 22.62 -43.58
CA GLY B 60 -27.43 21.88 -43.13
C GLY B 60 -27.54 21.78 -41.62
N VAL B 61 -26.69 22.53 -40.90
CA VAL B 61 -26.61 22.58 -39.44
C VAL B 61 -26.54 24.00 -38.93
N ARG B 62 -26.96 24.18 -37.67
CA ARG B 62 -27.00 25.43 -36.94
C ARG B 62 -25.81 25.56 -35.98
N VAL B 63 -25.44 24.43 -35.36
CA VAL B 63 -24.31 24.25 -34.46
C VAL B 63 -23.70 22.93 -34.92
N LYS B 64 -22.46 22.98 -35.40
CA LYS B 64 -21.82 21.75 -35.88
C LYS B 64 -21.03 21.04 -34.79
N THR B 65 -21.48 19.84 -34.43
CA THR B 65 -20.82 19.02 -33.41
C THR B 65 -19.80 18.11 -34.10
N TYR B 66 -18.56 18.06 -33.57
CA TYR B 66 -17.50 17.25 -34.16
C TYR B 66 -16.95 16.21 -33.20
N GLU B 67 -16.14 15.29 -33.75
CA GLU B 67 -15.42 14.26 -33.01
C GLU B 67 -13.98 14.79 -32.81
N PRO B 68 -13.29 14.48 -31.68
CA PRO B 68 -11.93 15.06 -31.45
C PRO B 68 -10.86 14.88 -32.53
N GLU B 69 -11.03 13.86 -33.38
CA GLU B 69 -10.13 13.44 -34.46
C GLU B 69 -10.69 13.82 -35.85
N ALA B 70 -11.34 14.99 -35.93
CA ALA B 70 -11.96 15.56 -37.13
C ALA B 70 -11.46 16.98 -37.24
N ILE B 71 -11.17 17.60 -36.09
CA ILE B 71 -10.67 18.95 -35.98
C ILE B 71 -9.35 19.03 -35.15
N TRP B 72 -8.58 20.12 -35.37
CA TRP B 72 -7.36 20.50 -34.64
C TRP B 72 -7.80 20.92 -33.23
N ILE B 73 -7.15 20.35 -32.22
CA ILE B 73 -7.41 20.64 -30.81
C ILE B 73 -6.08 20.96 -30.13
N PRO B 74 -5.98 22.09 -29.39
CA PRO B 74 -4.70 22.46 -28.77
C PRO B 74 -4.20 21.47 -27.72
N GLU B 75 -2.89 21.19 -27.76
CA GLU B 75 -2.25 20.27 -26.83
C GLU B 75 -2.07 20.99 -25.49
N ILE B 76 -3.11 20.88 -24.63
CA ILE B 76 -3.16 21.49 -23.31
C ILE B 76 -2.77 20.43 -22.28
N ARG B 77 -1.79 20.75 -21.42
CA ARG B 77 -1.28 19.85 -20.40
C ARG B 77 -1.23 20.53 -19.05
N PHE B 78 -1.04 19.73 -18.00
CA PHE B 78 -0.89 20.19 -16.63
C PHE B 78 0.56 20.05 -16.27
N VAL B 79 1.12 21.06 -15.60
CA VAL B 79 2.54 21.07 -15.23
C VAL B 79 2.80 20.15 -14.07
N ASN B 80 2.18 20.47 -12.91
CA ASN B 80 2.37 19.74 -11.65
C ASN B 80 1.47 18.50 -11.51
N VAL B 81 1.64 17.53 -12.41
CA VAL B 81 0.92 16.24 -12.36
C VAL B 81 1.92 15.07 -12.26
N GLU B 82 1.47 13.92 -11.66
CA GLU B 82 2.30 12.71 -11.54
C GLU B 82 2.47 12.09 -12.93
N ASN B 83 1.34 11.68 -13.53
CA ASN B 83 1.25 11.12 -14.86
C ASN B 83 0.23 11.99 -15.59
N ALA B 84 0.05 11.82 -16.90
CA ALA B 84 -0.93 12.61 -17.67
C ALA B 84 -2.34 12.29 -17.16
N ARG B 85 -3.24 13.29 -17.16
CA ARG B 85 -4.63 13.18 -16.72
C ARG B 85 -5.47 12.17 -17.54
N ASP B 86 -6.45 11.54 -16.87
CA ASP B 86 -7.38 10.61 -17.52
C ASP B 86 -8.56 11.48 -17.90
N ALA B 87 -8.59 11.95 -19.16
CA ALA B 87 -9.64 12.80 -19.67
C ALA B 87 -10.55 12.09 -20.65
N ASP B 88 -11.85 12.42 -20.62
CA ASP B 88 -12.88 11.90 -21.52
C ASP B 88 -13.63 13.08 -22.10
N VAL B 89 -13.48 13.30 -23.42
CA VAL B 89 -14.13 14.43 -24.12
C VAL B 89 -15.64 14.31 -23.98
N VAL B 90 -16.26 15.38 -23.49
CA VAL B 90 -17.70 15.46 -23.25
C VAL B 90 -18.39 16.03 -24.50
N ASP B 91 -17.95 17.22 -24.98
CA ASP B 91 -18.54 17.85 -26.15
C ASP B 91 -17.62 18.85 -26.85
N ILE B 92 -17.67 18.84 -28.20
CA ILE B 92 -16.97 19.75 -29.10
C ILE B 92 -18.06 20.33 -29.99
N SER B 93 -18.25 21.66 -29.98
CA SER B 93 -19.29 22.26 -30.83
C SER B 93 -18.81 23.56 -31.46
N VAL B 94 -18.83 23.60 -32.80
CA VAL B 94 -18.39 24.73 -33.60
C VAL B 94 -19.57 25.62 -33.93
N SER B 95 -19.40 26.90 -33.59
CA SER B 95 -20.32 27.97 -33.88
C SER B 95 -19.93 28.41 -35.33
N PRO B 96 -20.85 28.92 -36.15
CA PRO B 96 -20.50 29.15 -37.56
C PRO B 96 -19.40 30.20 -37.87
N ASP B 97 -18.78 30.89 -36.88
CA ASP B 97 -17.67 31.92 -37.01
C ASP B 97 -16.41 31.29 -36.91
N GLY B 98 -16.51 30.04 -36.47
CA GLY B 98 -15.41 29.11 -36.30
C GLY B 98 -15.03 28.87 -34.87
N THR B 99 -15.74 29.52 -33.91
CA THR B 99 -15.51 29.40 -32.49
C THR B 99 -15.80 27.97 -32.01
N VAL B 100 -14.75 27.28 -31.56
CA VAL B 100 -14.86 25.92 -31.07
C VAL B 100 -15.14 25.99 -29.58
N GLN B 101 -16.07 25.16 -29.12
CA GLN B 101 -16.38 25.08 -27.71
C GLN B 101 -16.20 23.63 -27.27
N TYR B 102 -15.00 23.36 -26.76
CA TYR B 102 -14.53 22.07 -26.27
C TYR B 102 -14.82 21.94 -24.77
N LEU B 103 -15.09 20.71 -24.33
CA LEU B 103 -15.33 20.36 -22.94
C LEU B 103 -15.00 18.91 -22.71
N GLU B 104 -14.20 18.65 -21.66
CA GLU B 104 -13.79 17.30 -21.26
C GLU B 104 -13.92 17.18 -19.76
N ARG B 105 -14.04 15.94 -19.26
CA ARG B 105 -14.08 15.64 -17.83
C ARG B 105 -12.80 14.85 -17.54
N PHE B 106 -11.92 15.39 -16.68
CA PHE B 106 -10.63 14.78 -16.36
C PHE B 106 -10.44 14.49 -14.88
N SER B 107 -9.56 13.53 -14.57
CA SER B 107 -9.16 13.19 -13.22
C SER B 107 -7.65 13.13 -13.20
N ALA B 108 -7.00 13.90 -12.31
CA ALA B 108 -5.54 13.96 -12.23
C ALA B 108 -5.01 13.99 -10.81
N ARG B 109 -3.80 13.46 -10.57
CA ARG B 109 -3.16 13.55 -9.23
C ARG B 109 -2.19 14.72 -9.28
N VAL B 110 -2.64 15.85 -8.69
CA VAL B 110 -1.89 17.09 -8.67
C VAL B 110 -0.85 17.06 -7.58
N LEU B 111 0.34 17.61 -7.88
CA LEU B 111 1.48 17.65 -7.00
C LEU B 111 1.81 19.12 -6.61
N SER B 112 1.15 19.57 -5.53
CA SER B 112 1.29 20.93 -5.00
C SER B 112 1.86 20.88 -3.56
N PRO B 113 3.04 21.52 -3.32
CA PRO B 113 3.64 21.49 -1.98
C PRO B 113 2.85 22.22 -0.91
N LEU B 114 3.12 21.87 0.37
CA LEU B 114 2.45 22.45 1.54
C LEU B 114 3.43 23.05 2.56
N ASP B 115 2.96 24.03 3.36
CA ASP B 115 3.70 24.70 4.43
C ASP B 115 3.19 24.17 5.78
N PHE B 116 4.00 23.34 6.45
CA PHE B 116 3.59 22.71 7.72
C PHE B 116 3.99 23.46 8.98
N ARG B 117 4.50 24.70 8.85
CA ARG B 117 4.91 25.51 10.00
C ARG B 117 3.80 25.71 11.04
N ARG B 118 2.61 26.21 10.62
CA ARG B 118 1.48 26.50 11.52
C ARG B 118 0.56 25.29 11.79
N TYR B 119 0.98 24.07 11.39
CA TYR B 119 0.25 22.81 11.59
C TYR B 119 0.01 22.55 13.11
N PRO B 120 -1.20 22.08 13.53
CA PRO B 120 -2.38 21.71 12.73
C PRO B 120 -3.39 22.82 12.50
N PHE B 121 -2.95 24.08 12.62
CA PHE B 121 -3.81 25.26 12.45
C PHE B 121 -3.64 25.89 11.06
N ASP B 122 -2.72 25.33 10.25
CA ASP B 122 -2.32 25.73 8.90
C ASP B 122 -3.46 25.93 7.89
N SER B 123 -3.13 26.65 6.81
CA SER B 123 -3.97 26.93 5.65
C SER B 123 -3.09 26.77 4.43
N GLN B 124 -3.63 26.17 3.36
CA GLN B 124 -2.88 25.94 2.13
C GLN B 124 -3.51 26.59 0.91
N THR B 125 -2.67 26.78 -0.13
CA THR B 125 -3.02 27.27 -1.46
C THR B 125 -2.51 26.21 -2.42
N LEU B 126 -3.46 25.42 -2.92
CA LEU B 126 -3.18 24.37 -3.88
C LEU B 126 -3.14 24.97 -5.29
N HIS B 127 -2.23 24.46 -6.13
CA HIS B 127 -2.02 24.99 -7.46
C HIS B 127 -2.26 23.98 -8.55
N ILE B 128 -2.93 24.40 -9.62
CA ILE B 128 -3.21 23.59 -10.81
C ILE B 128 -2.69 24.43 -11.99
N TYR B 129 -1.56 24.01 -12.58
CA TYR B 129 -0.93 24.76 -13.67
C TYR B 129 -1.24 24.23 -15.06
N LEU B 130 -2.04 25.01 -15.82
CA LEU B 130 -2.40 24.70 -17.20
C LEU B 130 -1.33 25.26 -18.11
N ILE B 131 -0.90 24.47 -19.09
CA ILE B 131 0.15 24.90 -20.02
C ILE B 131 -0.19 24.52 -21.48
N VAL B 132 0.28 25.34 -22.43
CA VAL B 132 0.15 25.15 -23.87
C VAL B 132 1.48 25.49 -24.57
N ARG B 133 2.00 24.55 -25.36
CA ARG B 133 3.23 24.81 -26.06
C ARG B 133 2.93 25.34 -27.46
N SER B 134 3.40 26.58 -27.75
CA SER B 134 3.26 27.27 -29.04
C SER B 134 3.88 26.41 -30.15
N VAL B 135 3.31 26.47 -31.35
CA VAL B 135 3.78 25.64 -32.45
C VAL B 135 4.41 26.50 -33.60
N ASP B 136 5.03 25.81 -34.57
CA ASP B 136 5.75 26.33 -35.76
C ASP B 136 5.06 27.49 -36.48
N THR B 137 3.82 27.25 -36.99
CA THR B 137 3.05 28.24 -37.76
C THR B 137 2.39 29.32 -36.88
N ARG B 138 1.77 28.93 -35.75
CA ARG B 138 1.06 29.85 -34.87
C ARG B 138 1.48 29.72 -33.39
N ASN B 139 1.68 30.86 -32.72
CA ASN B 139 2.00 30.91 -31.30
C ASN B 139 0.69 30.85 -30.50
N ILE B 140 0.66 30.07 -29.38
CA ILE B 140 -0.56 29.92 -28.58
C ILE B 140 -0.41 30.52 -27.18
N VAL B 141 -1.42 31.32 -26.77
CA VAL B 141 -1.51 31.99 -25.46
C VAL B 141 -2.82 31.57 -24.72
N LEU B 142 -2.74 31.39 -23.39
CA LEU B 142 -3.90 30.99 -22.59
C LEU B 142 -4.67 32.19 -22.00
N ALA B 143 -5.97 32.00 -21.72
CA ALA B 143 -6.84 33.03 -21.16
C ALA B 143 -7.83 32.42 -20.17
N VAL B 144 -8.42 33.23 -19.28
CA VAL B 144 -9.38 32.76 -18.27
C VAL B 144 -10.80 33.27 -18.53
N ASP B 145 -11.72 32.33 -18.80
CA ASP B 145 -13.15 32.61 -18.98
C ASP B 145 -13.74 32.34 -17.59
N LEU B 146 -13.87 33.41 -16.77
CA LEU B 146 -14.31 33.32 -15.37
C LEU B 146 -15.75 32.83 -15.15
N GLU B 147 -16.52 32.68 -16.23
CA GLU B 147 -17.88 32.17 -16.20
C GLU B 147 -17.91 30.64 -16.17
N LYS B 148 -16.77 30.01 -16.54
CA LYS B 148 -16.63 28.55 -16.51
C LYS B 148 -15.46 28.09 -15.59
N VAL B 149 -15.17 28.92 -14.54
CA VAL B 149 -14.17 28.64 -13.48
C VAL B 149 -14.94 28.62 -12.15
N GLY B 150 -15.19 27.42 -11.63
CA GLY B 150 -15.91 27.25 -10.38
C GLY B 150 -15.75 25.89 -9.72
N LYS B 151 -16.66 25.59 -8.79
CA LYS B 151 -16.67 24.33 -8.05
C LYS B 151 -18.08 23.93 -7.65
N ASN B 152 -18.34 22.62 -7.64
CA ASN B 152 -19.61 22.03 -7.23
C ASN B 152 -19.77 22.31 -5.73
N ASP B 153 -21.00 22.62 -5.30
CA ASP B 153 -21.31 22.92 -3.91
C ASP B 153 -20.96 21.76 -2.96
N ASP B 154 -21.24 20.52 -3.43
CA ASP B 154 -21.00 19.24 -2.72
C ASP B 154 -19.53 18.86 -2.52
N VAL B 155 -18.57 19.48 -3.27
CA VAL B 155 -17.12 19.23 -3.19
C VAL B 155 -16.65 19.16 -1.72
N PHE B 156 -16.10 18.00 -1.31
CA PHE B 156 -15.65 17.82 0.08
C PHE B 156 -14.23 17.29 0.15
N LEU B 157 -13.39 17.99 0.90
CA LEU B 157 -12.01 17.59 1.14
C LEU B 157 -11.95 17.31 2.65
N THR B 158 -12.00 16.01 3.03
CA THR B 158 -12.03 15.53 4.43
C THR B 158 -10.94 16.20 5.28
N GLY B 159 -11.35 16.79 6.41
CA GLY B 159 -10.46 17.50 7.33
C GLY B 159 -10.04 18.90 6.92
N TRP B 160 -10.58 19.41 5.81
CA TRP B 160 -10.26 20.76 5.32
C TRP B 160 -11.52 21.52 4.96
N ASP B 161 -11.44 22.85 5.02
CA ASP B 161 -12.53 23.73 4.64
C ASP B 161 -12.14 24.40 3.33
N ILE B 162 -12.85 24.07 2.22
CA ILE B 162 -12.55 24.65 0.92
C ILE B 162 -13.00 26.12 0.96
N GLU B 163 -12.01 27.04 0.88
CA GLU B 163 -12.24 28.48 0.93
C GLU B 163 -12.63 29.04 -0.44
N SER B 164 -11.80 28.80 -1.49
CA SER B 164 -12.07 29.33 -2.83
C SER B 164 -11.32 28.60 -3.93
N PHE B 165 -11.89 28.61 -5.15
CA PHE B 165 -11.22 28.08 -6.35
C PHE B 165 -11.25 29.17 -7.39
N THR B 166 -10.08 29.80 -7.59
CA THR B 166 -9.91 30.92 -8.50
C THR B 166 -8.76 30.67 -9.49
N ALA B 167 -8.56 31.62 -10.41
CA ALA B 167 -7.49 31.56 -11.40
C ALA B 167 -6.85 32.92 -11.58
N VAL B 168 -5.50 32.94 -11.68
CA VAL B 168 -4.73 34.16 -11.92
C VAL B 168 -4.88 34.39 -13.43
N VAL B 169 -5.74 35.37 -13.79
CA VAL B 169 -6.14 35.76 -15.14
C VAL B 169 -4.97 36.01 -16.09
N LYS B 170 -3.89 36.66 -15.62
CA LYS B 170 -2.74 36.93 -16.48
C LYS B 170 -1.86 35.67 -16.58
N PRO B 171 -1.67 35.12 -17.82
CA PRO B 171 -0.84 33.92 -17.96
C PRO B 171 0.65 34.22 -17.89
N ALA B 172 1.43 33.20 -17.55
CA ALA B 172 2.87 33.28 -17.46
C ALA B 172 3.46 32.82 -18.79
N ASN B 173 3.76 33.78 -19.68
CA ASN B 173 4.33 33.48 -20.98
C ASN B 173 5.85 33.50 -20.86
N PHE B 174 6.52 32.42 -21.32
CA PHE B 174 7.96 32.25 -21.21
C PHE B 174 8.51 31.36 -22.32
N ALA B 175 9.84 31.29 -22.43
CA ALA B 175 10.53 30.44 -23.41
C ALA B 175 11.01 29.17 -22.74
N LEU B 176 10.84 28.04 -23.44
CA LEU B 176 11.25 26.71 -22.98
C LEU B 176 11.57 25.86 -24.21
N GLU B 177 12.83 25.35 -24.27
CA GLU B 177 13.40 24.53 -25.34
C GLU B 177 13.07 25.09 -26.73
N ASP B 178 13.48 26.37 -26.94
CA ASP B 178 13.36 27.18 -28.17
C ASP B 178 11.91 27.53 -28.60
N ARG B 179 10.91 27.35 -27.73
CA ARG B 179 9.50 27.68 -28.03
C ARG B 179 8.78 28.32 -26.85
N LEU B 180 7.77 29.17 -27.15
CA LEU B 180 6.96 29.86 -26.17
C LEU B 180 5.97 28.92 -25.49
N GLU B 181 5.73 29.14 -24.19
CA GLU B 181 4.76 28.38 -23.38
C GLU B 181 3.88 29.41 -22.68
N SER B 182 2.60 29.08 -22.45
CA SER B 182 1.66 29.95 -21.75
C SER B 182 1.10 29.15 -20.58
N LYS B 183 1.44 29.57 -19.35
CA LYS B 183 1.05 28.89 -18.10
C LYS B 183 -0.04 29.66 -17.33
N LEU B 184 -1.07 28.94 -16.82
CA LEU B 184 -2.13 29.56 -16.03
C LEU B 184 -2.18 28.98 -14.62
N ASP B 185 -2.35 29.87 -13.63
CA ASP B 185 -2.39 29.46 -12.22
C ASP B 185 -3.82 29.36 -11.65
N TYR B 186 -4.28 28.11 -11.49
CA TYR B 186 -5.58 27.84 -10.86
C TYR B 186 -5.28 27.54 -9.38
N GLN B 187 -5.74 28.43 -8.49
CA GLN B 187 -5.50 28.33 -7.06
C GLN B 187 -6.69 27.83 -6.27
N LEU B 188 -6.46 26.83 -5.40
CA LEU B 188 -7.47 26.26 -4.53
C LEU B 188 -7.07 26.49 -3.06
N ARG B 189 -7.70 27.48 -2.42
CA ARG B 189 -7.45 27.81 -1.02
C ARG B 189 -8.22 26.94 -0.07
N ILE B 190 -7.51 26.30 0.85
CA ILE B 190 -8.06 25.38 1.86
C ILE B 190 -7.52 25.72 3.25
N SER B 191 -8.31 25.48 4.30
CA SER B 191 -7.93 25.73 5.71
C SER B 191 -8.26 24.52 6.58
N ARG B 192 -7.27 23.99 7.30
CA ARG B 192 -7.41 22.80 8.11
C ARG B 192 -8.44 22.91 9.25
N GLN B 193 -9.26 21.84 9.42
CA GLN B 193 -10.27 21.66 10.48
C GLN B 193 -9.52 21.09 11.70
N TYR B 194 -9.11 21.99 12.61
CA TYR B 194 -8.27 21.65 13.77
C TYR B 194 -9.03 21.26 15.05
N PHE B 195 -10.38 21.16 15.05
CA PHE B 195 -11.13 20.83 16.27
C PHE B 195 -10.62 19.56 16.95
N SER B 196 -10.69 18.42 16.23
CA SER B 196 -10.25 17.09 16.65
C SER B 196 -8.92 17.07 17.41
N TYR B 197 -7.92 17.86 16.96
CA TYR B 197 -6.58 17.93 17.56
C TYR B 197 -6.55 18.30 19.02
N ILE B 198 -7.45 19.20 19.47
CA ILE B 198 -7.52 19.65 20.87
C ILE B 198 -7.91 18.50 21.84
N PRO B 199 -9.10 17.86 21.73
CA PRO B 199 -9.42 16.79 22.69
C PRO B 199 -8.81 15.42 22.40
N ASN B 200 -8.43 15.16 21.14
CA ASN B 200 -7.88 13.86 20.75
C ASN B 200 -6.36 13.75 20.83
N ILE B 201 -5.63 14.84 20.51
CA ILE B 201 -4.17 14.78 20.52
C ILE B 201 -3.53 15.67 21.60
N ILE B 202 -3.78 16.99 21.55
CA ILE B 202 -3.22 18.00 22.45
C ILE B 202 -3.51 17.71 23.94
N LEU B 203 -4.80 17.62 24.33
CA LEU B 203 -5.18 17.39 25.72
C LEU B 203 -4.64 16.05 26.32
N PRO B 204 -4.81 14.84 25.69
CA PRO B 204 -4.25 13.63 26.31
C PRO B 204 -2.73 13.69 26.43
N MET B 205 -2.05 14.29 25.42
CA MET B 205 -0.60 14.47 25.46
C MET B 205 -0.15 15.46 26.53
N LEU B 206 -1.04 16.36 26.96
CA LEU B 206 -0.70 17.29 28.01
C LEU B 206 -0.90 16.66 29.35
N PHE B 207 -1.92 15.79 29.49
CA PHE B 207 -2.22 15.07 30.72
C PHE B 207 -1.06 14.16 31.15
N ILE B 208 -0.47 13.38 30.21
CA ILE B 208 0.68 12.50 30.45
C ILE B 208 1.87 13.28 31.00
N LEU B 209 2.15 14.47 30.41
CA LEU B 209 3.22 15.37 30.84
C LEU B 209 2.92 15.94 32.22
N PHE B 210 1.63 16.24 32.52
CA PHE B 210 1.25 16.78 33.82
C PHE B 210 1.42 15.72 34.90
N ILE B 211 1.16 14.42 34.57
CA ILE B 211 1.33 13.29 35.49
C ILE B 211 2.77 13.25 36.01
N SER B 212 3.77 13.42 35.12
CA SER B 212 5.19 13.42 35.52
C SER B 212 5.49 14.48 36.59
N TRP B 213 4.85 15.67 36.49
CA TRP B 213 5.07 16.76 37.44
C TRP B 213 4.59 16.46 38.86
N THR B 214 3.90 15.34 39.07
CA THR B 214 3.46 15.00 40.43
C THR B 214 4.66 14.55 41.31
N ALA B 215 5.81 14.25 40.67
CA ALA B 215 7.05 13.86 41.34
C ALA B 215 7.66 15.02 42.17
N PHE B 216 7.08 16.23 42.02
CA PHE B 216 7.48 17.42 42.76
C PHE B 216 6.73 17.50 44.10
N TRP B 217 5.84 16.52 44.38
CA TRP B 217 5.07 16.42 45.61
C TRP B 217 5.34 15.07 46.30
N SER B 218 6.46 14.41 45.89
CA SER B 218 6.93 13.13 46.44
C SER B 218 8.43 13.20 46.79
N THR B 219 8.85 12.38 47.78
CA THR B 219 10.25 12.23 48.24
C THR B 219 10.76 10.80 47.98
N SER B 220 9.84 9.92 47.51
CA SER B 220 10.11 8.51 47.17
C SER B 220 10.76 8.43 45.80
N TYR B 221 12.10 8.23 45.77
CA TYR B 221 12.88 8.12 44.54
C TYR B 221 12.33 7.03 43.63
N GLU B 222 11.90 5.88 44.23
CA GLU B 222 11.30 4.76 43.50
C GLU B 222 10.01 5.19 42.80
N ALA B 223 9.14 5.95 43.50
CA ALA B 223 7.88 6.47 42.96
C ALA B 223 8.15 7.51 41.87
N ASN B 224 9.12 8.42 42.11
CA ASN B 224 9.54 9.47 41.19
C ASN B 224 10.12 8.90 39.89
N VAL B 225 11.00 7.87 40.00
CA VAL B 225 11.61 7.16 38.86
C VAL B 225 10.49 6.58 38.00
N THR B 226 9.56 5.81 38.63
CA THR B 226 8.39 5.22 37.95
C THR B 226 7.54 6.30 37.28
N LEU B 227 7.24 7.40 38.00
CA LEU B 227 6.47 8.52 37.46
C LEU B 227 7.07 9.14 36.17
N VAL B 228 8.27 9.73 36.24
CA VAL B 228 8.90 10.38 35.11
C VAL B 228 9.26 9.41 33.97
N VAL B 229 9.80 8.21 34.29
CA VAL B 229 10.19 7.27 33.22
C VAL B 229 8.96 6.64 32.57
N SER B 230 7.99 6.11 33.34
CA SER B 230 6.77 5.50 32.78
C SER B 230 5.94 6.47 31.92
N THR B 231 5.77 7.74 32.36
CA THR B 231 5.05 8.75 31.57
C THR B 231 5.79 9.04 30.27
N LEU B 232 7.16 9.02 30.28
CA LEU B 232 7.93 9.21 29.06
C LEU B 232 7.59 8.09 28.06
N ILE B 233 7.48 6.82 28.55
CA ILE B 233 7.09 5.65 27.74
C ILE B 233 5.66 5.82 27.23
N ALA B 234 4.73 6.31 28.09
CA ALA B 234 3.34 6.58 27.71
C ALA B 234 3.29 7.61 26.59
N HIS B 235 4.09 8.70 26.72
CA HIS B 235 4.22 9.79 25.75
C HIS B 235 4.54 9.24 24.36
N ILE B 236 5.67 8.48 24.25
CA ILE B 236 6.15 7.88 23.00
C ILE B 236 5.08 6.95 22.40
N ALA B 237 4.47 6.09 23.24
CA ALA B 237 3.38 5.17 22.86
C ALA B 237 2.19 5.96 22.30
N PHE B 238 1.83 7.08 22.98
CA PHE B 238 0.73 7.93 22.55
C PHE B 238 1.01 8.50 21.18
N ASN B 239 2.24 9.01 20.96
CA ASN B 239 2.66 9.56 19.67
C ASN B 239 2.65 8.51 18.57
N ILE B 240 3.01 7.23 18.89
CA ILE B 240 2.95 6.10 17.97
C ILE B 240 1.48 5.92 17.58
N LEU B 241 0.57 5.90 18.60
CA LEU B 241 -0.88 5.77 18.41
C LEU B 241 -1.44 6.85 17.49
N VAL B 242 -1.17 8.12 17.84
CA VAL B 242 -1.62 9.34 17.16
C VAL B 242 -0.93 9.51 15.77
N GLY B 243 -0.37 8.44 15.24
CA GLY B 243 0.30 8.44 13.93
C GLY B 243 1.43 9.45 13.77
N THR B 244 1.88 9.63 12.54
CA THR B 244 2.90 10.56 12.04
C THR B 244 2.53 10.84 10.56
N ASN B 245 1.73 11.90 10.28
CA ASN B 245 1.32 12.13 8.87
C ASN B 245 2.01 13.34 8.12
N LEU B 246 3.20 13.78 8.60
CA LEU B 246 3.93 14.90 7.97
C LEU B 246 5.29 14.46 7.39
N PRO B 247 5.76 15.06 6.28
CA PRO B 247 7.09 14.69 5.77
C PRO B 247 8.26 15.33 6.55
N LYS B 248 9.49 15.09 6.12
CA LYS B 248 10.66 15.68 6.80
C LYS B 248 10.86 17.03 6.12
N THR B 249 10.64 18.08 6.88
CA THR B 249 10.68 19.48 6.46
C THR B 249 12.07 20.10 6.71
N PRO B 250 12.58 20.99 5.80
CA PRO B 250 13.88 21.63 6.06
C PRO B 250 13.81 22.65 7.21
N TYR B 251 12.62 23.25 7.39
CA TYR B 251 12.25 24.23 8.39
C TYR B 251 11.73 23.59 9.70
N MET B 252 11.39 24.44 10.69
CA MET B 252 10.86 24.00 11.96
C MET B 252 9.35 24.28 12.03
N THR B 253 8.60 23.31 12.55
CA THR B 253 7.16 23.32 12.72
C THR B 253 6.78 23.82 14.12
N TYR B 254 5.56 24.38 14.27
CA TYR B 254 5.03 24.82 15.57
C TYR B 254 4.91 23.58 16.44
N THR B 255 4.31 22.49 15.88
CA THR B 255 4.17 21.21 16.56
C THR B 255 5.53 20.55 16.79
N GLY B 256 6.43 20.72 15.83
CA GLY B 256 7.79 20.19 15.90
C GLY B 256 8.56 20.66 17.11
N ALA B 257 8.50 21.99 17.34
CA ALA B 257 9.13 22.68 18.45
C ALA B 257 8.54 22.25 19.80
N ILE B 258 7.20 22.23 19.92
CA ILE B 258 6.49 21.83 21.15
C ILE B 258 6.87 20.41 21.58
N ILE B 259 6.90 19.45 20.61
CA ILE B 259 7.27 18.05 20.84
C ILE B 259 8.68 17.98 21.43
N PHE B 260 9.68 18.61 20.76
CA PHE B 260 11.05 18.66 21.26
C PHE B 260 11.09 19.18 22.70
N MET B 261 10.34 20.28 22.96
CA MET B 261 10.22 20.89 24.29
C MET B 261 9.74 19.87 25.34
N ILE B 262 8.72 19.04 24.99
CA ILE B 262 8.15 18.01 25.85
C ILE B 262 9.22 16.95 26.19
N TYR B 263 10.06 16.53 25.19
CA TYR B 263 11.15 15.57 25.44
C TYR B 263 12.20 16.17 26.37
N LEU B 264 12.46 17.49 26.23
CA LEU B 264 13.38 18.24 27.08
C LEU B 264 12.82 18.31 28.51
N PHE B 265 11.49 18.51 28.64
CA PHE B 265 10.77 18.59 29.93
C PHE B 265 10.77 17.27 30.70
N TYR B 266 10.90 16.13 29.96
CA TYR B 266 10.98 14.81 30.58
C TYR B 266 12.38 14.64 31.13
N PHE B 267 13.38 15.13 30.36
CA PHE B 267 14.78 15.07 30.73
C PHE B 267 15.06 15.93 31.94
N VAL B 268 14.56 17.18 31.95
CA VAL B 268 14.76 18.11 33.05
C VAL B 268 14.15 17.55 34.34
N ALA B 269 12.92 17.00 34.25
CA ALA B 269 12.23 16.38 35.38
C ALA B 269 13.04 15.23 35.98
N VAL B 270 13.71 14.41 35.15
CA VAL B 270 14.58 13.31 35.60
C VAL B 270 15.73 13.93 36.39
N ILE B 271 16.41 14.96 35.81
CA ILE B 271 17.53 15.66 36.46
C ILE B 271 17.10 16.12 37.86
N GLU B 272 15.92 16.80 37.98
CA GLU B 272 15.35 17.26 39.25
C GLU B 272 15.23 16.12 40.23
N VAL B 273 14.54 15.03 39.84
CA VAL B 273 14.30 13.81 40.64
C VAL B 273 15.63 13.24 41.15
N THR B 274 16.64 13.21 40.25
CA THR B 274 17.99 12.72 40.55
C THR B 274 18.73 13.67 41.54
N VAL B 275 18.64 15.00 41.30
CA VAL B 275 19.24 16.06 42.11
C VAL B 275 18.66 16.03 43.51
N GLN B 276 17.31 16.09 43.64
CA GLN B 276 16.58 16.03 44.90
C GLN B 276 17.05 14.81 45.73
N HIS B 277 17.09 13.63 45.09
CA HIS B 277 17.54 12.39 45.70
C HIS B 277 19.01 12.45 46.16
N TYR B 278 19.94 12.90 45.29
CA TYR B 278 21.35 12.96 45.67
C TYR B 278 21.60 13.87 46.88
N LEU B 279 20.96 15.05 46.93
CA LEU B 279 21.10 15.97 48.06
C LEU B 279 20.55 15.37 49.35
N LYS B 280 19.39 14.71 49.26
CA LYS B 280 18.70 14.05 50.37
C LYS B 280 19.60 12.97 50.98
N VAL B 281 20.22 12.14 50.10
CA VAL B 281 21.13 11.06 50.51
C VAL B 281 22.48 11.66 51.04
N GLU B 282 22.96 12.78 50.47
CA GLU B 282 24.17 13.46 50.91
C GLU B 282 23.92 14.46 52.05
N SER B 283 22.88 14.18 52.87
CA SER B 283 22.45 14.93 54.05
C SER B 283 22.32 16.46 53.85
N GLN B 284 21.58 16.86 52.83
CA GLN B 284 21.25 18.26 52.52
C GLN B 284 19.74 18.31 52.21
N PRO B 285 18.86 18.06 53.20
CA PRO B 285 17.41 18.02 52.92
C PRO B 285 16.77 19.36 52.63
N ALA B 286 17.36 20.47 53.10
CA ALA B 286 16.86 21.83 52.86
C ALA B 286 16.96 22.19 51.36
N ARG B 287 18.12 21.87 50.73
CA ARG B 287 18.40 22.12 49.31
C ARG B 287 17.53 21.20 48.46
N ALA B 288 17.43 19.91 48.90
CA ALA B 288 16.61 18.90 48.24
C ALA B 288 15.16 19.35 48.26
N ALA B 289 14.67 19.87 49.41
CA ALA B 289 13.30 20.35 49.54
C ALA B 289 13.04 21.66 48.78
N SER B 290 13.98 22.63 48.84
CA SER B 290 13.83 23.90 48.14
C SER B 290 13.74 23.71 46.62
N ILE B 291 14.57 22.79 46.05
CA ILE B 291 14.55 22.48 44.63
C ILE B 291 13.20 21.89 44.23
N THR B 292 12.69 20.90 44.98
CA THR B 292 11.39 20.25 44.73
C THR B 292 10.23 21.25 44.80
N ARG B 293 10.19 22.09 45.86
CA ARG B 293 9.15 23.11 46.06
C ARG B 293 9.14 24.13 44.92
N ALA B 294 10.33 24.55 44.44
CA ALA B 294 10.50 25.53 43.37
C ALA B 294 9.95 24.98 42.08
N SER B 295 10.34 23.73 41.74
CA SER B 295 9.95 22.97 40.56
C SER B 295 8.44 22.90 40.36
N ARG B 296 7.68 22.87 41.48
CA ARG B 296 6.21 22.86 41.52
C ARG B 296 5.59 24.08 40.79
N ILE B 297 6.27 25.25 40.88
CA ILE B 297 5.89 26.51 40.24
C ILE B 297 6.71 26.67 38.94
N ALA B 298 8.03 26.37 38.99
CA ALA B 298 8.96 26.48 37.88
C ALA B 298 8.49 25.75 36.61
N PHE B 299 8.34 24.40 36.68
CA PHE B 299 7.92 23.55 35.56
C PHE B 299 6.65 24.04 34.85
N PRO B 300 5.51 24.31 35.54
CA PRO B 300 4.32 24.80 34.79
C PRO B 300 4.49 26.22 34.24
N VAL B 301 5.11 27.15 35.02
CA VAL B 301 5.32 28.54 34.58
C VAL B 301 6.22 28.59 33.35
N VAL B 302 7.40 27.94 33.39
CA VAL B 302 8.33 27.86 32.25
C VAL B 302 7.61 27.28 31.03
N PHE B 303 6.88 26.15 31.21
CA PHE B 303 6.11 25.51 30.13
C PHE B 303 5.11 26.49 29.51
N LEU B 304 4.35 27.20 30.35
CA LEU B 304 3.37 28.19 29.93
C LEU B 304 3.99 29.29 29.07
N LEU B 305 5.07 29.94 29.58
CA LEU B 305 5.78 31.02 28.87
C LEU B 305 6.39 30.54 27.57
N ALA B 306 7.10 29.39 27.60
CA ALA B 306 7.72 28.80 26.42
C ALA B 306 6.68 28.58 25.29
N ASN B 307 5.49 28.03 25.65
CA ASN B 307 4.40 27.81 24.70
C ASN B 307 3.86 29.12 24.13
N ILE B 308 3.79 30.17 24.98
CA ILE B 308 3.34 31.53 24.62
C ILE B 308 4.34 32.13 23.63
N ILE B 309 5.66 32.02 23.92
CA ILE B 309 6.73 32.54 23.06
C ILE B 309 6.68 31.86 21.69
N LEU B 310 6.62 30.50 21.67
CA LEU B 310 6.53 29.71 20.45
C LEU B 310 5.31 30.08 19.63
N ALA B 311 4.12 30.11 20.28
CA ALA B 311 2.84 30.49 19.66
C ALA B 311 2.98 31.85 18.97
N PHE B 312 3.61 32.81 19.67
CA PHE B 312 3.86 34.15 19.17
C PHE B 312 4.74 34.11 17.93
N LEU B 313 5.87 33.37 18.00
CA LEU B 313 6.83 33.23 16.90
C LEU B 313 6.24 32.58 15.65
N PHE B 314 5.34 31.60 15.80
CA PHE B 314 4.71 30.91 14.66
C PHE B 314 3.44 31.59 14.15
N PHE B 315 2.72 32.32 15.02
CA PHE B 315 1.47 33.01 14.69
C PHE B 315 1.53 34.48 15.12
N VAL C 5 -22.57 10.88 -35.76
CA VAL C 5 -23.96 10.73 -35.32
C VAL C 5 -24.27 11.69 -34.12
N SER C 6 -25.36 12.53 -34.27
CA SER C 6 -25.78 13.37 -33.16
C SER C 6 -27.21 12.94 -32.63
N PRO C 7 -27.87 13.63 -31.64
CA PRO C 7 -29.12 13.08 -31.08
C PRO C 7 -30.35 13.10 -31.93
N PRO C 8 -31.30 12.16 -31.63
CA PRO C 8 -32.60 12.15 -32.33
C PRO C 8 -33.35 13.46 -32.16
N PRO C 9 -33.91 14.00 -33.26
CA PRO C 9 -34.67 15.24 -33.18
C PRO C 9 -36.01 15.13 -32.48
N PRO C 10 -36.58 16.16 -31.82
CA PRO C 10 -37.90 15.95 -31.17
C PRO C 10 -39.09 16.01 -32.15
N ILE C 11 -40.29 15.47 -31.78
CA ILE C 11 -41.49 15.62 -32.66
C ILE C 11 -41.97 17.07 -32.58
N ALA C 12 -41.86 17.64 -31.37
CA ALA C 12 -42.30 18.99 -31.07
C ALA C 12 -41.13 19.81 -30.52
N ASP C 13 -40.90 19.74 -29.20
CA ASP C 13 -39.88 20.46 -28.44
C ASP C 13 -39.53 19.66 -27.17
N GLU C 14 -40.10 18.44 -27.04
CA GLU C 14 -39.92 17.53 -25.91
C GLU C 14 -38.45 17.11 -25.67
N PRO C 15 -38.00 16.98 -24.40
CA PRO C 15 -36.62 16.52 -24.17
C PRO C 15 -36.49 15.02 -24.30
N LEU C 16 -35.26 14.50 -24.50
CA LEU C 16 -35.06 13.06 -24.61
C LEU C 16 -34.95 12.42 -23.23
N THR C 17 -35.86 11.48 -22.93
CA THR C 17 -35.91 10.77 -21.66
C THR C 17 -35.11 9.48 -21.76
N VAL C 18 -34.03 9.41 -20.98
CA VAL C 18 -33.18 8.23 -20.91
C VAL C 18 -33.54 7.53 -19.61
N ASN C 19 -34.21 6.36 -19.73
CA ASN C 19 -34.59 5.52 -18.61
C ASN C 19 -33.34 4.78 -18.15
N THR C 20 -33.05 4.86 -16.84
CA THR C 20 -31.85 4.29 -16.23
C THR C 20 -32.17 3.14 -15.24
N GLY C 21 -31.13 2.36 -14.93
CA GLY C 21 -31.22 1.24 -14.01
C GLY C 21 -29.87 0.69 -13.64
N ILE C 22 -29.53 0.70 -12.34
CA ILE C 22 -28.26 0.15 -11.85
C ILE C 22 -28.56 -1.15 -11.10
N TYR C 23 -27.91 -2.26 -11.49
CA TYR C 23 -28.08 -3.56 -10.83
C TYR C 23 -26.73 -4.00 -10.23
N LEU C 24 -26.61 -3.98 -8.89
CA LEU C 24 -25.39 -4.36 -8.17
C LEU C 24 -25.05 -5.83 -8.30
N ILE C 25 -23.84 -6.12 -8.78
CA ILE C 25 -23.34 -7.49 -8.94
C ILE C 25 -22.41 -7.78 -7.77
N GLU C 26 -21.35 -6.96 -7.63
CA GLU C 26 -20.37 -7.05 -6.58
C GLU C 26 -20.22 -5.70 -5.93
N CYS C 27 -20.18 -5.70 -4.62
CA CYS C 27 -20.00 -4.49 -3.85
C CYS C 27 -19.04 -4.86 -2.75
N TYR C 28 -17.96 -4.06 -2.60
CA TYR C 28 -16.82 -4.35 -1.73
C TYR C 28 -15.98 -3.08 -1.42
N SER C 29 -14.79 -3.29 -0.80
CA SER C 29 -13.73 -2.33 -0.45
C SER C 29 -14.24 -0.97 0.06
N LEU C 30 -15.06 -0.99 1.14
CA LEU C 30 -15.55 0.23 1.78
C LEU C 30 -14.45 0.74 2.74
N ASP C 31 -13.73 1.79 2.31
CA ASP C 31 -12.65 2.43 3.06
C ASP C 31 -13.23 3.54 3.94
N ASP C 32 -13.38 3.25 5.25
CA ASP C 32 -13.93 4.20 6.23
C ASP C 32 -13.15 5.53 6.24
N LYS C 33 -11.80 5.45 6.28
CA LYS C 33 -10.89 6.59 6.28
C LYS C 33 -11.00 7.44 4.99
N ALA C 34 -11.13 6.78 3.83
CA ALA C 34 -11.23 7.50 2.55
C ALA C 34 -12.64 7.89 2.13
N GLU C 35 -13.67 7.31 2.82
CA GLU C 35 -15.10 7.48 2.56
C GLU C 35 -15.42 7.11 1.08
N THR C 36 -14.83 5.97 0.64
CA THR C 36 -14.98 5.42 -0.70
C THR C 36 -15.38 3.95 -0.61
N PHE C 37 -16.06 3.45 -1.64
CA PHE C 37 -16.43 2.04 -1.78
C PHE C 37 -16.32 1.66 -3.25
N LYS C 38 -15.99 0.40 -3.53
CA LYS C 38 -15.87 -0.07 -4.90
C LYS C 38 -17.13 -0.83 -5.28
N VAL C 39 -17.64 -0.58 -6.49
CA VAL C 39 -18.85 -1.23 -6.97
C VAL C 39 -18.68 -1.77 -8.41
N ASN C 40 -19.16 -3.00 -8.65
CA ASN C 40 -19.19 -3.67 -9.95
C ASN C 40 -20.69 -3.93 -10.19
N ALA C 41 -21.28 -3.26 -11.20
CA ALA C 41 -22.71 -3.37 -11.45
C ALA C 41 -23.07 -3.35 -12.95
N PHE C 42 -24.38 -3.38 -13.23
CA PHE C 42 -24.95 -3.30 -14.58
C PHE C 42 -25.57 -1.92 -14.73
N LEU C 43 -25.28 -1.23 -15.84
CA LEU C 43 -25.94 0.04 -16.13
C LEU C 43 -26.85 -0.19 -17.31
N SER C 44 -28.14 0.09 -17.12
CA SER C 44 -29.19 -0.09 -18.11
C SER C 44 -29.66 1.24 -18.60
N LEU C 45 -29.68 1.44 -19.92
CA LEU C 45 -30.13 2.68 -20.53
C LEU C 45 -31.15 2.37 -21.63
N SER C 46 -32.18 3.22 -21.73
CA SER C 46 -33.24 3.09 -22.73
C SER C 46 -33.77 4.45 -23.18
N TRP C 47 -33.88 4.63 -24.50
CA TRP C 47 -34.37 5.85 -25.15
C TRP C 47 -34.92 5.51 -26.53
N LYS C 48 -35.84 6.34 -27.04
CA LYS C 48 -36.42 6.16 -28.38
C LYS C 48 -35.65 7.03 -29.37
N ASP C 49 -35.31 6.41 -30.50
CA ASP C 49 -34.62 7.04 -31.61
C ASP C 49 -35.32 6.60 -32.89
N ARG C 50 -36.29 7.41 -33.37
CA ARG C 50 -37.09 7.12 -34.57
C ARG C 50 -36.30 6.91 -35.85
N ARG C 51 -35.09 7.47 -35.91
CA ARG C 51 -34.19 7.36 -37.04
C ARG C 51 -33.85 5.90 -37.35
N LEU C 52 -33.81 5.05 -36.31
CA LEU C 52 -33.50 3.64 -36.43
C LEU C 52 -34.70 2.75 -36.20
N ALA C 53 -35.87 3.37 -36.13
CA ALA C 53 -37.16 2.69 -35.98
C ALA C 53 -37.49 2.10 -37.31
N PHE C 54 -37.48 0.76 -37.48
CA PHE C 54 -37.76 0.23 -38.81
C PHE C 54 -38.98 -0.70 -38.89
N ASP C 55 -39.41 -0.99 -40.14
CA ASP C 55 -40.60 -1.78 -40.42
C ASP C 55 -40.39 -3.27 -40.36
N PRO C 56 -41.21 -3.99 -39.55
CA PRO C 56 -41.14 -5.46 -39.49
C PRO C 56 -41.62 -6.11 -40.80
N VAL C 57 -41.93 -5.28 -41.83
CA VAL C 57 -42.33 -5.77 -43.13
C VAL C 57 -41.02 -6.01 -43.90
N ARG C 58 -40.35 -4.91 -44.33
CA ARG C 58 -39.11 -4.94 -45.11
C ARG C 58 -37.90 -5.49 -44.35
N SER C 59 -37.54 -4.89 -43.17
CA SER C 59 -36.38 -5.27 -42.37
C SER C 59 -36.18 -6.79 -42.26
N GLY C 60 -34.99 -7.25 -42.65
CA GLY C 60 -34.63 -8.68 -42.59
C GLY C 60 -34.34 -9.17 -41.18
N VAL C 61 -34.65 -8.32 -40.19
CA VAL C 61 -34.47 -8.55 -38.76
C VAL C 61 -35.75 -8.17 -37.98
N ARG C 62 -35.88 -8.79 -36.84
CA ARG C 62 -36.99 -8.67 -35.92
C ARG C 62 -36.62 -7.75 -34.75
N VAL C 63 -35.37 -7.89 -34.28
CA VAL C 63 -34.71 -7.12 -33.23
C VAL C 63 -33.34 -6.84 -33.82
N LYS C 64 -33.02 -5.57 -34.06
CA LYS C 64 -31.74 -5.21 -34.64
C LYS C 64 -30.69 -4.94 -33.58
N THR C 65 -29.65 -5.79 -33.54
CA THR C 65 -28.55 -5.65 -32.60
C THR C 65 -27.46 -4.80 -33.25
N TYR C 66 -26.97 -3.79 -32.53
CA TYR C 66 -25.94 -2.89 -33.05
C TYR C 66 -24.66 -2.89 -32.24
N GLU C 67 -23.61 -2.28 -32.81
CA GLU C 67 -22.32 -2.07 -32.17
C GLU C 67 -22.34 -0.62 -31.62
N PRO C 68 -21.70 -0.33 -30.46
CA PRO C 68 -21.78 1.04 -29.87
C PRO C 68 -21.40 2.24 -30.76
N GLU C 69 -20.59 1.98 -31.80
CA GLU C 69 -20.03 2.94 -32.75
C GLU C 69 -20.74 2.84 -34.12
N ALA C 70 -22.05 2.60 -34.10
CA ALA C 70 -22.93 2.45 -35.28
C ALA C 70 -24.12 3.35 -35.05
N ILE C 71 -24.48 3.54 -33.77
CA ILE C 71 -25.59 4.37 -33.33
C ILE C 71 -25.15 5.43 -32.27
N TRP C 72 -25.98 6.50 -32.13
CA TRP C 72 -25.86 7.56 -31.14
C TRP C 72 -26.22 6.96 -29.77
N ILE C 73 -25.35 7.18 -28.79
CA ILE C 73 -25.53 6.71 -27.42
C ILE C 73 -25.31 7.89 -26.45
N PRO C 74 -26.25 8.14 -25.51
CA PRO C 74 -26.09 9.28 -24.58
C PRO C 74 -24.87 9.19 -23.66
N GLU C 75 -24.17 10.32 -23.50
CA GLU C 75 -22.98 10.41 -22.64
C GLU C 75 -23.39 10.49 -21.18
N ILE C 76 -23.53 9.30 -20.56
CA ILE C 76 -23.92 9.12 -19.15
C ILE C 76 -22.68 8.94 -18.29
N ARG C 77 -22.55 9.76 -17.25
CA ARG C 77 -21.40 9.73 -16.34
C ARG C 77 -21.83 9.66 -14.88
N PHE C 78 -20.87 9.38 -13.99
CA PHE C 78 -21.09 9.35 -12.55
C PHE C 78 -20.43 10.58 -11.96
N VAL C 79 -21.12 11.24 -11.02
CA VAL C 79 -20.61 12.48 -10.42
C VAL C 79 -19.51 12.19 -9.41
N ASN C 80 -19.86 11.45 -8.34
CA ASN C 80 -18.97 11.12 -7.24
C ASN C 80 -18.08 9.90 -7.49
N VAL C 81 -17.23 9.98 -8.52
CA VAL C 81 -16.26 8.93 -8.84
C VAL C 81 -14.82 9.49 -8.80
N GLU C 82 -13.82 8.61 -8.53
CA GLU C 82 -12.41 8.99 -8.48
C GLU C 82 -11.93 9.27 -9.91
N ASN C 83 -12.00 8.24 -10.76
CA ASN C 83 -11.67 8.28 -12.18
C ASN C 83 -12.92 7.76 -12.89
N ALA C 84 -12.98 7.87 -14.23
CA ALA C 84 -14.13 7.38 -14.99
C ALA C 84 -14.22 5.86 -14.87
N ARG C 85 -15.45 5.33 -14.85
CA ARG C 85 -15.74 3.90 -14.73
C ARG C 85 -15.19 3.02 -15.87
N ASP C 86 -14.81 1.77 -15.53
CA ASP C 86 -14.33 0.79 -16.50
C ASP C 86 -15.57 0.02 -16.91
N ALA C 87 -16.18 0.44 -18.02
CA ALA C 87 -17.40 -0.17 -18.54
C ALA C 87 -17.16 -0.97 -19.80
N ASP C 88 -17.86 -2.11 -19.92
CA ASP C 88 -17.80 -3.01 -21.08
C ASP C 88 -19.21 -3.24 -21.53
N VAL C 89 -19.56 -2.74 -22.73
CA VAL C 89 -20.90 -2.85 -23.31
C VAL C 89 -21.25 -4.33 -23.48
N VAL C 90 -22.40 -4.71 -22.90
CA VAL C 90 -22.91 -6.08 -22.91
C VAL C 90 -23.81 -6.27 -24.13
N ASP C 91 -24.85 -5.41 -24.28
CA ASP C 91 -25.80 -5.52 -25.39
C ASP C 91 -26.53 -4.22 -25.73
N ILE C 92 -26.71 -3.96 -27.03
CA ILE C 92 -27.47 -2.85 -27.60
C ILE C 92 -28.48 -3.49 -28.55
N SER C 93 -29.79 -3.28 -28.33
CA SER C 93 -30.79 -3.87 -29.22
C SER C 93 -31.95 -2.92 -29.50
N VAL C 94 -32.16 -2.61 -30.80
CA VAL C 94 -33.21 -1.71 -31.27
C VAL C 94 -34.48 -2.47 -31.65
N SER C 95 -35.59 -2.02 -31.08
CA SER C 95 -36.94 -2.52 -31.30
C SER C 95 -37.47 -1.73 -32.52
N PRO C 96 -38.43 -2.30 -33.31
CA PRO C 96 -38.94 -1.61 -34.52
C PRO C 96 -39.44 -0.16 -34.38
N ASP C 97 -39.93 0.27 -33.18
CA ASP C 97 -40.42 1.64 -32.87
C ASP C 97 -39.30 2.66 -32.71
N GLY C 98 -38.08 2.14 -32.62
CA GLY C 98 -36.84 2.90 -32.45
C GLY C 98 -36.25 2.86 -31.06
N THR C 99 -36.94 2.16 -30.14
CA THR C 99 -36.52 2.02 -28.76
C THR C 99 -35.21 1.24 -28.65
N VAL C 100 -34.17 1.92 -28.16
CA VAL C 100 -32.85 1.33 -27.96
C VAL C 100 -32.81 0.75 -26.55
N GLN C 101 -32.26 -0.45 -26.43
CA GLN C 101 -32.09 -1.10 -25.14
C GLN C 101 -30.63 -1.45 -24.96
N TYR C 102 -29.92 -0.51 -24.31
CA TYR C 102 -28.50 -0.54 -24.00
C TYR C 102 -28.27 -1.19 -22.62
N LEU C 103 -27.14 -1.90 -22.47
CA LEU C 103 -26.71 -2.54 -21.24
C LEU C 103 -25.21 -2.70 -21.25
N GLU C 104 -24.57 -2.27 -20.15
CA GLU C 104 -23.12 -2.36 -19.94
C GLU C 104 -22.85 -2.86 -18.53
N ARG C 105 -21.66 -3.46 -18.32
CA ARG C 105 -21.22 -3.91 -17.01
C ARG C 105 -20.03 -3.02 -16.64
N PHE C 106 -20.15 -2.25 -15.54
CA PHE C 106 -19.12 -1.30 -15.13
C PHE C 106 -18.59 -1.54 -13.72
N SER C 107 -17.37 -1.07 -13.45
CA SER C 107 -16.74 -1.12 -12.14
C SER C 107 -16.19 0.28 -11.87
N ALA C 108 -16.57 0.89 -10.73
CA ALA C 108 -16.14 2.25 -10.37
C ALA C 108 -15.82 2.41 -8.88
N ARG C 109 -14.91 3.34 -8.52
CA ARG C 109 -14.66 3.63 -7.10
C ARG C 109 -15.46 4.88 -6.72
N VAL C 110 -16.57 4.67 -6.02
CA VAL C 110 -17.49 5.73 -5.62
C VAL C 110 -17.00 6.44 -4.38
N LEU C 111 -17.15 7.77 -4.36
CA LEU C 111 -16.72 8.65 -3.28
C LEU C 111 -17.94 9.28 -2.57
N SER C 112 -18.46 8.56 -1.56
CA SER C 112 -19.62 8.96 -0.77
C SER C 112 -19.21 9.16 0.70
N PRO C 113 -19.42 10.39 1.26
CA PRO C 113 -19.03 10.65 2.66
C PRO C 113 -19.84 9.87 3.68
N LEU C 114 -19.26 9.72 4.89
CA LEU C 114 -19.88 9.00 6.00
C LEU C 114 -20.01 9.87 7.26
N ASP C 115 -21.01 9.55 8.12
CA ASP C 115 -21.29 10.22 9.40
C ASP C 115 -20.81 9.27 10.51
N PHE C 116 -19.70 9.62 11.16
CA PHE C 116 -19.09 8.79 12.19
C PHE C 116 -19.54 9.10 13.61
N ARG C 117 -20.54 9.98 13.79
CA ARG C 117 -21.04 10.36 15.12
C ARG C 117 -21.49 9.16 15.97
N ARG C 118 -22.38 8.29 15.44
CA ARG C 118 -22.92 7.12 16.15
C ARG C 118 -22.05 5.85 16.05
N TYR C 119 -20.82 5.96 15.51
CA TYR C 119 -19.85 4.87 15.37
C TYR C 119 -19.51 4.25 16.76
N PRO C 120 -19.40 2.88 16.88
CA PRO C 120 -19.53 1.86 15.82
C PRO C 120 -20.93 1.28 15.66
N PHE C 121 -21.96 2.04 16.07
CA PHE C 121 -23.36 1.62 15.96
C PHE C 121 -24.07 2.26 14.77
N ASP C 122 -23.34 3.14 14.04
CA ASP C 122 -23.74 3.91 12.86
C ASP C 122 -24.41 3.12 11.72
N SER C 123 -25.10 3.89 10.86
CA SER C 123 -25.76 3.45 9.64
C SER C 123 -25.45 4.50 8.57
N GLN C 124 -25.18 4.04 7.36
CA GLN C 124 -24.85 4.94 6.27
C GLN C 124 -25.78 4.82 5.07
N THR C 125 -25.80 5.88 4.25
CA THR C 125 -26.53 6.00 3.01
C THR C 125 -25.47 6.36 1.98
N LEU C 126 -25.11 5.38 1.18
CA LEU C 126 -24.13 5.54 0.12
C LEU C 126 -24.85 6.09 -1.12
N HIS C 127 -24.17 6.97 -1.85
CA HIS C 127 -24.77 7.64 -2.98
C HIS C 127 -24.03 7.36 -4.26
N ILE C 128 -24.77 7.12 -5.34
CA ILE C 128 -24.23 6.88 -6.69
C ILE C 128 -25.01 7.87 -7.58
N TYR C 129 -24.33 8.94 -8.03
CA TYR C 129 -24.98 9.97 -8.82
C TYR C 129 -24.77 9.84 -10.31
N LEU C 130 -25.86 9.50 -11.03
CA LEU C 130 -25.88 9.39 -12.50
C LEU C 130 -26.14 10.76 -13.07
N ILE C 131 -25.39 11.15 -14.09
CA ILE C 131 -25.57 12.45 -14.72
C ILE C 131 -25.52 12.36 -16.27
N VAL C 132 -26.27 13.25 -16.94
CA VAL C 132 -26.32 13.40 -18.40
C VAL C 132 -26.28 14.90 -18.76
N ARG C 133 -25.35 15.28 -19.62
CA ARG C 133 -25.28 16.68 -20.03
C ARG C 133 -26.04 16.86 -21.34
N SER C 134 -27.09 17.73 -21.30
CA SER C 134 -27.93 18.09 -22.45
C SER C 134 -27.07 18.66 -23.57
N VAL C 135 -27.47 18.43 -24.83
CA VAL C 135 -26.68 18.86 -25.98
C VAL C 135 -27.40 19.95 -26.79
N ASP C 136 -26.68 20.55 -27.77
CA ASP C 136 -27.05 21.63 -28.69
C ASP C 136 -28.47 21.52 -29.27
N THR C 137 -28.75 20.43 -30.02
CA THR C 137 -30.04 20.20 -30.69
C THR C 137 -31.15 19.69 -29.76
N ARG C 138 -30.84 18.74 -28.85
CA ARG C 138 -31.83 18.14 -27.95
C ARG C 138 -31.37 18.16 -26.48
N ASN C 139 -32.29 18.53 -25.57
CA ASN C 139 -32.04 18.51 -24.13
C ASN C 139 -32.34 17.09 -23.59
N ILE C 140 -31.48 16.58 -22.68
CA ILE C 140 -31.63 15.22 -22.16
C ILE C 140 -31.94 15.21 -20.64
N VAL C 141 -32.96 14.41 -20.27
CA VAL C 141 -33.45 14.21 -18.91
C VAL C 141 -33.39 12.70 -18.50
N LEU C 142 -33.01 12.41 -17.24
CA LEU C 142 -32.92 11.05 -16.74
C LEU C 142 -34.21 10.55 -16.07
N ALA C 143 -34.44 9.23 -16.08
CA ALA C 143 -35.61 8.59 -15.49
C ALA C 143 -35.23 7.27 -14.82
N VAL C 144 -36.06 6.76 -13.87
CA VAL C 144 -35.80 5.52 -13.16
C VAL C 144 -36.77 4.40 -13.53
N ASP C 145 -36.23 3.33 -14.14
CA ASP C 145 -36.97 2.12 -14.50
C ASP C 145 -36.72 1.19 -13.32
N LEU C 146 -37.64 1.19 -12.32
CA LEU C 146 -37.50 0.43 -11.07
C LEU C 146 -37.49 -1.11 -11.21
N GLU C 147 -37.74 -1.61 -12.40
CA GLU C 147 -37.72 -3.04 -12.72
C GLU C 147 -36.29 -3.51 -12.97
N LYS C 148 -35.38 -2.55 -13.31
CA LYS C 148 -33.97 -2.84 -13.56
C LYS C 148 -33.04 -2.09 -12.57
N VAL C 149 -33.56 -1.82 -11.34
CA VAL C 149 -32.84 -1.20 -10.21
C VAL C 149 -32.90 -2.22 -9.06
N GLY C 150 -31.80 -2.94 -8.88
CA GLY C 150 -31.72 -3.97 -7.86
C GLY C 150 -30.31 -4.35 -7.47
N LYS C 151 -30.20 -5.50 -6.79
CA LYS C 151 -28.93 -6.04 -6.32
C LYS C 151 -28.97 -7.56 -6.28
N ASN C 152 -27.82 -8.17 -6.57
CA ASN C 152 -27.62 -9.62 -6.53
C ASN C 152 -27.80 -10.06 -5.08
N ASP C 153 -28.42 -11.23 -4.89
CA ASP C 153 -28.71 -11.81 -3.58
C ASP C 153 -27.39 -11.98 -2.77
N ASP C 154 -26.33 -12.46 -3.45
CA ASP C 154 -25.00 -12.75 -2.91
C ASP C 154 -24.17 -11.54 -2.47
N VAL C 155 -24.50 -10.29 -2.96
CA VAL C 155 -23.78 -9.04 -2.65
C VAL C 155 -23.44 -8.96 -1.15
N PHE C 156 -22.12 -8.86 -0.84
CA PHE C 156 -21.64 -8.78 0.54
C PHE C 156 -20.65 -7.64 0.77
N LEU C 157 -20.94 -6.82 1.77
CA LEU C 157 -20.07 -5.73 2.18
C LEU C 157 -19.63 -6.08 3.61
N THR C 158 -18.40 -6.63 3.76
CA THR C 158 -17.82 -7.12 5.03
C THR C 158 -17.98 -6.11 6.17
N GLY C 159 -18.55 -6.57 7.29
CA GLY C 159 -18.81 -5.74 8.46
C GLY C 159 -20.03 -4.84 8.40
N TRP C 160 -20.83 -4.94 7.33
CA TRP C 160 -22.04 -4.14 7.13
C TRP C 160 -23.20 -5.01 6.71
N ASP C 161 -24.42 -4.55 7.02
CA ASP C 161 -25.65 -5.23 6.62
C ASP C 161 -26.28 -4.36 5.54
N ILE C 162 -26.34 -4.88 4.29
CA ILE C 162 -26.92 -4.15 3.16
C ILE C 162 -28.44 -4.13 3.37
N GLU C 163 -28.99 -2.93 3.63
CA GLU C 163 -30.41 -2.71 3.89
C GLU C 163 -31.20 -2.61 2.56
N SER C 164 -30.83 -1.67 1.66
CA SER C 164 -31.57 -1.48 0.42
C SER C 164 -30.76 -0.75 -0.63
N PHE C 165 -31.08 -0.98 -1.91
CA PHE C 165 -30.51 -0.26 -3.03
C PHE C 165 -31.67 0.29 -3.84
N THR C 166 -31.90 1.60 -3.72
CA THR C 166 -33.03 2.29 -4.36
C THR C 166 -32.53 3.51 -5.13
N ALA C 167 -33.46 4.22 -5.77
CA ALA C 167 -33.17 5.42 -6.51
C ALA C 167 -34.27 6.46 -6.27
N VAL C 168 -33.87 7.73 -6.11
CA VAL C 168 -34.81 8.85 -5.95
C VAL C 168 -35.28 9.13 -7.38
N VAL C 169 -36.52 8.69 -7.68
CA VAL C 169 -37.20 8.73 -8.99
C VAL C 169 -37.18 10.10 -9.67
N LYS C 170 -37.37 11.18 -8.89
CA LYS C 170 -37.35 12.53 -9.46
C LYS C 170 -35.90 12.99 -9.67
N PRO C 171 -35.48 13.26 -10.93
CA PRO C 171 -34.10 13.70 -11.15
C PRO C 171 -33.88 15.16 -10.76
N ALA C 172 -32.62 15.51 -10.49
CA ALA C 172 -32.22 16.86 -10.14
C ALA C 172 -31.76 17.56 -11.42
N ASN C 173 -32.68 18.32 -12.04
CA ASN C 173 -32.38 19.07 -13.26
C ASN C 173 -31.87 20.46 -12.86
N PHE C 174 -30.69 20.84 -13.38
CA PHE C 174 -30.05 22.12 -13.07
C PHE C 174 -29.18 22.62 -14.22
N ALA C 175 -28.69 23.86 -14.10
CA ALA C 175 -27.81 24.48 -15.10
C ALA C 175 -26.38 24.39 -14.62
N LEU C 176 -25.47 24.07 -15.54
CA LEU C 176 -24.02 23.96 -15.29
C LEU C 176 -23.27 24.30 -16.59
N GLU C 177 -22.41 25.33 -16.52
CA GLU C 177 -21.59 25.86 -17.61
C GLU C 177 -22.41 26.05 -18.92
N ASP C 178 -23.49 26.84 -18.81
CA ASP C 178 -24.44 27.24 -19.87
C ASP C 178 -25.28 26.08 -20.48
N ARG C 179 -25.34 24.91 -19.83
CA ARG C 179 -26.13 23.76 -20.30
C ARG C 179 -26.82 23.00 -19.15
N LEU C 180 -27.97 22.39 -19.45
CA LEU C 180 -28.78 21.61 -18.50
C LEU C 180 -28.13 20.27 -18.20
N GLU C 181 -28.25 19.81 -16.95
CA GLU C 181 -27.75 18.52 -16.46
C GLU C 181 -28.93 17.83 -15.73
N SER C 182 -29.00 16.49 -15.81
CA SER C 182 -30.05 15.72 -15.15
C SER C 182 -29.34 14.70 -14.27
N LYS C 183 -29.46 14.85 -12.94
CA LYS C 183 -28.78 14.03 -11.94
C LYS C 183 -29.75 13.06 -11.24
N LEU C 184 -29.37 11.79 -11.08
CA LEU C 184 -30.19 10.80 -10.40
C LEU C 184 -29.49 10.28 -9.15
N ASP C 185 -30.24 10.16 -8.05
CA ASP C 185 -29.68 9.70 -6.78
C ASP C 185 -29.96 8.21 -6.50
N TYR C 186 -28.92 7.36 -6.67
CA TYR C 186 -28.99 5.94 -6.36
C TYR C 186 -28.45 5.80 -4.94
N GLN C 187 -29.32 5.42 -4.01
CA GLN C 187 -28.99 5.29 -2.61
C GLN C 187 -28.81 3.85 -2.15
N LEU C 188 -27.68 3.57 -1.50
CA LEU C 188 -27.36 2.26 -0.94
C LEU C 188 -27.28 2.36 0.60
N ARG C 189 -28.36 1.94 1.28
CA ARG C 189 -28.43 1.96 2.74
C ARG C 189 -27.76 0.76 3.36
N ILE C 190 -26.82 1.03 4.27
CA ILE C 190 -26.03 0.03 4.98
C ILE C 190 -26.03 0.33 6.48
N SER C 191 -25.95 -0.72 7.33
CA SER C 191 -25.90 -0.58 8.80
C SER C 191 -24.78 -1.44 9.36
N ARG C 192 -23.88 -0.84 10.14
CA ARG C 192 -22.71 -1.52 10.70
C ARG C 192 -23.02 -2.68 11.65
N GLN C 193 -22.27 -3.80 11.49
CA GLN C 193 -22.31 -5.01 12.30
C GLN C 193 -21.39 -4.75 13.51
N TYR C 194 -21.99 -4.29 14.63
CA TYR C 194 -21.26 -3.88 15.83
C TYR C 194 -20.98 -4.98 16.88
N PHE C 195 -21.33 -6.26 16.62
CA PHE C 195 -21.11 -7.33 17.60
C PHE C 195 -19.68 -7.36 18.11
N SER C 196 -18.72 -7.61 17.21
CA SER C 196 -17.28 -7.69 17.45
C SER C 196 -16.73 -6.62 18.42
N TYR C 197 -17.20 -5.36 18.30
CA TYR C 197 -16.78 -4.22 19.11
C TYR C 197 -16.93 -4.42 20.61
N ILE C 198 -18.01 -5.10 21.05
CA ILE C 198 -18.29 -5.33 22.47
C ILE C 198 -17.23 -6.24 23.13
N PRO C 199 -17.03 -7.51 22.72
CA PRO C 199 -16.01 -8.33 23.40
C PRO C 199 -14.56 -8.10 22.97
N ASN C 200 -14.34 -7.56 21.76
CA ASN C 200 -12.99 -7.34 21.24
C ASN C 200 -12.38 -5.98 21.55
N ILE C 201 -13.20 -4.91 21.56
CA ILE C 201 -12.67 -3.57 21.81
C ILE C 201 -13.18 -2.95 23.13
N ILE C 202 -14.51 -2.79 23.27
CA ILE C 202 -15.17 -2.16 24.42
C ILE C 202 -14.82 -2.83 25.75
N LEU C 203 -15.11 -4.13 25.91
CA LEU C 203 -14.84 -4.86 27.16
C LEU C 203 -13.35 -4.90 27.59
N PRO C 204 -12.35 -5.29 26.74
CA PRO C 204 -10.95 -5.26 27.22
C PRO C 204 -10.50 -3.86 27.60
N MET C 205 -10.96 -2.82 26.84
CA MET C 205 -10.65 -1.42 27.14
C MET C 205 -11.30 -0.94 28.44
N LEU C 206 -12.38 -1.60 28.86
CA LEU C 206 -13.02 -1.24 30.11
C LEU C 206 -12.34 -1.91 31.26
N PHE C 207 -11.84 -3.14 31.06
CA PHE C 207 -11.13 -3.91 32.08
C PHE C 207 -9.86 -3.18 32.55
N ILE C 208 -9.03 -2.65 31.59
CA ILE C 208 -7.79 -1.91 31.86
C ILE C 208 -8.08 -0.69 32.72
N LEU C 209 -9.17 0.05 32.42
CA LEU C 209 -9.61 1.22 33.18
C LEU C 209 -10.09 0.81 34.56
N PHE C 210 -10.77 -0.36 34.68
CA PHE C 210 -11.23 -0.84 35.97
C PHE C 210 -10.07 -1.24 36.86
N ILE C 211 -8.97 -1.80 36.27
CA ILE C 211 -7.75 -2.18 36.99
C ILE C 211 -7.18 -0.97 37.73
N SER C 212 -7.13 0.22 37.05
CA SER C 212 -6.61 1.43 37.68
C SER C 212 -7.38 1.80 38.96
N TRP C 213 -8.69 1.59 38.96
CA TRP C 213 -9.53 1.91 40.12
C TRP C 213 -9.26 1.05 41.36
N THR C 214 -8.40 0.02 41.26
CA THR C 214 -8.07 -0.78 42.42
C THR C 214 -7.16 0.00 43.40
N ALA C 215 -6.57 1.13 42.92
CA ALA C 215 -5.71 2.03 43.70
C ALA C 215 -6.50 2.76 44.80
N PHE C 216 -7.84 2.59 44.79
CA PHE C 216 -8.73 3.15 45.80
C PHE C 216 -8.89 2.20 46.99
N TRP C 217 -8.23 1.03 46.94
CA TRP C 217 -8.22 0.01 48.00
C TRP C 217 -6.79 -0.25 48.46
N SER C 218 -5.86 0.66 48.11
CA SER C 218 -4.45 0.57 48.47
C SER C 218 -3.97 1.91 49.07
N THR C 219 -2.95 1.84 49.94
CA THR C 219 -2.31 2.99 50.60
C THR C 219 -0.83 3.10 50.18
N SER C 220 -0.37 2.10 49.40
CA SER C 220 0.99 1.99 48.87
C SER C 220 1.12 2.87 47.65
N TYR C 221 1.77 4.06 47.81
CA TYR C 221 1.98 5.02 46.71
C TYR C 221 2.72 4.37 45.56
N GLU C 222 3.71 3.50 45.86
CA GLU C 222 4.48 2.75 44.86
C GLU C 222 3.56 1.87 44.03
N ALA C 223 2.65 1.13 44.71
CA ALA C 223 1.68 0.25 44.06
C ALA C 223 0.67 1.04 43.23
N ASN C 224 0.17 2.17 43.80
CA ASN C 224 -0.78 3.08 43.17
C ASN C 224 -0.21 3.74 41.91
N VAL C 225 1.07 4.21 41.97
CA VAL C 225 1.79 4.82 40.85
C VAL C 225 1.85 3.80 39.72
N THR C 226 2.34 2.57 40.03
CA THR C 226 2.44 1.45 39.07
C THR C 226 1.05 1.13 38.48
N LEU C 227 0.00 1.04 39.34
CA LEU C 227 -1.37 0.76 38.88
C LEU C 227 -1.90 1.77 37.86
N VAL C 228 -2.05 3.05 38.24
CA VAL C 228 -2.60 4.08 37.36
C VAL C 228 -1.71 4.36 36.14
N VAL C 229 -0.37 4.46 36.32
CA VAL C 229 0.51 4.77 35.19
C VAL C 229 0.62 3.58 34.23
N SER C 230 0.89 2.34 34.73
CA SER C 230 1.00 1.14 33.87
C SER C 230 -0.28 0.86 33.07
N THR C 231 -1.48 1.01 33.69
CA THR C 231 -2.75 0.81 32.99
C THR C 231 -2.93 1.86 31.90
N LEU C 232 -2.46 3.11 32.15
CA LEU C 232 -2.51 4.16 31.13
C LEU C 232 -1.69 3.73 29.90
N ILE C 233 -0.49 3.14 30.13
CA ILE C 233 0.40 2.60 29.09
C ILE C 233 -0.29 1.44 28.37
N ALA C 234 -0.96 0.54 29.14
CA ALA C 234 -1.71 -0.60 28.57
C ALA C 234 -2.84 -0.10 27.67
N HIS C 235 -3.56 0.95 28.11
CA HIS C 235 -4.66 1.59 27.38
C HIS C 235 -4.19 2.04 25.99
N ILE C 236 -3.12 2.87 25.94
CA ILE C 236 -2.54 3.41 24.70
C ILE C 236 -2.11 2.27 23.77
N ALA C 237 -1.42 1.24 24.35
CA ALA C 237 -0.95 0.04 23.63
C ALA C 237 -2.15 -0.70 23.03
N PHE C 238 -3.25 -0.83 23.82
CA PHE C 238 -4.45 -1.51 23.36
C PHE C 238 -5.05 -0.76 22.18
N ASN C 239 -5.14 0.58 22.27
CA ASN C 239 -5.66 1.40 21.20
C ASN C 239 -4.79 1.32 19.94
N ILE C 240 -3.45 1.20 20.09
CA ILE C 240 -2.50 0.99 18.99
C ILE C 240 -2.88 -0.34 18.33
N LEU C 241 -3.06 -1.42 19.14
CA LEU C 241 -3.44 -2.75 18.67
C LEU C 241 -4.73 -2.73 17.88
N VAL C 242 -5.78 -2.15 18.47
CA VAL C 242 -7.15 -2.05 17.95
C VAL C 242 -7.23 -1.06 16.75
N GLY C 243 -6.10 -0.72 16.16
CA GLY C 243 -6.01 0.21 15.02
C GLY C 243 -6.62 1.58 15.24
N THR C 244 -6.78 2.32 14.15
CA THR C 244 -7.40 3.65 14.00
C THR C 244 -7.94 3.72 12.54
N ASN C 245 -9.23 3.33 12.32
CA ASN C 245 -9.75 3.33 10.94
C ASN C 245 -10.75 4.51 10.59
N LEU C 246 -10.73 5.64 11.32
CA LEU C 246 -11.61 6.78 11.07
C LEU C 246 -10.83 8.06 10.66
N PRO C 247 -11.38 8.90 9.77
CA PRO C 247 -10.67 10.15 9.43
C PRO C 247 -10.81 11.26 10.49
N LYS C 248 -10.24 12.44 10.22
CA LYS C 248 -10.32 13.54 11.16
C LYS C 248 -11.62 14.27 10.78
N THR C 249 -12.57 14.22 11.72
CA THR C 249 -13.91 14.77 11.58
C THR C 249 -14.00 16.19 12.19
N PRO C 250 -14.78 17.12 11.57
CA PRO C 250 -14.94 18.46 12.18
C PRO C 250 -15.78 18.43 13.47
N TYR C 251 -16.72 17.46 13.53
CA TYR C 251 -17.65 17.18 14.61
C TYR C 251 -17.05 16.22 15.66
N MET C 252 -17.83 15.93 16.72
CA MET C 252 -17.43 15.01 17.78
C MET C 252 -18.19 13.68 17.63
N THR C 253 -17.45 12.58 17.82
CA THR C 253 -17.92 11.19 17.73
C THR C 253 -18.35 10.69 19.12
N TYR C 254 -19.26 9.68 19.15
CA TYR C 254 -19.70 9.04 20.38
C TYR C 254 -18.46 8.37 20.97
N THR C 255 -17.69 7.61 20.13
CA THR C 255 -16.45 6.95 20.53
C THR C 255 -15.36 7.97 20.86
N GLY C 256 -15.34 9.07 20.13
CA GLY C 256 -14.39 10.15 20.33
C GLY C 256 -14.44 10.74 21.72
N ALA C 257 -15.69 11.03 22.17
CA ALA C 257 -15.99 11.58 23.49
C ALA C 257 -15.63 10.61 24.61
N ILE C 258 -16.03 9.32 24.49
CA ILE C 258 -15.75 8.27 25.48
C ILE C 258 -14.24 8.12 25.71
N ILE C 259 -13.44 8.07 24.61
CA ILE C 259 -11.98 7.97 24.65
C ILE C 259 -11.38 9.13 25.46
N PHE C 260 -11.74 10.39 25.10
CA PHE C 260 -11.29 11.59 25.81
C PHE C 260 -11.60 11.45 27.31
N MET C 261 -12.82 11.00 27.64
CA MET C 261 -13.29 10.78 29.01
C MET C 261 -12.37 9.81 29.76
N ILE C 262 -11.97 8.70 29.08
CA ILE C 262 -11.07 7.68 29.63
C ILE C 262 -9.69 8.29 29.96
N TYR C 263 -9.14 9.16 29.07
CA TYR C 263 -7.86 9.84 29.32
C TYR C 263 -7.98 10.81 30.49
N LEU C 264 -9.15 11.46 30.62
CA LEU C 264 -9.44 12.34 31.75
C LEU C 264 -9.52 11.54 33.06
N PHE C 265 -10.14 10.33 33.02
CA PHE C 265 -10.29 9.39 34.13
C PHE C 265 -8.95 8.83 34.62
N TYR C 266 -7.93 8.78 33.74
CA TYR C 266 -6.58 8.34 34.09
C TYR C 266 -5.90 9.47 34.81
N PHE C 267 -6.14 10.70 34.35
CA PHE C 267 -5.58 11.91 34.93
C PHE C 267 -6.15 12.15 36.31
N VAL C 268 -7.47 12.07 36.47
CA VAL C 268 -8.13 12.27 37.75
C VAL C 268 -7.65 11.25 38.77
N ALA C 269 -7.54 9.97 38.37
CA ALA C 269 -7.05 8.89 39.23
C ALA C 269 -5.65 9.18 39.75
N VAL C 270 -4.77 9.74 38.90
CA VAL C 270 -3.40 10.12 39.28
C VAL C 270 -3.51 11.20 40.37
N ILE C 271 -4.32 12.27 40.11
CA ILE C 271 -4.54 13.36 41.07
C ILE C 271 -4.93 12.79 42.43
N GLU C 272 -5.95 11.88 42.46
CA GLU C 272 -6.42 11.21 43.69
C GLU C 272 -5.26 10.53 44.42
N VAL C 273 -4.50 9.65 43.71
CA VAL C 273 -3.36 8.90 44.22
C VAL C 273 -2.32 9.85 44.84
N THR C 274 -2.08 10.97 44.14
CA THR C 274 -1.14 12.01 44.56
C THR C 274 -1.66 12.74 45.83
N VAL C 275 -2.95 13.13 45.83
CA VAL C 275 -3.65 13.81 46.92
C VAL C 275 -3.65 12.95 48.17
N GLN C 276 -4.13 11.69 48.07
CA GLN C 276 -4.17 10.70 49.16
C GLN C 276 -2.78 10.59 49.81
N HIS C 277 -1.73 10.42 48.97
CA HIS C 277 -0.35 10.32 49.42
C HIS C 277 0.13 11.59 50.14
N TYR C 278 -0.09 12.78 49.54
CA TYR C 278 0.38 14.02 50.17
C TYR C 278 -0.25 14.26 51.55
N LEU C 279 -1.57 14.01 51.71
CA LEU C 279 -2.25 14.15 52.99
C LEU C 279 -1.71 13.18 54.03
N LYS C 280 -1.49 11.92 53.62
CA LYS C 280 -0.98 10.84 54.45
C LYS C 280 0.41 11.21 55.00
N VAL C 281 1.28 11.74 54.12
CA VAL C 281 2.64 12.17 54.47
C VAL C 281 2.59 13.47 55.33
N GLU C 282 1.63 14.38 55.06
CA GLU C 282 1.45 15.63 55.81
C GLU C 282 0.57 15.43 57.05
N SER C 283 0.60 14.20 57.63
CA SER C 283 -0.10 13.75 58.84
C SER C 283 -1.59 14.14 58.90
N GLN C 284 -2.35 13.80 57.86
CA GLN C 284 -3.80 13.99 57.77
C GLN C 284 -4.39 12.67 57.21
N PRO C 285 -4.34 11.56 57.98
CA PRO C 285 -4.80 10.27 57.45
C PRO C 285 -6.30 10.13 57.28
N ALA C 286 -7.10 10.91 58.04
CA ALA C 286 -8.56 10.90 57.97
C ALA C 286 -9.04 11.42 56.61
N ARG C 287 -8.43 12.54 56.14
CA ARG C 287 -8.73 13.19 54.86
C ARG C 287 -8.26 12.30 53.72
N ALA C 288 -7.04 11.73 53.88
CA ALA C 288 -6.44 10.82 52.93
C ALA C 288 -7.33 9.61 52.78
N ALA C 289 -7.84 9.04 53.90
CA ALA C 289 -8.73 7.88 53.88
C ALA C 289 -10.13 8.20 53.35
N SER C 290 -10.72 9.35 53.73
CA SER C 290 -12.05 9.75 53.28
C SER C 290 -12.09 9.94 51.76
N ILE C 291 -11.05 10.58 51.18
CA ILE C 291 -10.93 10.80 49.75
C ILE C 291 -10.87 9.47 49.01
N THR C 292 -10.01 8.52 49.47
CA THR C 292 -9.87 7.19 48.87
C THR C 292 -11.18 6.40 48.92
N ARG C 293 -11.85 6.37 50.10
CA ARG C 293 -13.13 5.67 50.32
C ARG C 293 -14.22 6.20 49.40
N ALA C 294 -14.28 7.53 49.21
CA ALA C 294 -15.28 8.22 48.37
C ALA C 294 -15.09 7.83 46.93
N SER C 295 -13.84 7.93 46.43
CA SER C 295 -13.39 7.60 45.09
C SER C 295 -13.83 6.22 44.63
N ARG C 296 -13.91 5.24 45.57
CA ARG C 296 -14.35 3.86 45.36
C ARG C 296 -15.76 3.80 44.76
N ILE C 297 -16.64 4.74 45.18
CA ILE C 297 -18.03 4.90 44.73
C ILE C 297 -18.10 5.98 43.64
N ALA C 298 -17.38 7.12 43.87
CA ALA C 298 -17.33 8.27 42.96
C ALA C 298 -16.96 7.90 41.52
N PHE C 299 -15.73 7.37 41.30
CA PHE C 299 -15.19 6.99 40.00
C PHE C 299 -16.15 6.09 39.20
N PRO C 300 -16.68 4.94 39.71
CA PRO C 300 -17.61 4.14 38.89
C PRO C 300 -18.96 4.81 38.62
N VAL C 301 -19.54 5.47 39.65
CA VAL C 301 -20.84 6.16 39.52
C VAL C 301 -20.76 7.29 38.49
N VAL C 302 -19.76 8.20 38.63
CA VAL C 302 -19.54 9.30 37.67
C VAL C 302 -19.37 8.72 36.26
N PHE C 303 -18.51 7.68 36.10
CA PHE C 303 -18.28 7.03 34.80
C PHE C 303 -19.58 6.52 34.20
N LEU C 304 -20.39 5.82 35.01
CA LEU C 304 -21.69 5.28 34.59
C LEU C 304 -22.63 6.37 34.09
N LEU C 305 -22.84 7.45 34.88
CA LEU C 305 -23.70 8.59 34.53
C LEU C 305 -23.19 9.33 33.29
N ALA C 306 -21.88 9.63 33.22
CA ALA C 306 -21.27 10.30 32.08
C ALA C 306 -21.51 9.51 30.77
N ASN C 307 -21.36 8.18 30.81
CA ASN C 307 -21.62 7.31 29.66
C ASN C 307 -23.08 7.32 29.25
N ILE C 308 -24.01 7.38 30.26
CA ILE C 308 -25.46 7.45 30.08
C ILE C 308 -25.82 8.78 29.41
N ILE C 309 -25.25 9.91 29.90
CA ILE C 309 -25.47 11.26 29.34
C ILE C 309 -25.02 11.30 27.87
N LEU C 310 -23.78 10.84 27.60
CA LEU C 310 -23.21 10.80 26.24
C LEU C 310 -24.06 9.95 25.32
N ALA C 311 -24.41 8.71 25.75
CA ALA C 311 -25.24 7.77 25.00
C ALA C 311 -26.54 8.44 24.60
N PHE C 312 -27.17 9.15 25.57
CA PHE C 312 -28.40 9.89 25.38
C PHE C 312 -28.23 10.97 24.33
N LEU C 313 -27.17 11.80 24.45
CA LEU C 313 -26.85 12.88 23.51
C LEU C 313 -26.59 12.42 22.10
N PHE C 314 -25.93 11.26 21.90
CA PHE C 314 -25.62 10.73 20.56
C PHE C 314 -26.74 9.87 19.96
N PHE C 315 -27.55 9.23 20.82
CA PHE C 315 -28.64 8.34 20.40
C PHE C 315 -29.94 8.72 21.13
N VAL D 5 -20.83 -10.41 -36.99
CA VAL D 5 -21.13 -11.83 -36.75
C VAL D 5 -22.02 -12.03 -35.47
N SER D 6 -23.20 -12.72 -35.65
CA SER D 6 -24.02 -13.04 -34.50
C SER D 6 -24.07 -14.60 -34.27
N PRO D 7 -24.84 -15.17 -33.30
CA PRO D 7 -24.74 -16.61 -33.03
C PRO D 7 -25.28 -17.56 -34.05
N PRO D 8 -24.73 -18.82 -34.04
CA PRO D 8 -25.26 -19.87 -34.94
C PRO D 8 -26.75 -20.15 -34.69
N PRO D 9 -27.55 -20.26 -35.76
CA PRO D 9 -28.98 -20.55 -35.61
C PRO D 9 -29.30 -21.97 -35.17
N PRO D 10 -30.41 -22.27 -34.46
CA PRO D 10 -30.63 -23.69 -34.05
C PRO D 10 -31.20 -24.57 -35.18
N ILE D 11 -31.11 -25.92 -35.07
CA ILE D 11 -31.77 -26.80 -36.08
C ILE D 11 -33.28 -26.77 -35.85
N ALA D 12 -33.67 -26.71 -34.56
CA ALA D 12 -35.05 -26.70 -34.12
C ALA D 12 -35.33 -25.44 -33.30
N ASP D 13 -35.05 -25.50 -31.98
CA ASP D 13 -35.28 -24.44 -30.99
C ASP D 13 -34.29 -24.66 -29.81
N GLU D 14 -33.37 -25.63 -29.96
CA GLU D 14 -32.36 -26.02 -28.97
C GLU D 14 -31.40 -24.87 -28.59
N PRO D 15 -31.00 -24.76 -27.30
CA PRO D 15 -30.06 -23.69 -26.94
C PRO D 15 -28.63 -24.07 -27.29
N LEU D 16 -27.73 -23.08 -27.38
CA LEU D 16 -26.33 -23.37 -27.67
C LEU D 16 -25.57 -23.77 -26.40
N THR D 17 -25.01 -24.97 -26.41
CA THR D 17 -24.25 -25.51 -25.29
C THR D 17 -22.77 -25.18 -25.46
N VAL D 18 -22.26 -24.38 -24.52
CA VAL D 18 -20.85 -24.00 -24.49
C VAL D 18 -20.21 -24.84 -23.40
N ASN D 19 -19.38 -25.81 -23.81
CA ASN D 19 -18.64 -26.69 -22.91
C ASN D 19 -17.46 -25.88 -22.37
N THR D 20 -17.30 -25.87 -21.04
CA THR D 20 -16.27 -25.10 -20.35
C THR D 20 -15.22 -25.98 -19.63
N GLY D 21 -14.11 -25.37 -19.26
CA GLY D 21 -13.01 -26.01 -18.56
C GLY D 21 -11.97 -25.03 -18.06
N ILE D 22 -11.75 -25.00 -16.74
CA ILE D 22 -10.75 -24.13 -16.14
C ILE D 22 -9.58 -25.00 -15.67
N TYR D 23 -8.35 -24.70 -16.12
CA TYR D 23 -7.14 -25.42 -15.71
C TYR D 23 -6.18 -24.45 -14.98
N LEU D 24 -6.05 -24.61 -13.64
CA LEU D 24 -5.19 -23.75 -12.80
C LEU D 24 -3.72 -23.92 -13.10
N ILE D 25 -3.05 -22.79 -13.39
CA ILE D 25 -1.62 -22.76 -13.69
C ILE D 25 -0.91 -22.23 -12.46
N GLU D 26 -1.29 -21.02 -12.03
CA GLU D 26 -0.76 -20.34 -10.85
C GLU D 26 -1.91 -19.88 -10.00
N CYS D 27 -1.79 -20.11 -8.71
CA CYS D 27 -2.77 -19.69 -7.74
C CYS D 27 -1.98 -19.13 -6.59
N TYR D 28 -2.33 -17.91 -6.15
CA TYR D 28 -1.58 -17.13 -5.17
C TYR D 28 -2.41 -16.00 -4.53
N SER D 29 -1.73 -15.12 -3.77
CA SER D 29 -2.20 -13.89 -3.11
C SER D 29 -3.60 -13.99 -2.50
N LEU D 30 -3.79 -14.95 -1.58
CA LEU D 30 -5.04 -15.11 -0.83
C LEU D 30 -5.02 -14.12 0.34
N ASP D 31 -5.78 -13.01 0.19
CA ASP D 31 -5.91 -11.95 1.18
C ASP D 31 -7.07 -12.27 2.13
N ASP D 32 -6.73 -12.77 3.33
CA ASP D 32 -7.70 -13.13 4.36
C ASP D 32 -8.66 -11.98 4.69
N LYS D 33 -8.09 -10.78 4.92
CA LYS D 33 -8.81 -9.55 5.25
C LYS D 33 -9.76 -9.12 4.12
N ALA D 34 -9.32 -9.22 2.86
CA ALA D 34 -10.15 -8.82 1.71
C ALA D 34 -11.05 -9.90 1.14
N GLU D 35 -10.83 -11.17 1.56
CA GLU D 35 -11.53 -12.38 1.10
C GLU D 35 -11.44 -12.49 -0.45
N THR D 36 -10.21 -12.25 -0.97
CA THR D 36 -9.88 -12.32 -2.39
C THR D 36 -8.66 -13.21 -2.57
N PHE D 37 -8.54 -13.80 -3.76
CA PHE D 37 -7.38 -14.60 -4.15
C PHE D 37 -7.12 -14.33 -5.63
N LYS D 38 -5.87 -14.43 -6.04
CA LYS D 38 -5.52 -14.19 -7.43
C LYS D 38 -5.30 -15.54 -8.11
N VAL D 39 -5.84 -15.70 -9.32
CA VAL D 39 -5.70 -16.93 -10.09
C VAL D 39 -5.27 -16.67 -11.54
N ASN D 40 -4.31 -17.48 -12.04
CA ASN D 40 -3.81 -17.47 -13.41
C ASN D 40 -4.11 -18.87 -13.93
N ALA D 41 -5.01 -18.99 -14.90
CA ALA D 41 -5.45 -20.28 -15.40
C ALA D 41 -5.73 -20.30 -16.92
N PHE D 42 -6.20 -21.46 -17.41
CA PHE D 42 -6.58 -21.66 -18.79
C PHE D 42 -8.10 -21.74 -18.84
N LEU D 43 -8.73 -21.01 -19.76
CA LEU D 43 -10.17 -21.11 -19.94
C LEU D 43 -10.39 -21.79 -21.27
N SER D 44 -11.11 -22.92 -21.24
CA SER D 44 -11.40 -23.73 -22.41
C SER D 44 -12.87 -23.62 -22.75
N LEU D 45 -13.17 -23.29 -24.01
CA LEU D 45 -14.54 -23.15 -24.50
C LEU D 45 -14.72 -23.97 -25.76
N SER D 46 -15.90 -24.62 -25.90
CA SER D 46 -16.26 -25.45 -27.06
C SER D 46 -17.74 -25.39 -27.38
N TRP D 47 -18.07 -25.15 -28.65
CA TRP D 47 -19.43 -25.06 -29.17
C TRP D 47 -19.45 -25.41 -30.64
N LYS D 48 -20.60 -25.89 -31.15
CA LYS D 48 -20.76 -26.22 -32.56
C LYS D 48 -21.37 -25.02 -33.29
N ASP D 49 -20.77 -24.70 -34.44
CA ASP D 49 -21.21 -23.63 -35.31
C ASP D 49 -21.17 -24.17 -36.73
N ARG D 50 -22.32 -24.69 -37.22
CA ARG D 50 -22.44 -25.30 -38.56
C ARG D 50 -22.08 -24.38 -39.72
N ARG D 51 -22.18 -23.06 -39.50
CA ARG D 51 -21.85 -22.04 -40.49
C ARG D 51 -20.41 -22.18 -40.95
N LEU D 52 -19.51 -22.63 -40.06
CA LEU D 52 -18.09 -22.80 -40.35
C LEU D 52 -17.68 -24.26 -40.43
N ALA D 53 -18.67 -25.14 -40.44
CA ALA D 53 -18.49 -26.59 -40.58
C ALA D 53 -18.20 -26.83 -42.03
N PHE D 54 -16.98 -27.23 -42.40
CA PHE D 54 -16.72 -27.39 -43.83
C PHE D 54 -16.32 -28.82 -44.26
N ASP D 55 -16.33 -29.05 -45.59
CA ASP D 55 -16.08 -30.35 -46.19
C ASP D 55 -14.60 -30.68 -46.34
N PRO D 56 -14.20 -31.86 -45.79
CA PRO D 56 -12.80 -32.31 -45.94
C PRO D 56 -12.47 -32.70 -47.40
N VAL D 57 -13.43 -32.48 -48.32
CA VAL D 57 -13.23 -32.73 -49.74
C VAL D 57 -12.60 -31.46 -50.31
N ARG D 58 -13.41 -30.38 -50.46
CA ARG D 58 -13.01 -29.09 -51.03
C ARG D 58 -12.00 -28.32 -50.18
N SER D 59 -12.32 -28.04 -48.89
CA SER D 59 -11.47 -27.26 -47.96
C SER D 59 -9.98 -27.60 -48.07
N GLY D 60 -9.18 -26.57 -48.32
CA GLY D 60 -7.73 -26.68 -48.44
C GLY D 60 -7.02 -26.90 -47.12
N VAL D 61 -7.81 -27.14 -46.07
CA VAL D 61 -7.36 -27.36 -44.69
C VAL D 61 -8.07 -28.57 -44.07
N ARG D 62 -7.42 -29.14 -43.07
CA ARG D 62 -7.86 -30.30 -42.31
C ARG D 62 -8.48 -29.87 -40.96
N VAL D 63 -7.85 -28.85 -40.34
CA VAL D 63 -8.24 -28.19 -39.10
C VAL D 63 -8.06 -26.72 -39.41
N LYS D 64 -9.15 -25.96 -39.40
CA LYS D 64 -9.09 -24.53 -39.70
C LYS D 64 -8.86 -23.68 -38.47
N THR D 65 -7.70 -23.03 -38.40
CA THR D 65 -7.33 -22.14 -37.30
C THR D 65 -7.80 -20.72 -37.63
N TYR D 66 -8.49 -20.06 -36.71
CA TYR D 66 -8.99 -18.70 -36.92
C TYR D 66 -8.44 -17.69 -35.93
N GLU D 67 -8.67 -16.40 -36.23
CA GLU D 67 -8.35 -15.28 -35.37
C GLU D 67 -9.63 -14.92 -34.61
N PRO D 68 -9.58 -14.45 -33.33
CA PRO D 68 -10.82 -14.17 -32.57
C PRO D 68 -11.87 -13.25 -33.19
N GLU D 69 -11.44 -12.39 -34.12
CA GLU D 69 -12.21 -11.36 -34.82
C GLU D 69 -12.50 -11.78 -36.27
N ALA D 70 -12.75 -13.07 -36.50
CA ALA D 70 -13.05 -13.69 -37.80
C ALA D 70 -14.29 -14.53 -37.61
N ILE D 71 -14.47 -15.06 -36.40
CA ILE D 71 -15.60 -15.87 -36.01
C ILE D 71 -16.33 -15.33 -34.74
N TRP D 72 -17.61 -15.74 -34.58
CA TRP D 72 -18.47 -15.47 -33.43
C TRP D 72 -17.91 -16.27 -32.25
N ILE D 73 -17.69 -15.58 -31.11
CA ILE D 73 -17.20 -16.20 -29.88
C ILE D 73 -18.12 -15.78 -28.73
N PRO D 74 -18.61 -16.75 -27.91
CA PRO D 74 -19.53 -16.38 -26.80
C PRO D 74 -18.92 -15.46 -25.74
N GLU D 75 -19.68 -14.45 -25.31
CA GLU D 75 -19.25 -13.51 -24.28
C GLU D 75 -19.37 -14.19 -22.90
N ILE D 76 -18.27 -14.83 -22.48
CA ILE D 76 -18.14 -15.54 -21.21
C ILE D 76 -17.45 -14.63 -20.21
N ARG D 77 -18.07 -14.44 -19.04
CA ARG D 77 -17.56 -13.57 -17.99
C ARG D 77 -17.55 -14.29 -16.63
N PHE D 78 -16.85 -13.68 -15.67
CA PHE D 78 -16.79 -14.18 -14.31
C PHE D 78 -17.64 -13.28 -13.45
N VAL D 79 -18.42 -13.88 -12.54
CA VAL D 79 -19.33 -13.13 -11.67
C VAL D 79 -18.56 -12.41 -10.57
N ASN D 80 -17.90 -13.21 -9.69
CA ASN D 80 -17.19 -12.72 -8.52
C ASN D 80 -15.76 -12.28 -8.81
N VAL D 81 -15.60 -11.26 -9.68
CA VAL D 81 -14.29 -10.67 -10.00
C VAL D 81 -14.30 -9.17 -9.62
N GLU D 82 -13.10 -8.59 -9.34
CA GLU D 82 -12.97 -7.18 -9.00
C GLU D 82 -13.19 -6.35 -10.28
N ASN D 83 -12.34 -6.58 -11.28
CA ASN D 83 -12.38 -5.97 -12.60
C ASN D 83 -12.38 -7.15 -13.59
N ALA D 84 -12.59 -6.89 -14.89
CA ALA D 84 -12.58 -7.96 -15.88
C ALA D 84 -11.19 -8.58 -15.98
N ARG D 85 -11.13 -9.90 -16.23
CA ARG D 85 -9.91 -10.68 -16.34
C ARG D 85 -8.96 -10.24 -17.49
N ASP D 86 -7.66 -10.41 -17.29
CA ASP D 86 -6.64 -10.10 -18.30
C ASP D 86 -6.44 -11.42 -19.02
N ALA D 87 -7.14 -11.61 -20.15
CA ALA D 87 -7.08 -12.83 -20.94
C ALA D 87 -6.36 -12.61 -22.25
N ASP D 88 -5.60 -13.63 -22.68
CA ASP D 88 -4.88 -13.66 -23.94
C ASP D 88 -5.22 -14.95 -24.64
N VAL D 89 -5.91 -14.85 -25.79
CA VAL D 89 -6.32 -16.00 -26.59
C VAL D 89 -5.09 -16.79 -27.04
N VAL D 90 -5.09 -18.08 -26.72
CA VAL D 90 -4.00 -19.00 -27.02
C VAL D 90 -4.26 -19.66 -28.39
N ASP D 91 -5.44 -20.29 -28.58
CA ASP D 91 -5.80 -20.96 -29.83
C ASP D 91 -7.29 -21.15 -30.06
N ILE D 92 -7.72 -20.97 -31.32
CA ILE D 92 -9.09 -21.19 -31.81
C ILE D 92 -8.94 -22.14 -33.00
N SER D 93 -9.58 -23.32 -32.95
CA SER D 93 -9.47 -24.27 -34.06
C SER D 93 -10.80 -24.98 -34.36
N VAL D 94 -11.28 -24.83 -35.61
CA VAL D 94 -12.54 -25.41 -36.09
C VAL D 94 -12.32 -26.77 -36.75
N SER D 95 -13.08 -27.75 -36.29
CA SER D 95 -13.13 -29.11 -36.79
C SER D 95 -14.17 -29.09 -37.95
N PRO D 96 -14.07 -30.01 -38.96
CA PRO D 96 -15.00 -29.97 -40.11
C PRO D 96 -16.51 -29.97 -39.83
N ASP D 97 -17.00 -30.51 -38.66
CA ASP D 97 -18.41 -30.57 -38.21
C ASP D 97 -18.93 -29.22 -37.74
N GLY D 98 -18.00 -28.30 -37.52
CA GLY D 98 -18.24 -26.94 -37.08
C GLY D 98 -17.87 -26.68 -35.64
N THR D 99 -17.37 -27.73 -34.95
CA THR D 99 -16.97 -27.67 -33.56
C THR D 99 -15.76 -26.76 -33.36
N VAL D 100 -15.97 -25.66 -32.65
CA VAL D 100 -14.94 -24.68 -32.34
C VAL D 100 -14.27 -25.09 -31.05
N GLN D 101 -12.93 -25.01 -31.03
CA GLN D 101 -12.15 -25.33 -29.85
C GLN D 101 -11.29 -24.14 -29.52
N TYR D 102 -11.84 -23.30 -28.63
CA TYR D 102 -11.27 -22.07 -28.11
C TYR D 102 -10.45 -22.35 -26.83
N LEU D 103 -9.38 -21.59 -26.63
CA LEU D 103 -8.51 -21.67 -25.45
C LEU D 103 -7.82 -20.33 -25.24
N GLU D 104 -7.89 -19.83 -24.00
CA GLU D 104 -7.27 -18.57 -23.59
C GLU D 104 -6.58 -18.78 -22.24
N ARG D 105 -5.59 -17.93 -21.94
CA ARG D 105 -4.89 -17.94 -20.65
C ARG D 105 -5.26 -16.61 -19.97
N PHE D 106 -5.93 -16.69 -18.80
CA PHE D 106 -6.40 -15.51 -18.08
C PHE D 106 -5.86 -15.39 -16.66
N SER D 107 -5.82 -14.17 -16.12
CA SER D 107 -5.44 -13.89 -14.74
C SER D 107 -6.49 -12.96 -14.17
N ALA D 108 -7.11 -13.35 -13.04
CA ALA D 108 -8.20 -12.57 -12.43
C ALA D 108 -8.12 -12.52 -10.92
N ARG D 109 -8.62 -11.43 -10.29
CA ARG D 109 -8.68 -11.34 -8.82
C ARG D 109 -10.09 -11.73 -8.41
N VAL D 110 -10.24 -12.97 -7.94
CA VAL D 110 -11.51 -13.54 -7.54
C VAL D 110 -11.89 -13.08 -6.13
N LEU D 111 -13.18 -12.78 -5.94
CA LEU D 111 -13.74 -12.30 -4.68
C LEU D 111 -14.71 -13.36 -4.07
N SER D 112 -14.13 -14.28 -3.29
CA SER D 112 -14.85 -15.36 -2.63
C SER D 112 -14.76 -15.21 -1.09
N PRO D 113 -15.91 -15.09 -0.39
CA PRO D 113 -15.88 -14.94 1.08
C PRO D 113 -15.37 -16.15 1.84
N LEU D 114 -14.90 -15.92 3.10
CA LEU D 114 -14.35 -16.96 3.98
C LEU D 114 -15.07 -17.04 5.34
N ASP D 115 -15.03 -18.24 5.96
CA ASP D 115 -15.60 -18.54 7.28
C ASP D 115 -14.45 -18.63 8.29
N PHE D 116 -14.31 -17.61 9.16
CA PHE D 116 -13.21 -17.55 10.11
C PHE D 116 -13.50 -18.14 11.49
N ARG D 117 -14.66 -18.81 11.66
CA ARG D 117 -15.04 -19.41 12.94
C ARG D 117 -13.99 -20.39 13.50
N ARG D 118 -13.57 -21.40 12.71
CA ARG D 118 -12.61 -22.42 13.13
C ARG D 118 -11.12 -22.03 12.95
N TYR D 119 -10.84 -20.72 12.64
CA TYR D 119 -9.49 -20.17 12.46
C TYR D 119 -8.64 -20.34 13.76
N PRO D 120 -7.34 -20.72 13.66
CA PRO D 120 -6.53 -20.97 12.45
C PRO D 120 -6.53 -22.42 11.96
N PHE D 121 -7.56 -23.19 12.33
CA PHE D 121 -7.68 -24.60 11.94
C PHE D 121 -8.66 -24.79 10.78
N ASP D 122 -9.27 -23.68 10.33
CA ASP D 122 -10.27 -23.55 9.24
C ASP D 122 -9.89 -24.20 7.90
N SER D 123 -10.93 -24.42 7.10
CA SER D 123 -10.87 -24.94 5.73
C SER D 123 -11.85 -24.09 4.91
N GLN D 124 -11.47 -23.77 3.68
CA GLN D 124 -12.31 -22.95 2.81
C GLN D 124 -12.64 -23.63 1.49
N THR D 125 -13.73 -23.13 0.87
CA THR D 125 -14.21 -23.51 -0.45
C THR D 125 -14.28 -22.20 -1.23
N LEU D 126 -13.32 -22.04 -2.11
CA LEU D 126 -13.22 -20.89 -2.98
C LEU D 126 -14.09 -21.12 -4.21
N HIS D 127 -14.74 -20.05 -4.68
CA HIS D 127 -15.65 -20.14 -5.79
C HIS D 127 -15.25 -19.30 -6.97
N ILE D 128 -15.38 -19.85 -8.18
CA ILE D 128 -15.10 -19.17 -9.44
C ILE D 128 -16.37 -19.35 -10.28
N TYR D 129 -17.15 -18.27 -10.46
CA TYR D 129 -18.42 -18.33 -11.17
C TYR D 129 -18.35 -17.87 -12.62
N LEU D 130 -18.50 -18.83 -13.55
CA LEU D 130 -18.52 -18.60 -14.98
C LEU D 130 -19.93 -18.27 -15.37
N ILE D 131 -20.12 -17.24 -16.19
CA ILE D 131 -21.44 -16.85 -16.65
C ILE D 131 -21.47 -16.53 -18.16
N VAL D 132 -22.63 -16.78 -18.80
CA VAL D 132 -22.91 -16.48 -20.20
C VAL D 132 -24.30 -15.87 -20.33
N ARG D 133 -24.38 -14.70 -20.96
CA ARG D 133 -25.67 -14.08 -21.13
C ARG D 133 -26.25 -14.44 -22.50
N SER D 134 -27.44 -15.11 -22.48
CA SER D 134 -28.17 -15.54 -23.68
C SER D 134 -28.49 -14.32 -24.55
N VAL D 135 -28.52 -14.51 -25.87
CA VAL D 135 -28.73 -13.42 -26.80
C VAL D 135 -30.09 -13.54 -27.55
N ASP D 136 -30.46 -12.48 -28.29
CA ASP D 136 -31.69 -12.27 -29.08
C ASP D 136 -32.14 -13.49 -29.90
N THR D 137 -31.28 -13.96 -30.85
CA THR D 137 -31.58 -15.07 -31.75
C THR D 137 -31.45 -16.47 -31.08
N ARG D 138 -30.38 -16.68 -30.30
CA ARG D 138 -30.11 -17.98 -29.65
C ARG D 138 -29.85 -17.86 -28.14
N ASN D 139 -30.44 -18.76 -27.33
CA ASN D 139 -30.22 -18.82 -25.89
C ASN D 139 -28.98 -19.68 -25.63
N ILE D 140 -28.11 -19.26 -24.67
CA ILE D 140 -26.87 -19.98 -24.39
C ILE D 140 -26.85 -20.58 -22.97
N VAL D 141 -26.45 -21.87 -22.89
CA VAL D 141 -26.33 -22.68 -21.67
C VAL D 141 -24.87 -23.21 -21.51
N LEU D 142 -24.36 -23.22 -20.27
CA LEU D 142 -23.00 -23.70 -19.98
C LEU D 142 -22.95 -25.19 -19.62
N ALA D 143 -21.78 -25.83 -19.86
CA ALA D 143 -21.56 -27.25 -19.57
C ALA D 143 -20.13 -27.46 -19.07
N VAL D 144 -19.87 -28.60 -18.38
CA VAL D 144 -18.55 -28.94 -17.84
C VAL D 144 -17.91 -30.12 -18.56
N ASP D 145 -16.78 -29.87 -19.22
CA ASP D 145 -15.97 -30.88 -19.89
C ASP D 145 -14.89 -31.21 -18.85
N LEU D 146 -15.14 -32.26 -18.04
CA LEU D 146 -14.30 -32.67 -16.92
C LEU D 146 -12.88 -33.15 -17.30
N GLU D 147 -12.61 -33.31 -18.59
CA GLU D 147 -11.31 -33.70 -19.11
C GLU D 147 -10.37 -32.49 -19.20
N LYS D 148 -10.95 -31.26 -19.20
CA LYS D 148 -10.17 -30.02 -19.25
C LYS D 148 -10.45 -29.12 -18.00
N VAL D 149 -10.79 -29.77 -16.86
CA VAL D 149 -10.99 -29.13 -15.54
C VAL D 149 -9.96 -29.77 -14.59
N GLY D 150 -8.89 -29.03 -14.32
CA GLY D 150 -7.82 -29.50 -13.46
C GLY D 150 -6.92 -28.42 -12.90
N LYS D 151 -5.76 -28.85 -12.39
CA LYS D 151 -4.76 -27.96 -11.81
C LYS D 151 -3.36 -28.52 -12.00
N ASN D 152 -2.40 -27.61 -12.18
CA ASN D 152 -0.98 -27.94 -12.33
C ASN D 152 -0.51 -28.49 -10.97
N ASP D 153 0.34 -29.52 -11.01
CA ASP D 153 0.86 -30.18 -9.80
C ASP D 153 1.62 -29.18 -8.91
N ASP D 154 2.41 -28.28 -9.54
CA ASP D 154 3.24 -27.23 -8.92
C ASP D 154 2.46 -26.09 -8.21
N VAL D 155 1.14 -25.92 -8.51
CA VAL D 155 0.26 -24.88 -7.91
C VAL D 155 0.45 -24.81 -6.39
N PHE D 156 0.87 -23.64 -5.89
CA PHE D 156 1.10 -23.45 -4.46
C PHE D 156 0.41 -22.22 -3.89
N LEU D 157 -0.36 -22.41 -2.83
CA LEU D 157 -1.04 -21.32 -2.14
C LEU D 157 -0.41 -21.31 -0.73
N THR D 158 0.54 -20.36 -0.50
CA THR D 158 1.31 -20.22 0.75
C THR D 158 0.41 -20.25 1.99
N GLY D 159 0.75 -21.14 2.94
CA GLY D 159 0.00 -21.33 4.17
C GLY D 159 -1.28 -22.16 4.05
N TRP D 160 -1.56 -22.72 2.87
CA TRP D 160 -2.75 -23.53 2.62
C TRP D 160 -2.41 -24.81 1.89
N ASP D 161 -3.23 -25.84 2.07
CA ASP D 161 -3.07 -27.11 1.38
C ASP D 161 -4.20 -27.21 0.37
N ILE D 162 -3.86 -27.20 -0.93
CA ILE D 162 -4.88 -27.28 -1.99
C ILE D 162 -5.41 -28.71 -2.00
N GLU D 163 -6.70 -28.88 -1.62
CA GLU D 163 -7.37 -30.17 -1.54
C GLU D 163 -7.89 -30.63 -2.91
N SER D 164 -8.73 -29.79 -3.59
CA SER D 164 -9.30 -30.15 -4.88
C SER D 164 -9.80 -28.96 -5.68
N PHE D 165 -9.81 -29.10 -7.01
CA PHE D 165 -10.38 -28.11 -7.92
C PHE D 165 -11.38 -28.83 -8.81
N THR D 166 -12.67 -28.64 -8.50
CA THR D 166 -13.77 -29.29 -9.18
C THR D 166 -14.80 -28.26 -9.68
N ALA D 167 -15.83 -28.76 -10.38
CA ALA D 167 -16.90 -27.92 -10.89
C ALA D 167 -18.24 -28.62 -10.71
N VAL D 168 -19.27 -27.84 -10.30
CA VAL D 168 -20.63 -28.34 -10.15
C VAL D 168 -21.18 -28.38 -11.57
N VAL D 169 -21.25 -29.60 -12.15
CA VAL D 169 -21.63 -29.94 -13.52
C VAL D 169 -22.97 -29.33 -13.97
N LYS D 170 -23.98 -29.31 -13.08
CA LYS D 170 -25.27 -28.73 -13.43
C LYS D 170 -25.20 -27.20 -13.31
N PRO D 171 -25.44 -26.46 -14.44
CA PRO D 171 -25.39 -24.99 -14.36
C PRO D 171 -26.62 -24.37 -13.72
N ALA D 172 -26.46 -23.16 -13.20
CA ALA D 172 -27.53 -22.40 -12.57
C ALA D 172 -28.14 -21.48 -13.62
N ASN D 173 -29.23 -21.94 -14.25
CA ASN D 173 -29.93 -21.15 -15.26
C ASN D 173 -30.99 -20.30 -14.58
N PHE D 174 -30.97 -18.98 -14.85
CA PHE D 174 -31.88 -18.01 -14.25
C PHE D 174 -32.13 -16.81 -15.16
N ALA D 175 -33.08 -15.95 -14.77
CA ALA D 175 -33.41 -14.73 -15.50
C ALA D 175 -32.78 -13.54 -14.82
N LEU D 176 -32.21 -12.63 -15.64
CA LEU D 176 -31.54 -11.41 -15.17
C LEU D 176 -31.68 -10.34 -16.26
N GLU D 177 -32.32 -9.20 -15.89
CA GLU D 177 -32.60 -8.05 -16.74
C GLU D 177 -33.18 -8.46 -18.11
N ASP D 178 -34.32 -9.18 -18.07
CA ASP D 178 -35.12 -9.69 -19.21
C ASP D 178 -34.41 -10.74 -20.10
N ARG D 179 -33.30 -11.34 -19.64
CA ARG D 179 -32.59 -12.37 -20.42
C ARG D 179 -32.06 -13.50 -19.53
N LEU D 180 -31.95 -14.71 -20.11
CA LEU D 180 -31.45 -15.91 -19.45
C LEU D 180 -29.93 -15.85 -19.27
N GLU D 181 -29.44 -16.37 -18.13
CA GLU D 181 -28.02 -16.46 -17.79
C GLU D 181 -27.75 -17.91 -17.37
N SER D 182 -26.55 -18.41 -17.65
CA SER D 182 -26.14 -19.77 -17.28
C SER D 182 -24.85 -19.63 -16.46
N LYS D 183 -24.93 -19.96 -15.15
CA LYS D 183 -23.82 -19.83 -14.20
C LYS D 183 -23.21 -21.20 -13.82
N LEU D 184 -21.88 -21.29 -13.79
CA LEU D 184 -21.19 -22.52 -13.39
C LEU D 184 -20.34 -22.31 -12.15
N ASP D 185 -20.41 -23.27 -11.21
CA ASP D 185 -19.65 -23.17 -9.95
C ASP D 185 -18.36 -24.00 -9.95
N TYR D 186 -17.22 -23.31 -10.08
CA TYR D 186 -15.90 -23.92 -10.00
C TYR D 186 -15.43 -23.76 -8.55
N GLN D 187 -15.31 -24.89 -7.83
CA GLN D 187 -14.95 -24.91 -6.42
C GLN D 187 -13.51 -25.32 -6.18
N LEU D 188 -12.79 -24.51 -5.39
CA LEU D 188 -11.42 -24.77 -5.01
C LEU D 188 -11.35 -24.95 -3.48
N ARG D 189 -11.25 -26.22 -3.04
CA ARG D 189 -11.16 -26.56 -1.62
C ARG D 189 -9.74 -26.46 -1.12
N ILE D 190 -9.56 -25.67 -0.04
CA ILE D 190 -8.27 -25.41 0.59
C ILE D 190 -8.39 -25.61 2.11
N SER D 191 -7.30 -26.04 2.78
CA SER D 191 -7.26 -26.26 4.23
C SER D 191 -6.00 -25.60 4.81
N ARG D 192 -6.17 -24.74 5.81
CA ARG D 192 -5.07 -23.98 6.42
C ARG D 192 -4.01 -24.85 7.11
N GLN D 193 -2.73 -24.49 6.88
CA GLN D 193 -1.53 -25.09 7.47
C GLN D 193 -1.32 -24.42 8.83
N TYR D 194 -1.84 -25.05 9.91
CA TYR D 194 -1.84 -24.50 11.26
C TYR D 194 -0.62 -24.82 12.14
N PHE D 195 0.42 -25.52 11.63
CA PHE D 195 1.58 -25.88 12.45
C PHE D 195 2.19 -24.68 13.17
N SER D 196 2.66 -23.70 12.39
CA SER D 196 3.28 -22.45 12.84
C SER D 196 2.59 -21.78 14.04
N TYR D 197 1.24 -21.76 14.05
CA TYR D 197 0.42 -21.14 15.10
C TYR D 197 0.68 -21.66 16.50
N ILE D 198 0.97 -22.97 16.66
CA ILE D 198 1.22 -23.60 17.95
C ILE D 198 2.52 -23.04 18.61
N PRO D 199 3.74 -23.20 18.03
CA PRO D 199 4.93 -22.67 18.71
C PRO D 199 5.19 -21.17 18.56
N ASN D 200 4.63 -20.54 17.52
CA ASN D 200 4.87 -19.12 17.25
C ASN D 200 3.84 -18.18 17.87
N ILE D 201 2.56 -18.58 17.94
CA ILE D 201 1.52 -17.70 18.48
C ILE D 201 0.89 -18.22 19.79
N ILE D 202 0.30 -19.42 19.75
CA ILE D 202 -0.41 -20.06 20.87
C ILE D 202 0.45 -20.22 22.11
N LEU D 203 1.58 -20.94 22.00
CA LEU D 203 2.48 -21.21 23.13
C LEU D 203 3.08 -19.92 23.78
N PRO D 204 3.70 -18.94 23.04
CA PRO D 204 4.22 -17.75 23.72
C PRO D 204 3.12 -16.95 24.41
N MET D 205 1.93 -16.89 23.78
CA MET D 205 0.77 -16.20 24.35
C MET D 205 0.22 -16.91 25.59
N LEU D 206 0.49 -18.21 25.72
CA LEU D 206 0.06 -18.93 26.91
C LEU D 206 1.04 -18.75 28.02
N PHE D 207 2.35 -18.66 27.69
CA PHE D 207 3.43 -18.45 28.66
C PHE D 207 3.26 -17.14 29.43
N ILE D 208 2.95 -16.02 28.71
CA ILE D 208 2.73 -14.68 29.29
C ILE D 208 1.60 -14.71 30.29
N LEU D 209 0.49 -15.42 29.96
CA LEU D 209 -0.67 -15.59 30.84
C LEU D 209 -0.29 -16.45 32.06
N PHE D 210 0.56 -17.47 31.87
CA PHE D 210 0.97 -18.33 32.98
C PHE D 210 1.85 -17.57 33.95
N ILE D 211 2.69 -16.62 33.45
CA ILE D 211 3.55 -15.76 34.26
C ILE D 211 2.71 -14.97 35.28
N SER D 212 1.56 -14.40 34.84
CA SER D 212 0.68 -13.65 35.74
C SER D 212 0.19 -14.49 36.92
N TRP D 213 -0.10 -15.80 36.69
CA TRP D 213 -0.58 -16.70 37.74
C TRP D 213 0.43 -16.98 38.84
N THR D 214 1.69 -16.51 38.71
CA THR D 214 2.66 -16.69 39.77
C THR D 214 2.34 -15.79 40.98
N ALA D 215 1.47 -14.78 40.79
CA ALA D 215 1.02 -13.86 41.84
C ALA D 215 0.17 -14.58 42.93
N PHE D 216 -0.16 -15.85 42.66
CA PHE D 216 -0.90 -16.71 43.59
C PHE D 216 0.05 -17.42 44.56
N TRP D 217 1.37 -17.18 44.41
CA TRP D 217 2.42 -17.74 45.26
C TRP D 217 3.24 -16.60 45.91
N SER D 218 2.67 -15.38 45.89
CA SER D 218 3.28 -14.17 46.45
C SER D 218 2.27 -13.42 47.35
N THR D 219 2.80 -12.68 48.36
CA THR D 219 2.02 -11.84 49.30
C THR D 219 2.41 -10.36 49.15
N SER D 220 3.43 -10.09 48.28
CA SER D 220 3.94 -8.75 47.97
C SER D 220 3.02 -8.10 46.94
N TYR D 221 2.16 -7.16 47.38
CA TYR D 221 1.23 -6.43 46.51
C TYR D 221 1.97 -5.73 45.39
N GLU D 222 3.16 -5.15 45.69
CA GLU D 222 4.02 -4.48 44.71
C GLU D 222 4.47 -5.45 43.62
N ALA D 223 4.91 -6.66 44.01
CA ALA D 223 5.32 -7.73 43.08
C ALA D 223 4.13 -8.23 42.25
N ASN D 224 2.96 -8.42 42.91
CA ASN D 224 1.72 -8.88 42.29
C ASN D 224 1.19 -7.88 41.26
N VAL D 225 1.21 -6.57 41.60
CA VAL D 225 0.78 -5.48 40.71
C VAL D 225 1.65 -5.53 39.46
N THR D 226 2.99 -5.54 39.63
CA THR D 226 3.98 -5.62 38.53
C THR D 226 3.72 -6.88 37.68
N LEU D 227 3.54 -8.05 38.32
CA LEU D 227 3.26 -9.30 37.63
C LEU D 227 2.03 -9.25 36.69
N VAL D 228 0.83 -9.04 37.25
CA VAL D 228 -0.42 -9.03 36.50
C VAL D 228 -0.50 -7.87 35.49
N VAL D 229 -0.10 -6.64 35.90
CA VAL D 229 -0.20 -5.50 34.98
C VAL D 229 0.84 -5.58 33.86
N SER D 230 2.14 -5.83 34.19
CA SER D 230 3.19 -5.93 33.17
C SER D 230 2.95 -7.04 32.14
N THR D 231 2.46 -8.23 32.58
CA THR D 231 2.14 -9.34 31.66
C THR D 231 0.99 -8.94 30.74
N LEU D 232 0.00 -8.15 31.27
CA LEU D 232 -1.09 -7.67 30.43
C LEU D 232 -0.53 -6.80 29.30
N ILE D 233 0.47 -5.93 29.60
CA ILE D 233 1.17 -5.07 28.62
C ILE D 233 1.94 -5.94 27.63
N ALA D 234 2.62 -7.00 28.13
CA ALA D 234 3.36 -7.95 27.28
C ALA D 234 2.40 -8.64 26.29
N HIS D 235 1.21 -9.07 26.80
CA HIS D 235 0.14 -9.70 26.04
C HIS D 235 -0.24 -8.85 24.84
N ILE D 236 -0.67 -7.58 25.09
CA ILE D 236 -1.09 -6.61 24.05
C ILE D 236 0.03 -6.40 23.03
N ALA D 237 1.28 -6.21 23.51
CA ALA D 237 2.48 -6.03 22.67
C ALA D 237 2.67 -7.24 21.78
N PHE D 238 2.51 -8.46 22.36
CA PHE D 238 2.65 -9.71 21.64
C PHE D 238 1.64 -9.78 20.51
N ASN D 239 0.37 -9.45 20.81
CA ASN D 239 -0.71 -9.44 19.84
C ASN D 239 -0.46 -8.43 18.71
N ILE D 240 0.14 -7.26 19.04
CA ILE D 240 0.54 -6.24 18.06
C ILE D 240 1.58 -6.88 17.15
N LEU D 241 2.62 -7.55 17.75
CA LEU D 241 3.68 -8.24 17.02
C LEU D 241 3.16 -9.28 16.06
N VAL D 242 2.32 -10.19 16.59
CA VAL D 242 1.70 -11.32 15.90
C VAL D 242 0.63 -10.87 14.87
N GLY D 243 0.66 -9.59 14.49
CA GLY D 243 -0.27 -9.01 13.53
C GLY D 243 -1.75 -9.15 13.89
N THR D 244 -2.60 -8.84 12.92
CA THR D 244 -4.06 -8.92 12.91
C THR D 244 -4.46 -9.12 11.43
N ASN D 245 -4.59 -10.38 10.94
CA ASN D 245 -4.90 -10.56 9.49
C ASN D 245 -6.38 -11.00 9.15
N LEU D 246 -7.35 -10.76 10.05
CA LEU D 246 -8.76 -11.12 9.84
C LEU D 246 -9.69 -9.89 9.77
N PRO D 247 -10.77 -9.93 8.96
CA PRO D 247 -11.70 -8.79 8.95
C PRO D 247 -12.66 -8.75 10.16
N LYS D 248 -13.57 -7.79 10.20
CA LYS D 248 -14.51 -7.69 11.32
C LYS D 248 -15.68 -8.56 10.91
N THR D 249 -15.88 -9.66 11.65
CA THR D 249 -16.89 -10.68 11.40
C THR D 249 -18.19 -10.42 12.20
N PRO D 250 -19.38 -10.70 11.63
CA PRO D 250 -20.63 -10.52 12.39
C PRO D 250 -20.78 -11.57 13.51
N TYR D 251 -20.21 -12.75 13.27
CA TYR D 251 -20.18 -13.94 14.13
C TYR D 251 -18.98 -13.93 15.09
N MET D 252 -18.89 -14.96 15.95
CA MET D 252 -17.78 -15.11 16.88
C MET D 252 -16.83 -16.21 16.39
N THR D 253 -15.51 -15.94 16.51
CA THR D 253 -14.40 -16.80 16.12
C THR D 253 -13.95 -17.64 17.31
N TYR D 254 -13.34 -18.82 17.03
CA TYR D 254 -12.77 -19.69 18.06
C TYR D 254 -11.65 -18.89 18.74
N THR D 255 -10.76 -18.27 17.91
CA THR D 255 -9.65 -17.44 18.39
C THR D 255 -10.16 -16.16 19.05
N GLY D 256 -11.26 -15.63 18.52
CA GLY D 256 -11.91 -14.44 19.06
C GLY D 256 -12.33 -14.58 20.50
N ALA D 257 -13.00 -15.72 20.79
CA ALA D 257 -13.50 -16.09 22.11
C ALA D 257 -12.36 -16.31 23.11
N ILE D 258 -11.31 -17.08 22.71
CA ILE D 258 -10.14 -17.37 23.56
C ILE D 258 -9.45 -16.08 24.00
N ILE D 259 -9.24 -15.14 23.05
CA ILE D 259 -8.60 -13.82 23.30
C ILE D 259 -9.40 -13.06 24.37
N PHE D 260 -10.73 -12.90 24.16
CA PHE D 260 -11.61 -12.23 25.12
C PHE D 260 -11.45 -12.86 26.51
N MET D 261 -11.43 -14.22 26.57
CA MET D 261 -11.27 -14.99 27.80
C MET D 261 -9.95 -14.61 28.51
N ILE D 262 -8.85 -14.48 27.73
CA ILE D 262 -7.54 -14.10 28.26
C ILE D 262 -7.57 -12.70 28.90
N TYR D 263 -8.28 -11.72 28.25
CA TYR D 263 -8.44 -10.37 28.81
C TYR D 263 -9.25 -10.40 30.10
N LEU D 264 -10.26 -11.29 30.15
CA LEU D 264 -11.08 -11.49 31.35
C LEU D 264 -10.22 -12.08 32.48
N PHE D 265 -9.33 -13.05 32.13
CA PHE D 265 -8.41 -13.72 33.05
C PHE D 265 -7.37 -12.78 33.67
N TYR D 266 -7.04 -11.69 32.95
CA TYR D 266 -6.10 -10.68 33.44
C TYR D 266 -6.85 -9.83 34.44
N PHE D 267 -8.12 -9.53 34.14
CA PHE D 267 -8.98 -8.73 34.99
C PHE D 267 -9.28 -9.44 36.29
N VAL D 268 -9.66 -10.73 36.22
CA VAL D 268 -9.99 -11.52 37.40
C VAL D 268 -8.76 -11.63 38.31
N ALA D 269 -7.57 -11.88 37.73
CA ALA D 269 -6.31 -11.97 38.47
C ALA D 269 -6.01 -10.68 39.24
N VAL D 270 -6.31 -9.51 38.64
CA VAL D 270 -6.13 -8.21 39.29
C VAL D 270 -7.06 -8.16 40.51
N ILE D 271 -8.37 -8.50 40.29
CA ILE D 271 -9.38 -8.54 41.36
C ILE D 271 -8.86 -9.38 42.54
N GLU D 272 -8.36 -10.61 42.27
CA GLU D 272 -7.79 -11.51 43.27
C GLU D 272 -6.68 -10.82 44.06
N VAL D 273 -5.66 -10.27 43.34
CA VAL D 273 -4.50 -9.56 43.89
C VAL D 273 -4.95 -8.42 44.82
N THR D 274 -5.99 -7.68 44.36
CA THR D 274 -6.59 -6.56 45.09
C THR D 274 -7.32 -7.07 46.37
N VAL D 275 -8.13 -8.14 46.21
CA VAL D 275 -8.92 -8.78 47.28
C VAL D 275 -8.00 -9.31 48.36
N GLN D 276 -7.00 -10.15 47.98
CA GLN D 276 -5.99 -10.72 48.88
C GLN D 276 -5.33 -9.60 49.70
N HIS D 277 -4.89 -8.52 49.03
CA HIS D 277 -4.27 -7.37 49.67
C HIS D 277 -5.21 -6.65 50.64
N TYR D 278 -6.45 -6.33 50.21
CA TYR D 278 -7.38 -5.63 51.09
C TYR D 278 -7.68 -6.40 52.39
N LEU D 279 -7.90 -7.73 52.29
CA LEU D 279 -8.15 -8.58 53.47
C LEU D 279 -6.96 -8.61 54.40
N LYS D 280 -5.76 -8.76 53.84
CA LYS D 280 -4.47 -8.80 54.55
C LYS D 280 -4.28 -7.51 55.34
N VAL D 281 -4.53 -6.34 54.69
CA VAL D 281 -4.42 -5.03 55.34
C VAL D 281 -5.56 -4.82 56.39
N GLU D 282 -6.77 -5.34 56.11
CA GLU D 282 -7.91 -5.25 57.03
C GLU D 282 -7.93 -6.38 58.06
N SER D 283 -6.73 -6.88 58.43
CA SER D 283 -6.47 -7.90 59.43
C SER D 283 -7.34 -9.17 59.33
N GLN D 284 -7.39 -9.77 58.12
CA GLN D 284 -8.10 -11.03 57.84
C GLN D 284 -7.14 -11.89 56.98
N PRO D 285 -6.01 -12.36 57.57
CA PRO D 285 -5.03 -13.11 56.76
C PRO D 285 -5.45 -14.51 56.35
N ALA D 286 -6.38 -15.14 57.09
CA ALA D 286 -6.90 -16.46 56.78
C ALA D 286 -7.71 -16.45 55.47
N ARG D 287 -8.59 -15.43 55.28
CA ARG D 287 -9.42 -15.24 54.09
C ARG D 287 -8.53 -14.87 52.92
N ALA D 288 -7.54 -13.97 53.17
CA ALA D 288 -6.57 -13.53 52.20
C ALA D 288 -5.77 -14.73 51.72
N ALA D 289 -5.34 -15.61 52.64
CA ALA D 289 -4.58 -16.82 52.29
C ALA D 289 -5.42 -17.89 51.60
N SER D 290 -6.66 -18.13 52.06
CA SER D 290 -7.55 -19.12 51.46
C SER D 290 -7.86 -18.78 50.00
N ILE D 291 -8.13 -17.48 49.71
CA ILE D 291 -8.43 -17.01 48.35
C ILE D 291 -7.23 -17.25 47.44
N THR D 292 -6.00 -16.87 47.88
CA THR D 292 -4.75 -17.06 47.10
C THR D 292 -4.49 -18.52 46.81
N ARG D 293 -4.57 -19.38 47.84
CA ARG D 293 -4.35 -20.83 47.73
C ARG D 293 -5.32 -21.49 46.74
N ALA D 294 -6.61 -21.07 46.77
CA ALA D 294 -7.67 -21.59 45.92
C ALA D 294 -7.39 -21.26 44.49
N SER D 295 -7.06 -19.98 44.22
CA SER D 295 -6.75 -19.39 42.92
C SER D 295 -5.66 -20.16 42.17
N ARG D 296 -4.70 -20.75 42.91
CA ARG D 296 -3.61 -21.59 42.40
C ARG D 296 -4.13 -22.79 41.59
N ILE D 297 -5.28 -23.37 42.03
CA ILE D 297 -5.97 -24.49 41.37
C ILE D 297 -7.09 -23.94 40.49
N ALA D 298 -7.87 -22.96 41.00
CA ALA D 298 -9.01 -22.34 40.33
C ALA D 298 -8.67 -21.82 38.93
N PHE D 299 -7.74 -20.83 38.84
CA PHE D 299 -7.32 -20.20 37.58
C PHE D 299 -6.92 -21.21 36.50
N PRO D 300 -5.99 -22.18 36.72
CA PRO D 300 -5.67 -23.14 35.63
C PRO D 300 -6.81 -24.09 35.28
N VAL D 301 -7.55 -24.61 36.31
CA VAL D 301 -8.65 -25.55 36.09
C VAL D 301 -9.78 -24.89 35.28
N VAL D 302 -10.24 -23.70 35.71
CA VAL D 302 -11.29 -22.94 35.00
C VAL D 302 -10.83 -22.68 33.55
N PHE D 303 -9.57 -22.22 33.36
CA PHE D 303 -9.01 -21.97 32.04
C PHE D 303 -9.06 -23.22 31.15
N LEU D 304 -8.63 -24.38 31.72
CA LEU D 304 -8.63 -25.66 31.03
C LEU D 304 -10.04 -26.05 30.56
N LEU D 305 -11.04 -26.04 31.48
CA LEU D 305 -12.43 -26.38 31.17
C LEU D 305 -13.05 -25.44 30.16
N ALA D 306 -12.87 -24.11 30.35
CA ALA D 306 -13.38 -23.10 29.45
C ALA D 306 -12.87 -23.33 28.00
N ASN D 307 -11.56 -23.64 27.85
CA ASN D 307 -10.95 -23.93 26.55
C ASN D 307 -11.54 -25.20 25.92
N ILE D 308 -11.82 -26.23 26.76
CA ILE D 308 -12.42 -27.51 26.37
C ILE D 308 -13.84 -27.25 25.88
N ILE D 309 -14.64 -26.46 26.63
CA ILE D 309 -16.03 -26.10 26.28
C ILE D 309 -16.06 -25.37 24.93
N LEU D 310 -15.22 -24.32 24.78
CA LEU D 310 -15.11 -23.53 23.55
C LEU D 310 -14.73 -24.41 22.37
N ALA D 311 -13.65 -25.23 22.54
CA ALA D 311 -13.17 -26.16 21.51
C ALA D 311 -14.31 -27.05 21.04
N PHE D 312 -15.09 -27.57 21.99
CA PHE D 312 -16.23 -28.43 21.73
C PHE D 312 -17.27 -27.68 20.90
N LEU D 313 -17.64 -26.45 21.33
CA LEU D 313 -18.63 -25.60 20.66
C LEU D 313 -18.25 -25.22 19.23
N PHE D 314 -16.95 -24.98 18.95
CA PHE D 314 -16.49 -24.61 17.62
C PHE D 314 -16.15 -25.80 16.71
N PHE D 315 -15.76 -26.94 17.31
CA PHE D 315 -15.37 -28.15 16.59
C PHE D 315 -16.12 -29.36 17.17
N VAL E 5 -1.85 -15.66 -40.88
CA VAL E 5 -0.58 -16.38 -40.95
C VAL E 5 -0.51 -17.52 -39.87
N SER E 6 -0.27 -18.79 -40.33
CA SER E 6 -0.06 -19.88 -39.39
C SER E 6 1.42 -20.43 -39.46
N PRO E 7 1.85 -21.51 -38.75
CA PRO E 7 3.28 -21.87 -38.73
C PRO E 7 3.88 -22.44 -39.98
N PRO E 8 5.24 -22.27 -40.13
CA PRO E 8 5.96 -22.87 -41.27
C PRO E 8 5.81 -24.39 -41.29
N PRO E 9 5.53 -24.96 -42.47
CA PRO E 9 5.39 -26.41 -42.59
C PRO E 9 6.69 -27.20 -42.46
N PRO E 10 6.73 -28.45 -42.00
CA PRO E 10 8.06 -29.13 -41.89
C PRO E 10 8.57 -29.68 -43.24
N ILE E 11 9.89 -29.98 -43.39
CA ILE E 11 10.39 -30.62 -44.63
C ILE E 11 9.94 -32.09 -44.64
N ALA E 12 9.93 -32.69 -43.44
CA ALA E 12 9.57 -34.08 -43.23
C ALA E 12 8.42 -34.18 -42.24
N ASP E 13 8.74 -34.20 -40.94
CA ASP E 13 7.82 -34.33 -39.80
C ASP E 13 8.47 -33.72 -38.54
N GLU E 14 9.64 -33.06 -38.73
CA GLU E 14 10.43 -32.41 -37.68
C GLU E 14 9.67 -31.27 -36.93
N PRO E 15 9.84 -31.12 -35.60
CA PRO E 15 9.17 -30.02 -34.91
C PRO E 15 9.92 -28.70 -35.09
N LEU E 16 9.24 -27.56 -34.85
CA LEU E 16 9.88 -26.26 -34.97
C LEU E 16 10.65 -25.91 -33.69
N THR E 17 11.97 -25.71 -33.83
CA THR E 17 12.84 -25.36 -32.73
C THR E 17 12.95 -23.84 -32.61
N VAL E 18 12.48 -23.32 -31.49
CA VAL E 18 12.56 -21.91 -31.18
C VAL E 18 13.68 -21.76 -30.17
N ASN E 19 14.81 -21.17 -30.62
CA ASN E 19 15.98 -20.89 -29.78
C ASN E 19 15.64 -19.66 -28.95
N THR E 20 15.83 -19.78 -27.62
CA THR E 20 15.50 -18.74 -26.65
C THR E 20 16.72 -18.14 -25.95
N GLY E 21 16.53 -16.99 -25.31
CA GLY E 21 17.56 -16.29 -24.58
C GLY E 21 17.01 -15.15 -23.77
N ILE E 22 17.20 -15.18 -22.45
CA ILE E 22 16.76 -14.11 -21.54
C ILE E 22 18.00 -13.35 -21.06
N TYR E 23 18.04 -12.02 -21.27
CA TYR E 23 19.14 -11.17 -20.81
C TYR E 23 18.62 -10.15 -19.79
N LEU E 24 18.97 -10.34 -18.49
CA LEU E 24 18.52 -9.46 -17.39
C LEU E 24 19.09 -8.05 -17.49
N ILE E 25 18.20 -7.06 -17.49
CA ILE E 25 18.58 -5.66 -17.55
C ILE E 25 18.46 -5.09 -16.14
N GLU E 26 17.26 -5.18 -15.56
CA GLU E 26 16.94 -4.71 -14.22
C GLU E 26 16.26 -5.82 -13.48
N CYS E 27 16.67 -6.02 -12.24
CA CYS E 27 16.10 -7.03 -11.38
C CYS E 27 15.98 -6.37 -10.03
N TYR E 28 14.78 -6.42 -9.44
CA TYR E 28 14.40 -5.70 -8.23
C TYR E 28 13.15 -6.30 -7.54
N SER E 29 12.61 -5.55 -6.55
CA SER E 29 11.40 -5.79 -5.75
C SER E 29 11.15 -7.26 -5.37
N LEU E 30 12.14 -7.89 -4.69
CA LEU E 30 12.01 -9.26 -4.19
C LEU E 30 11.24 -9.20 -2.87
N ASP E 31 9.95 -9.59 -2.92
CA ASP E 31 9.03 -9.61 -1.78
C ASP E 31 9.11 -10.97 -1.09
N ASP E 32 9.83 -11.04 0.04
CA ASP E 32 10.01 -12.27 0.81
C ASP E 32 8.67 -12.91 1.21
N LYS E 33 7.74 -12.09 1.74
CA LYS E 33 6.40 -12.49 2.16
C LYS E 33 5.55 -13.04 0.98
N ALA E 34 5.62 -12.40 -0.19
CA ALA E 34 4.85 -12.82 -1.36
C ALA E 34 5.53 -13.86 -2.24
N GLU E 35 6.84 -14.09 -2.03
CA GLU E 35 7.71 -14.99 -2.80
C GLU E 35 7.64 -14.63 -4.30
N THR E 36 7.72 -13.31 -4.57
CA THR E 36 7.69 -12.71 -5.92
C THR E 36 8.88 -11.77 -6.07
N PHE E 37 9.32 -11.58 -7.32
CA PHE E 37 10.38 -10.63 -7.68
C PHE E 37 10.01 -10.03 -9.03
N LYS E 38 10.42 -8.79 -9.25
CA LYS E 38 10.12 -8.12 -10.51
C LYS E 38 11.38 -8.14 -11.38
N VAL E 39 11.19 -8.44 -12.68
CA VAL E 39 12.30 -8.52 -13.63
C VAL E 39 12.00 -7.76 -14.93
N ASN E 40 12.99 -6.99 -15.41
CA ASN E 40 12.96 -6.24 -16.68
C ASN E 40 14.13 -6.81 -17.48
N ALA E 41 13.84 -7.52 -18.59
CA ALA E 41 14.86 -8.20 -19.37
C ALA E 41 14.62 -8.17 -20.88
N PHE E 42 15.51 -8.83 -21.64
CA PHE E 42 15.41 -9.00 -23.08
C PHE E 42 15.01 -10.43 -23.37
N LEU E 43 14.01 -10.64 -24.23
CA LEU E 43 13.64 -11.99 -24.64
C LEU E 43 14.06 -12.11 -26.09
N SER E 44 14.91 -13.10 -26.38
CA SER E 44 15.44 -13.38 -27.70
C SER E 44 14.84 -14.66 -28.24
N LEU E 45 14.27 -14.60 -29.45
CA LEU E 45 13.67 -15.75 -30.09
C LEU E 45 14.24 -15.89 -31.50
N SER E 46 14.47 -17.14 -31.92
CA SER E 46 14.99 -17.48 -33.26
C SER E 46 14.43 -18.79 -33.77
N TRP E 47 13.97 -18.79 -35.03
CA TRP E 47 13.40 -19.94 -35.72
C TRP E 47 13.53 -19.74 -37.22
N LYS E 48 13.56 -20.85 -37.97
CA LYS E 48 13.63 -20.81 -39.44
C LYS E 48 12.22 -20.92 -40.01
N ASP E 49 11.93 -20.04 -40.97
CA ASP E 49 10.68 -19.98 -41.69
C ASP E 49 11.01 -19.81 -43.16
N ARG E 50 11.09 -20.93 -43.91
CA ARG E 50 11.45 -20.95 -45.35
C ARG E 50 10.54 -20.14 -46.25
N ARG E 51 9.30 -19.90 -45.81
CA ARG E 51 8.32 -19.11 -46.53
C ARG E 51 8.80 -17.70 -46.79
N LEU E 52 9.62 -17.15 -45.87
CA LEU E 52 10.17 -15.80 -45.97
C LEU E 52 11.67 -15.81 -46.27
N ALA E 53 12.19 -16.98 -46.61
CA ALA E 53 13.59 -17.18 -47.00
C ALA E 53 13.72 -16.68 -48.40
N PHE E 54 14.43 -15.56 -48.64
CA PHE E 54 14.49 -15.06 -50.02
C PHE E 54 15.90 -14.98 -50.62
N ASP E 55 15.96 -14.77 -51.96
CA ASP E 55 17.20 -14.76 -52.73
C ASP E 55 17.93 -13.43 -52.70
N PRO E 56 19.23 -13.45 -52.32
CA PRO E 56 20.05 -12.23 -52.34
C PRO E 56 20.35 -11.76 -53.77
N VAL E 57 19.76 -12.43 -54.78
CA VAL E 57 19.89 -12.03 -56.17
C VAL E 57 18.80 -10.97 -56.40
N ARG E 58 17.53 -11.41 -56.47
CA ARG E 58 16.36 -10.57 -56.74
C ARG E 58 16.05 -9.56 -55.62
N SER E 59 15.83 -10.04 -54.36
CA SER E 59 15.47 -9.23 -53.20
C SER E 59 16.26 -7.91 -53.11
N GLY E 60 15.54 -6.80 -53.07
CA GLY E 60 16.12 -5.45 -52.98
C GLY E 60 16.67 -5.14 -51.61
N VAL E 61 16.74 -6.16 -50.74
CA VAL E 61 17.23 -6.11 -49.38
C VAL E 61 18.21 -7.25 -49.11
N ARG E 62 19.08 -7.02 -48.14
CA ARG E 62 20.13 -7.91 -47.69
C ARG E 62 19.70 -8.63 -46.40
N VAL E 63 19.03 -7.88 -45.52
CA VAL E 63 18.44 -8.30 -44.25
C VAL E 63 17.06 -7.64 -44.27
N LYS E 64 16.01 -8.45 -44.27
CA LYS E 64 14.65 -7.91 -44.30
C LYS E 64 14.08 -7.74 -42.92
N THR E 65 13.82 -6.47 -42.55
CA THR E 65 13.25 -6.11 -41.25
C THR E 65 11.74 -6.09 -41.40
N TYR E 66 11.03 -6.75 -40.48
CA TYR E 66 9.56 -6.81 -40.52
C TYR E 66 8.91 -6.22 -39.27
N GLU E 67 7.58 -6.03 -39.36
CA GLU E 67 6.73 -5.59 -38.27
C GLU E 67 6.10 -6.86 -37.66
N PRO E 68 5.85 -6.93 -36.33
CA PRO E 68 5.32 -8.19 -35.73
C PRO E 68 4.04 -8.80 -36.32
N GLU E 69 3.22 -7.97 -36.99
CA GLU E 69 1.93 -8.27 -37.59
C GLU E 69 2.03 -8.34 -39.12
N ALA E 70 3.14 -8.90 -39.63
CA ALA E 70 3.47 -9.07 -41.05
C ALA E 70 3.91 -10.51 -41.23
N ILE E 71 4.50 -11.07 -40.18
CA ILE E 71 4.98 -12.45 -40.13
C ILE E 71 4.41 -13.24 -38.92
N TRP E 72 4.43 -14.60 -39.03
CA TRP E 72 4.07 -15.56 -38.00
C TRP E 72 5.16 -15.50 -36.91
N ILE E 73 4.74 -15.34 -35.65
CA ILE E 73 5.61 -15.28 -34.49
C ILE E 73 5.08 -16.28 -33.42
N PRO E 74 5.94 -17.18 -32.88
CA PRO E 74 5.47 -18.16 -31.89
C PRO E 74 4.92 -17.57 -30.59
N GLU E 75 3.80 -18.13 -30.11
CA GLU E 75 3.15 -17.68 -28.87
C GLU E 75 3.92 -18.19 -27.66
N ILE E 76 4.92 -17.39 -27.22
CA ILE E 76 5.80 -17.70 -26.08
C ILE E 76 5.27 -16.98 -24.84
N ARG E 77 5.08 -17.75 -23.75
CA ARG E 77 4.57 -17.24 -22.48
C ARG E 77 5.43 -17.67 -21.30
N PHE E 78 5.20 -17.04 -20.14
CA PHE E 78 5.87 -17.38 -18.90
C PHE E 78 4.87 -18.12 -18.02
N VAL E 79 5.32 -19.18 -17.36
CA VAL E 79 4.44 -20.00 -16.52
C VAL E 79 4.15 -19.32 -15.20
N ASN E 80 5.21 -19.10 -14.39
CA ASN E 80 5.10 -18.52 -13.06
C ASN E 80 5.08 -16.98 -13.05
N VAL E 81 4.04 -16.39 -13.67
CA VAL E 81 3.84 -14.94 -13.67
C VAL E 81 2.47 -14.60 -13.06
N GLU E 82 2.33 -13.37 -12.51
CA GLU E 82 1.08 -12.88 -11.91
C GLU E 82 0.08 -12.61 -13.05
N ASN E 83 0.45 -11.68 -13.94
CA ASN E 83 -0.30 -11.30 -15.12
C ASN E 83 0.68 -11.46 -16.29
N ALA E 84 0.19 -11.38 -17.54
CA ALA E 84 1.07 -11.48 -18.70
C ALA E 84 2.03 -10.30 -18.74
N ARG E 85 3.27 -10.54 -19.20
CA ARG E 85 4.36 -9.56 -19.29
C ARG E 85 4.07 -8.35 -20.18
N ASP E 86 4.64 -7.19 -19.81
CA ASP E 86 4.54 -5.96 -20.59
C ASP E 86 5.77 -5.97 -21.49
N ALA E 87 5.59 -6.47 -22.72
CA ALA E 87 6.66 -6.58 -23.70
C ALA E 87 6.53 -5.58 -24.82
N ASP E 88 7.67 -5.04 -25.29
CA ASP E 88 7.76 -4.09 -26.40
C ASP E 88 8.79 -4.63 -27.37
N VAL E 89 8.33 -5.04 -28.57
CA VAL E 89 9.19 -5.61 -29.62
C VAL E 89 10.25 -4.59 -30.00
N VAL E 90 11.52 -5.01 -29.91
CA VAL E 90 12.69 -4.19 -30.21
C VAL E 90 13.05 -4.33 -31.69
N ASP E 91 13.25 -5.58 -32.17
CA ASP E 91 13.62 -5.86 -33.56
C ASP E 91 13.29 -7.27 -34.05
N ILE E 92 12.82 -7.37 -35.30
CA ILE E 92 12.54 -8.61 -36.03
C ILE E 92 13.32 -8.50 -37.35
N SER E 93 14.25 -9.43 -37.60
CA SER E 93 15.02 -9.38 -38.84
C SER E 93 15.23 -10.75 -39.46
N VAL E 94 14.77 -10.91 -40.73
CA VAL E 94 14.85 -12.15 -41.49
C VAL E 94 16.10 -12.19 -42.37
N SER E 95 16.86 -13.27 -42.22
CA SER E 95 18.06 -13.59 -42.97
C SER E 95 17.56 -14.32 -44.24
N PRO E 96 18.33 -14.28 -45.37
CA PRO E 96 17.89 -14.94 -46.63
C PRO E 96 17.48 -16.42 -46.58
N ASP E 97 18.00 -17.25 -45.61
CA ASP E 97 17.68 -18.68 -45.40
C ASP E 97 16.30 -18.89 -44.77
N GLY E 98 15.74 -17.80 -44.26
CA GLY E 98 14.44 -17.75 -43.60
C GLY E 98 14.51 -17.60 -42.10
N THR E 99 15.74 -17.56 -41.55
CA THR E 99 15.98 -17.45 -40.12
C THR E 99 15.51 -16.09 -39.59
N VAL E 100 14.50 -16.14 -38.71
CA VAL E 100 13.95 -14.96 -38.07
C VAL E 100 14.73 -14.70 -36.79
N GLN E 101 15.06 -13.44 -36.55
CA GLN E 101 15.76 -13.03 -35.35
C GLN E 101 14.94 -11.96 -34.66
N TYR E 102 14.11 -12.43 -33.73
CA TYR E 102 13.18 -11.66 -32.91
C TYR E 102 13.86 -11.22 -31.62
N LEU E 103 13.50 -10.03 -31.10
CA LEU E 103 14.00 -9.49 -29.85
C LEU E 103 12.98 -8.52 -29.30
N GLU E 104 12.63 -8.67 -28.02
CA GLU E 104 11.70 -7.82 -27.30
C GLU E 104 12.27 -7.50 -25.93
N ARG E 105 11.82 -6.39 -25.33
CA ARG E 105 12.19 -5.97 -23.97
C ARG E 105 10.92 -6.10 -23.13
N PHE E 106 10.93 -6.98 -22.11
CA PHE E 106 9.75 -7.23 -21.28
C PHE E 106 9.98 -6.97 -19.77
N SER E 107 8.90 -6.71 -19.05
CA SER E 107 8.91 -6.56 -17.61
C SER E 107 7.78 -7.42 -17.06
N ALA E 108 8.10 -8.33 -16.11
CA ALA E 108 7.12 -9.25 -15.52
C ALA E 108 7.30 -9.43 -14.01
N ARG E 109 6.21 -9.73 -13.27
CA ARG E 109 6.31 -10.05 -11.83
C ARG E 109 6.31 -11.57 -11.71
N VAL E 110 7.50 -12.14 -11.49
CA VAL E 110 7.72 -13.57 -11.39
C VAL E 110 7.35 -14.08 -9.99
N LEU E 111 6.69 -15.24 -9.94
CA LEU E 111 6.22 -15.90 -8.74
C LEU E 111 7.01 -17.21 -8.48
N SER E 112 8.15 -17.08 -7.80
CA SER E 112 9.04 -18.18 -7.46
C SER E 112 9.13 -18.36 -5.93
N PRO E 113 8.75 -19.55 -5.41
CA PRO E 113 8.79 -19.78 -3.95
C PRO E 113 10.20 -19.78 -3.35
N LEU E 114 10.28 -19.52 -2.03
CA LEU E 114 11.55 -19.48 -1.28
C LEU E 114 11.57 -20.47 -0.08
N ASP E 115 12.79 -20.90 0.32
CA ASP E 115 13.03 -21.79 1.45
C ASP E 115 13.61 -20.96 2.60
N PHE E 116 12.79 -20.71 3.63
CA PHE E 116 13.18 -19.86 4.75
C PHE E 116 13.81 -20.60 5.94
N ARG E 117 14.10 -21.90 5.79
CA ARG E 117 14.70 -22.71 6.86
C ARG E 117 16.02 -22.12 7.39
N ARG E 118 17.00 -21.84 6.52
CA ARG E 118 18.32 -21.32 6.89
C ARG E 118 18.39 -19.78 7.02
N TYR E 119 17.24 -19.09 6.99
CA TYR E 119 17.12 -17.63 7.13
C TYR E 119 17.70 -17.16 8.50
N PRO E 120 18.46 -16.03 8.56
CA PRO E 120 18.79 -15.09 7.46
C PRO E 120 20.10 -15.39 6.74
N PHE E 121 20.55 -16.64 6.80
CA PHE E 121 21.80 -17.08 6.14
C PHE E 121 21.53 -17.80 4.81
N ASP E 122 20.23 -17.98 4.47
CA ASP E 122 19.68 -18.64 3.29
C ASP E 122 20.24 -18.20 1.94
N SER E 123 20.02 -19.07 0.94
CA SER E 123 20.35 -18.89 -0.47
C SER E 123 19.15 -19.40 -1.26
N GLN E 124 18.80 -18.69 -2.33
CA GLN E 124 17.65 -19.05 -3.15
C GLN E 124 18.02 -19.30 -4.61
N THR E 125 17.14 -20.04 -5.30
CA THR E 125 17.19 -20.33 -6.72
C THR E 125 15.84 -19.86 -7.26
N LEU E 126 15.87 -18.72 -7.93
CA LEU E 126 14.70 -18.13 -8.55
C LEU E 126 14.48 -18.76 -9.91
N HIS E 127 13.22 -18.98 -10.27
CA HIS E 127 12.89 -19.66 -11.51
C HIS E 127 12.06 -18.81 -12.44
N ILE E 128 12.37 -18.85 -13.73
CA ILE E 128 11.66 -18.15 -14.79
C ILE E 128 11.34 -19.22 -15.83
N TYR E 129 10.08 -19.64 -15.92
CA TYR E 129 9.67 -20.70 -16.84
C TYR E 129 9.08 -20.22 -18.16
N LEU E 130 9.84 -20.44 -19.25
CA LEU E 130 9.41 -20.12 -20.61
C LEU E 130 8.62 -21.28 -21.15
N ILE E 131 7.48 -21.00 -21.80
CA ILE E 131 6.65 -22.06 -22.35
C ILE E 131 6.13 -21.70 -23.77
N VAL E 132 5.92 -22.73 -24.60
CA VAL E 132 5.37 -22.64 -25.95
C VAL E 132 4.35 -23.77 -26.16
N ARG E 133 3.13 -23.41 -26.57
CA ARG E 133 2.13 -24.42 -26.83
C ARG E 133 2.14 -24.80 -28.31
N SER E 134 2.41 -26.10 -28.60
CA SER E 134 2.44 -26.67 -29.95
C SER E 134 1.08 -26.47 -30.63
N VAL E 135 1.08 -26.30 -31.96
CA VAL E 135 -0.14 -26.02 -32.70
C VAL E 135 -0.52 -27.18 -33.65
N ASP E 136 -1.74 -27.09 -34.24
CA ASP E 136 -2.40 -28.03 -35.16
C ASP E 136 -1.48 -28.64 -36.23
N THR E 137 -0.90 -27.78 -37.11
CA THR E 137 -0.04 -28.20 -38.23
C THR E 137 1.39 -28.57 -37.80
N ARG E 138 2.02 -27.77 -36.92
CA ARG E 138 3.40 -28.00 -36.50
C ARG E 138 3.55 -28.00 -34.97
N ASN E 139 4.33 -28.97 -34.44
CA ASN E 139 4.65 -29.05 -33.02
C ASN E 139 5.87 -28.17 -32.73
N ILE E 140 5.85 -27.41 -31.60
CA ILE E 140 6.93 -26.48 -31.27
C ILE E 140 7.69 -26.92 -29.99
N VAL E 141 9.03 -26.91 -30.09
CA VAL E 141 9.98 -27.24 -29.02
C VAL E 141 10.95 -26.06 -28.73
N LEU E 142 11.28 -25.84 -27.46
CA LEU E 142 12.19 -24.76 -27.04
C LEU E 142 13.65 -25.20 -26.95
N ALA E 143 14.58 -24.24 -27.14
CA ALA E 143 16.03 -24.47 -27.07
C ALA E 143 16.74 -23.29 -26.40
N VAL E 144 17.96 -23.51 -25.89
CA VAL E 144 18.74 -22.47 -25.20
C VAL E 144 19.98 -22.04 -26.01
N ASP E 145 19.99 -20.77 -26.44
CA ASP E 145 21.11 -20.13 -27.13
C ASP E 145 21.88 -19.43 -26.00
N LEU E 146 22.89 -20.13 -25.43
CA LEU E 146 23.67 -19.66 -24.28
C LEU E 146 24.51 -18.38 -24.49
N GLU E 147 24.58 -17.90 -25.74
CA GLU E 147 25.28 -16.67 -26.11
C GLU E 147 24.42 -15.45 -25.85
N LYS E 148 23.08 -15.65 -25.76
CA LYS E 148 22.12 -14.58 -25.48
C LYS E 148 21.33 -14.85 -24.16
N VAL E 149 21.98 -15.56 -23.21
CA VAL E 149 21.48 -15.86 -21.85
C VAL E 149 22.51 -15.25 -20.87
N GLY E 150 22.20 -14.09 -20.35
CA GLY E 150 23.08 -13.38 -19.43
C GLY E 150 22.40 -12.35 -18.57
N LYS E 151 23.21 -11.47 -17.98
CA LYS E 151 22.74 -10.40 -17.11
C LYS E 151 23.66 -9.21 -17.18
N ASN E 152 23.07 -8.01 -17.07
CA ASN E 152 23.77 -6.73 -17.08
C ASN E 152 24.65 -6.71 -15.83
N ASP E 153 25.85 -6.14 -15.98
CA ASP E 153 26.87 -6.04 -14.96
C ASP E 153 26.29 -5.28 -13.71
N ASP E 154 25.54 -4.19 -13.96
CA ASP E 154 24.91 -3.30 -12.98
C ASP E 154 23.73 -3.88 -12.18
N VAL E 155 23.11 -4.99 -12.66
CA VAL E 155 21.94 -5.65 -12.01
C VAL E 155 22.15 -5.75 -10.49
N PHE E 156 21.22 -5.14 -9.72
CA PHE E 156 21.29 -5.17 -8.25
C PHE E 156 19.97 -5.58 -7.60
N LEU E 157 20.05 -6.56 -6.71
CA LEU E 157 18.92 -7.03 -5.93
C LEU E 157 19.29 -6.74 -4.46
N THR E 158 18.73 -5.63 -3.91
CA THR E 158 19.02 -5.11 -2.54
C THR E 158 18.94 -6.21 -1.48
N GLY E 159 20.00 -6.34 -0.67
CA GLY E 159 20.12 -7.35 0.38
C GLY E 159 20.48 -8.75 -0.08
N TRP E 160 20.76 -8.93 -1.39
CA TRP E 160 21.13 -10.23 -1.96
C TRP E 160 22.34 -10.11 -2.85
N ASP E 161 23.09 -11.21 -2.99
CA ASP E 161 24.25 -11.29 -3.86
C ASP E 161 23.85 -12.17 -5.04
N ILE E 162 23.75 -11.58 -6.25
CA ILE E 162 23.38 -12.32 -7.46
C ILE E 162 24.57 -13.22 -7.82
N GLU E 163 24.38 -14.55 -7.69
CA GLU E 163 25.40 -15.56 -7.97
C GLU E 163 25.48 -15.88 -9.47
N SER E 164 24.37 -16.29 -10.10
CA SER E 164 24.37 -16.67 -11.52
C SER E 164 22.99 -16.65 -12.15
N PHE E 165 22.95 -16.42 -13.47
CA PHE E 165 21.71 -16.50 -14.25
C PHE E 165 21.96 -17.48 -15.40
N THR E 166 21.43 -18.69 -15.27
CA THR E 166 21.63 -19.77 -16.22
C THR E 166 20.28 -20.36 -16.67
N ALA E 167 20.33 -21.33 -17.58
CA ALA E 167 19.15 -22.01 -18.08
C ALA E 167 19.43 -23.50 -18.18
N VAL E 168 18.45 -24.33 -17.79
CA VAL E 168 18.54 -25.78 -17.92
C VAL E 168 18.22 -26.05 -19.40
N VAL E 169 19.28 -26.35 -20.18
CA VAL E 169 19.31 -26.54 -21.64
C VAL E 169 18.27 -27.53 -22.14
N LYS E 170 18.05 -28.65 -21.41
CA LYS E 170 17.05 -29.64 -21.82
C LYS E 170 15.64 -29.15 -21.46
N PRO E 171 14.74 -28.95 -22.46
CA PRO E 171 13.39 -28.48 -22.13
C PRO E 171 12.51 -29.61 -21.59
N ALA E 172 11.49 -29.23 -20.84
CA ALA E 172 10.52 -30.14 -20.27
C ALA E 172 9.33 -30.24 -21.22
N ASN E 173 9.35 -31.27 -22.07
CA ASN E 173 8.27 -31.51 -23.03
C ASN E 173 7.22 -32.41 -22.38
N PHE E 174 5.97 -31.96 -22.38
CA PHE E 174 4.84 -32.67 -21.76
C PHE E 174 3.52 -32.39 -22.46
N ALA E 175 2.47 -33.14 -22.08
CA ALA E 175 1.13 -32.98 -22.64
C ALA E 175 0.29 -32.18 -21.67
N LEU E 176 -0.51 -31.25 -22.21
CA LEU E 176 -1.41 -30.38 -21.46
C LEU E 176 -2.61 -30.02 -22.36
N GLU E 177 -3.83 -30.38 -21.89
CA GLU E 177 -5.11 -30.18 -22.57
C GLU E 177 -5.07 -30.57 -24.07
N ASP E 178 -4.69 -31.85 -24.31
CA ASP E 178 -4.59 -32.54 -25.61
C ASP E 178 -3.48 -31.98 -26.56
N ARG E 179 -2.55 -31.17 -26.07
CA ARG E 179 -1.46 -30.60 -26.88
C ARG E 179 -0.12 -30.57 -26.13
N LEU E 180 0.98 -30.67 -26.89
CA LEU E 180 2.35 -30.66 -26.37
C LEU E 180 2.75 -29.25 -25.95
N GLU E 181 3.54 -29.16 -24.87
CA GLU E 181 4.10 -27.91 -24.34
C GLU E 181 5.60 -28.14 -24.15
N SER E 182 6.42 -27.10 -24.34
CA SER E 182 7.87 -27.17 -24.16
C SER E 182 8.24 -26.09 -23.17
N LYS E 183 8.69 -26.50 -21.97
CA LYS E 183 9.03 -25.61 -20.86
C LYS E 183 10.54 -25.50 -20.63
N LEU E 184 11.05 -24.27 -20.42
CA LEU E 184 12.47 -24.04 -20.16
C LEU E 184 12.68 -23.43 -18.79
N ASP E 185 13.68 -23.94 -18.05
CA ASP E 185 13.98 -23.46 -16.71
C ASP E 185 15.14 -22.46 -16.66
N TYR E 186 14.82 -21.17 -16.49
CA TYR E 186 15.81 -20.11 -16.33
C TYR E 186 16.00 -19.92 -14.82
N GLN E 187 17.18 -20.27 -14.32
CA GLN E 187 17.49 -20.20 -12.90
C GLN E 187 18.36 -19.02 -12.51
N LEU E 188 17.92 -18.27 -11.49
CA LEU E 188 18.64 -17.12 -10.95
C LEU E 188 19.03 -17.41 -9.48
N ARG E 189 20.31 -17.77 -9.29
CA ARG E 189 20.85 -18.08 -7.96
C ARG E 189 21.25 -16.83 -7.22
N ILE E 190 20.71 -16.67 -6.01
CA ILE E 190 20.94 -15.52 -5.13
C ILE E 190 21.28 -16.00 -3.71
N SER E 191 22.11 -15.23 -2.97
CA SER E 191 22.51 -15.56 -1.59
C SER E 191 22.37 -14.31 -0.72
N ARG E 192 21.62 -14.43 0.39
CA ARG E 192 21.33 -13.32 1.29
C ARG E 192 22.57 -12.70 1.97
N GLN E 193 22.60 -11.35 2.02
CA GLN E 193 23.63 -10.52 2.66
C GLN E 193 23.22 -10.43 4.14
N TYR E 194 23.78 -11.32 4.98
CA TYR E 194 23.42 -11.43 6.40
C TYR E 194 24.21 -10.56 7.39
N PHE E 195 25.14 -9.69 6.92
CA PHE E 195 25.93 -8.86 7.85
C PHE E 195 25.06 -8.10 8.84
N SER E 196 24.18 -7.21 8.33
CA SER E 196 23.25 -6.38 9.08
C SER E 196 22.55 -7.08 10.26
N TYR E 197 22.13 -8.35 10.07
CA TYR E 197 21.43 -9.16 11.07
C TYR E 197 22.17 -9.33 12.38
N ILE E 198 23.51 -9.45 12.34
CA ILE E 198 24.35 -9.65 13.52
C ILE E 198 24.31 -8.41 14.47
N PRO E 199 24.76 -7.19 14.06
CA PRO E 199 24.71 -6.06 14.99
C PRO E 199 23.35 -5.38 15.16
N ASN E 200 22.46 -5.50 14.16
CA ASN E 200 21.16 -4.83 14.19
C ASN E 200 20.04 -5.65 14.82
N ILE E 201 20.02 -6.98 14.60
CA ILE E 201 18.95 -7.82 15.13
C ILE E 201 19.41 -8.82 16.21
N ILE E 202 20.34 -9.72 15.87
CA ILE E 202 20.86 -10.78 16.72
C ILE E 202 21.45 -10.27 18.04
N LEU E 203 22.47 -9.39 17.98
CA LEU E 203 23.13 -8.86 19.17
C LEU E 203 22.19 -8.07 20.13
N PRO E 204 21.39 -7.05 19.68
CA PRO E 204 20.50 -6.36 20.65
C PRO E 204 19.49 -7.32 21.28
N MET E 205 18.97 -8.28 20.48
CA MET E 205 18.02 -9.29 20.98
C MET E 205 18.68 -10.25 21.97
N LEU E 206 20.01 -10.41 21.90
CA LEU E 206 20.68 -11.27 22.86
C LEU E 206 20.97 -10.53 24.13
N PHE E 207 21.25 -9.22 24.04
CA PHE E 207 21.52 -8.36 25.19
C PHE E 207 20.32 -8.31 26.15
N ILE E 208 19.08 -8.12 25.61
CA ILE E 208 17.82 -8.06 26.37
C ILE E 208 17.61 -9.36 27.15
N LEU E 209 17.89 -10.52 26.52
CA LEU E 209 17.79 -11.84 27.14
C LEU E 209 18.85 -12.00 28.23
N PHE E 210 20.07 -11.45 28.00
CA PHE E 210 21.13 -11.54 29.00
C PHE E 210 20.80 -10.71 30.22
N ILE E 211 20.11 -9.55 30.04
CA ILE E 211 19.68 -8.66 31.12
C ILE E 211 18.80 -9.44 32.11
N SER E 212 17.86 -10.26 31.60
CA SER E 212 16.98 -11.06 32.46
C SER E 212 17.77 -12.00 33.38
N TRP E 213 18.87 -12.58 32.88
CA TRP E 213 19.70 -13.50 33.66
C TRP E 213 20.42 -12.86 34.85
N THR E 214 20.35 -11.52 35.00
CA THR E 214 20.96 -10.87 36.15
C THR E 214 20.17 -11.15 37.43
N ALA E 215 18.92 -11.65 37.29
CA ALA E 215 18.03 -12.01 38.40
C ALA E 215 18.56 -13.23 39.19
N PHE E 216 19.63 -13.86 38.67
CA PHE E 216 20.31 -14.98 39.31
C PHE E 216 21.40 -14.47 40.28
N TRP E 217 21.57 -13.15 40.39
CA TRP E 217 22.53 -12.49 41.29
C TRP E 217 21.80 -11.53 42.22
N SER E 218 20.46 -11.68 42.31
CA SER E 218 19.58 -10.88 43.17
C SER E 218 18.66 -11.79 44.00
N THR E 219 18.26 -11.30 45.19
CA THR E 219 17.34 -11.98 46.13
C THR E 219 16.05 -11.15 46.29
N SER E 220 16.02 -9.95 45.68
CA SER E 220 14.90 -9.02 45.70
C SER E 220 13.86 -9.48 44.67
N TYR E 221 12.75 -10.10 45.14
CA TYR E 221 11.66 -10.59 44.27
C TYR E 221 11.09 -9.46 43.45
N GLU E 222 10.98 -8.25 44.04
CA GLU E 222 10.50 -7.05 43.34
C GLU E 222 11.40 -6.70 42.16
N ALA E 223 12.74 -6.73 42.39
CA ALA E 223 13.76 -6.45 41.36
C ALA E 223 13.76 -7.53 40.29
N ASN E 224 13.66 -8.82 40.70
CA ASN E 224 13.61 -9.99 39.82
C ASN E 224 12.37 -9.98 38.92
N VAL E 225 11.18 -9.66 39.49
CA VAL E 225 9.91 -9.55 38.77
C VAL E 225 10.09 -8.49 37.67
N THR E 226 10.55 -7.27 38.06
CA THR E 226 10.82 -6.17 37.12
C THR E 226 11.82 -6.60 36.03
N LEU E 227 12.93 -7.26 36.43
CA LEU E 227 13.93 -7.75 35.48
C LEU E 227 13.39 -8.70 34.40
N VAL E 228 12.87 -9.87 34.80
CA VAL E 228 12.37 -10.87 33.85
C VAL E 228 11.14 -10.40 33.07
N VAL E 229 10.17 -9.74 33.75
CA VAL E 229 8.94 -9.30 33.05
C VAL E 229 9.24 -8.11 32.11
N SER E 230 9.94 -7.05 32.59
CA SER E 230 10.27 -5.88 31.74
C SER E 230 11.09 -6.24 30.50
N THR E 231 12.11 -7.14 30.64
CA THR E 231 12.91 -7.59 29.50
C THR E 231 12.05 -8.36 28.52
N LEU E 232 11.07 -9.15 29.00
CA LEU E 232 10.14 -9.86 28.11
C LEU E 232 9.37 -8.85 27.25
N ILE E 233 8.90 -7.72 27.86
CA ILE E 233 8.20 -6.63 27.18
C ILE E 233 9.16 -5.96 26.17
N ALA E 234 10.44 -5.74 26.57
CA ALA E 234 11.46 -5.15 25.70
C ALA E 234 11.69 -6.03 24.47
N HIS E 235 11.77 -7.36 24.70
CA HIS E 235 11.95 -8.39 23.67
C HIS E 235 10.89 -8.26 22.58
N ILE E 236 9.58 -8.33 22.99
CA ILE E 236 8.42 -8.25 22.10
C ILE E 236 8.43 -6.92 21.32
N ALA E 237 8.71 -5.80 22.03
CA ALA E 237 8.81 -4.45 21.44
C ALA E 237 9.90 -4.42 20.40
N PHE E 238 11.07 -5.03 20.72
CA PHE E 238 12.21 -5.11 19.80
C PHE E 238 11.81 -5.86 18.53
N ASN E 239 11.14 -7.01 18.68
CA ASN E 239 10.68 -7.81 17.55
C ASN E 239 9.65 -7.04 16.69
N ILE E 240 8.78 -6.22 17.33
CA ILE E 240 7.82 -5.36 16.64
C ILE E 240 8.64 -4.38 15.80
N LEU E 241 9.67 -3.73 16.42
CA LEU E 241 10.57 -2.77 15.76
C LEU E 241 11.25 -3.38 14.54
N VAL E 242 11.89 -4.53 14.74
CA VAL E 242 12.67 -5.29 13.75
C VAL E 242 11.76 -5.95 12.67
N GLY E 243 10.51 -5.50 12.57
CA GLY E 243 9.51 -6.01 11.61
C GLY E 243 9.25 -7.50 11.69
N THR E 244 8.57 -8.02 10.69
CA THR E 244 8.20 -9.42 10.42
C THR E 244 8.08 -9.54 8.88
N ASN E 245 9.17 -9.92 8.16
CA ASN E 245 9.07 -9.98 6.68
C ASN E 245 8.98 -11.42 6.05
N LEU E 246 8.55 -12.45 6.82
CA LEU E 246 8.45 -13.83 6.33
C LEU E 246 6.99 -14.35 6.33
N PRO E 247 6.59 -15.20 5.37
CA PRO E 247 5.23 -15.76 5.41
C PRO E 247 5.06 -16.91 6.43
N LYS E 248 3.86 -17.49 6.47
CA LYS E 248 3.59 -18.59 7.39
C LYS E 248 4.01 -19.84 6.63
N THR E 249 5.05 -20.48 7.12
CA THR E 249 5.67 -21.66 6.55
C THR E 249 5.11 -22.97 7.16
N PRO E 250 4.93 -24.06 6.35
CA PRO E 250 4.47 -25.33 6.93
C PRO E 250 5.54 -26.01 7.81
N TYR E 251 6.81 -25.75 7.47
CA TYR E 251 8.03 -26.24 8.11
C TYR E 251 8.51 -25.31 9.26
N MET E 252 9.62 -25.70 9.91
CA MET E 252 10.23 -24.91 10.98
C MET E 252 11.51 -24.22 10.47
N THR E 253 11.67 -22.95 10.84
CA THR E 253 12.79 -22.07 10.49
C THR E 253 13.87 -22.13 11.58
N TYR E 254 15.14 -21.83 11.21
CA TYR E 254 16.26 -21.74 12.14
C TYR E 254 15.93 -20.60 13.10
N THR E 255 15.52 -19.43 12.54
CA THR E 255 15.12 -18.26 13.32
C THR E 255 13.85 -18.52 14.11
N GLY E 256 12.95 -19.30 13.52
CA GLY E 256 11.68 -19.67 14.15
C GLY E 256 11.85 -20.40 15.45
N ALA E 257 12.76 -21.41 15.44
CA ALA E 257 13.11 -22.25 16.58
C ALA E 257 13.81 -21.43 17.68
N ILE E 258 14.81 -20.59 17.33
CA ILE E 258 15.55 -19.74 18.26
C ILE E 258 14.61 -18.81 19.04
N ILE E 259 13.68 -18.15 18.31
CA ILE E 259 12.69 -17.24 18.89
C ILE E 259 11.85 -17.97 19.93
N PHE E 260 11.24 -19.13 19.56
CA PHE E 260 10.45 -19.95 20.48
C PHE E 260 11.26 -20.27 21.73
N MET E 261 12.54 -20.66 21.55
CA MET E 261 13.47 -20.98 22.63
C MET E 261 13.62 -19.78 23.59
N ILE E 262 13.76 -18.55 23.04
CA ILE E 262 13.88 -17.31 23.82
C ILE E 262 12.61 -17.07 24.67
N TYR E 263 11.40 -17.31 24.11
CA TYR E 263 10.14 -17.18 24.86
C TYR E 263 10.07 -18.21 25.98
N LEU E 264 10.59 -19.43 25.71
CA LEU E 264 10.66 -20.50 26.71
C LEU E 264 11.65 -20.11 27.84
N PHE E 265 12.79 -19.48 27.47
CA PHE E 265 13.83 -18.99 28.39
C PHE E 265 13.34 -17.87 29.32
N TYR E 266 12.32 -17.10 28.86
CA TYR E 266 11.71 -16.04 29.66
C TYR E 266 10.80 -16.69 30.67
N PHE E 267 10.08 -17.73 30.22
CA PHE E 267 9.17 -18.50 31.06
C PHE E 267 9.90 -19.24 32.15
N VAL E 268 10.99 -19.95 31.78
CA VAL E 268 11.78 -20.71 32.75
C VAL E 268 12.38 -19.79 33.81
N ALA E 269 12.92 -18.63 33.37
CA ALA E 269 13.49 -17.63 34.27
C ALA E 269 12.47 -17.13 35.31
N VAL E 270 11.20 -16.94 34.89
CA VAL E 270 10.11 -16.53 35.78
C VAL E 270 9.91 -17.65 36.82
N ILE E 271 9.80 -18.92 36.35
CA ILE E 271 9.64 -20.09 37.24
C ILE E 271 10.75 -20.08 38.31
N GLU E 272 12.04 -19.91 37.89
CA GLU E 272 13.20 -19.84 38.80
C GLU E 272 12.99 -18.76 39.85
N VAL E 273 12.71 -17.52 39.42
CA VAL E 273 12.48 -16.34 40.27
C VAL E 273 11.38 -16.62 41.30
N THR E 274 10.30 -17.28 40.83
CA THR E 274 9.15 -17.67 41.64
C THR E 274 9.55 -18.76 42.68
N VAL E 275 10.29 -19.81 42.21
CA VAL E 275 10.78 -20.93 43.01
C VAL E 275 11.69 -20.44 44.09
N GLN E 276 12.75 -19.67 43.74
CA GLN E 276 13.73 -19.08 44.66
C GLN E 276 12.99 -18.31 45.78
N HIS E 277 12.03 -17.45 45.39
CA HIS E 277 11.22 -16.67 46.31
C HIS E 277 10.37 -17.54 47.24
N TYR E 278 9.63 -18.53 46.69
CA TYR E 278 8.79 -19.39 47.52
C TYR E 278 9.58 -20.16 48.58
N LEU E 279 10.75 -20.71 48.22
CA LEU E 279 11.61 -21.43 49.17
C LEU E 279 12.13 -20.50 50.27
N LYS E 280 12.56 -19.29 49.88
CA LYS E 280 13.09 -18.25 50.76
C LYS E 280 12.03 -17.87 51.80
N VAL E 281 10.77 -17.65 51.35
CA VAL E 281 9.64 -17.31 52.21
C VAL E 281 9.21 -18.54 53.08
N GLU E 282 9.31 -19.77 52.54
CA GLU E 282 8.97 -20.99 53.27
C GLU E 282 10.16 -21.53 54.08
N SER E 283 11.05 -20.62 54.52
CA SER E 283 12.23 -20.85 55.35
C SER E 283 13.13 -22.02 54.89
N GLN E 284 13.54 -21.98 53.61
CA GLN E 284 14.47 -22.94 53.00
C GLN E 284 15.47 -22.11 52.15
N PRO E 285 16.35 -21.31 52.81
CA PRO E 285 17.25 -20.44 52.06
C PRO E 285 18.39 -21.14 51.34
N ALA E 286 18.77 -22.36 51.80
CA ALA E 286 19.84 -23.17 51.20
C ALA E 286 19.43 -23.63 49.81
N ARG E 287 18.17 -24.12 49.65
CA ARG E 287 17.57 -24.60 48.40
C ARG E 287 17.36 -23.42 47.48
N ALA E 288 16.85 -22.31 48.03
CA ALA E 288 16.62 -21.06 47.31
C ALA E 288 17.94 -20.56 46.77
N ALA E 289 19.02 -20.58 47.57
CA ALA E 289 20.34 -20.14 47.14
C ALA E 289 21.01 -21.09 46.15
N SER E 290 20.91 -22.42 46.38
CA SER E 290 21.51 -23.41 45.48
C SER E 290 20.89 -23.34 44.08
N ILE E 291 19.57 -23.16 43.98
CA ILE E 291 18.86 -23.05 42.70
C ILE E 291 19.34 -21.80 41.95
N THR E 292 19.41 -20.64 42.63
CA THR E 292 19.87 -19.37 42.03
C THR E 292 21.31 -19.48 41.53
N ARG E 293 22.22 -20.02 42.37
CA ARG E 293 23.65 -20.20 42.04
C ARG E 293 23.83 -21.11 40.81
N ALA E 294 23.04 -22.20 40.72
CA ALA E 294 23.09 -23.17 39.63
C ALA E 294 22.67 -22.52 38.32
N SER E 295 21.54 -21.80 38.35
CA SER E 295 20.93 -21.07 37.24
C SER E 295 21.90 -20.14 36.55
N ARG E 296 22.85 -19.55 37.33
CA ARG E 296 23.91 -18.64 36.86
C ARG E 296 24.78 -19.30 35.77
N ILE E 297 25.02 -20.62 35.90
CA ILE E 297 25.80 -21.45 34.96
C ILE E 297 24.83 -22.18 34.01
N ALA E 298 23.72 -22.73 34.56
CA ALA E 298 22.71 -23.49 33.84
C ALA E 298 22.14 -22.76 32.63
N PHE E 299 21.49 -21.60 32.85
CA PHE E 299 20.87 -20.77 31.81
C PHE E 299 21.81 -20.45 30.65
N PRO E 300 23.05 -19.90 30.84
CA PRO E 300 23.91 -19.65 29.68
C PRO E 300 24.43 -20.91 28.97
N VAL E 301 24.81 -21.95 29.76
CA VAL E 301 25.32 -23.21 29.21
C VAL E 301 24.25 -23.92 28.36
N VAL E 302 23.03 -24.11 28.92
CA VAL E 302 21.90 -24.71 28.19
C VAL E 302 21.62 -23.91 26.91
N PHE E 303 21.55 -22.56 27.00
CA PHE E 303 21.32 -21.69 25.84
C PHE E 303 22.38 -21.92 24.76
N LEU E 304 23.66 -21.95 25.17
CA LEU E 304 24.79 -22.17 24.27
C LEU E 304 24.68 -23.50 23.52
N LEU E 305 24.47 -24.62 24.26
CA LEU E 305 24.33 -25.96 23.68
C LEU E 305 23.10 -26.06 22.77
N ALA E 306 21.95 -25.56 23.22
CA ALA E 306 20.71 -25.57 22.45
C ALA E 306 20.91 -24.86 21.09
N ASN E 307 21.59 -23.70 21.08
CA ASN E 307 21.88 -22.94 19.87
C ASN E 307 22.82 -23.71 18.93
N ILE E 308 23.81 -24.44 19.53
CA ILE E 308 24.79 -25.29 18.82
C ILE E 308 24.05 -26.45 18.17
N ILE E 309 23.14 -27.13 18.92
CA ILE E 309 22.32 -28.25 18.42
C ILE E 309 21.46 -27.81 17.24
N LEU E 310 20.72 -26.69 17.42
CA LEU E 310 19.86 -26.11 16.39
C LEU E 310 20.66 -25.75 15.14
N ALA E 311 21.78 -25.01 15.33
CA ALA E 311 22.68 -24.59 14.24
C ALA E 311 23.12 -25.82 13.44
N PHE E 312 23.48 -26.89 14.16
CA PHE E 312 23.90 -28.16 13.57
C PHE E 312 22.78 -28.77 12.74
N LEU E 313 21.55 -28.84 13.31
CA LEU E 313 20.36 -29.39 12.65
C LEU E 313 19.95 -28.64 11.39
N PHE E 314 20.09 -27.30 11.37
CA PHE E 314 19.72 -26.48 10.22
C PHE E 314 20.83 -26.31 9.18
N PHE E 315 22.10 -26.39 9.63
CA PHE E 315 23.28 -26.22 8.77
C PHE E 315 24.27 -27.38 8.98
CL CL F . 11.68 3.29 -21.49
CL CL G . -1.67 16.37 -18.30
CL CL H . -18.00 7.93 -14.96
CL CL I . -14.54 -11.30 -16.47
CL CL J . 3.59 -14.22 -20.25
#